data_5XI4
# 
_entry.id   5XI4 
# 
_audit_conform.dict_name       mmcif_pdbx.dic 
_audit_conform.dict_version    5.387 
_audit_conform.dict_location   http://mmcif.pdb.org/dictionaries/ascii/mmcif_pdbx.dic 
# 
loop_
_database_2.database_id 
_database_2.database_code 
_database_2.pdbx_database_accession 
_database_2.pdbx_DOI 
PDB   5XI4         pdb_00005xi4 10.2210/pdb5xi4/pdb 
WWPDB D_1300003590 ?            ?                   
# 
loop_
_pdbx_audit_revision_history.ordinal 
_pdbx_audit_revision_history.data_content_type 
_pdbx_audit_revision_history.major_revision 
_pdbx_audit_revision_history.minor_revision 
_pdbx_audit_revision_history.revision_date 
1 'Structure model' 1 0 2018-05-02 
2 'Structure model' 1 1 2024-03-27 
# 
_pdbx_audit_revision_details.ordinal             1 
_pdbx_audit_revision_details.revision_ordinal    1 
_pdbx_audit_revision_details.data_content_type   'Structure model' 
_pdbx_audit_revision_details.provider            repository 
_pdbx_audit_revision_details.type                'Initial release' 
_pdbx_audit_revision_details.description         ? 
_pdbx_audit_revision_details.details             ? 
# 
loop_
_pdbx_audit_revision_group.ordinal 
_pdbx_audit_revision_group.revision_ordinal 
_pdbx_audit_revision_group.data_content_type 
_pdbx_audit_revision_group.group 
1 2 'Structure model' 'Data collection'     
2 2 'Structure model' 'Database references' 
# 
loop_
_pdbx_audit_revision_category.ordinal 
_pdbx_audit_revision_category.revision_ordinal 
_pdbx_audit_revision_category.data_content_type 
_pdbx_audit_revision_category.category 
1 2 'Structure model' chem_comp_atom 
2 2 'Structure model' chem_comp_bond 
3 2 'Structure model' database_2     
# 
loop_
_pdbx_audit_revision_item.ordinal 
_pdbx_audit_revision_item.revision_ordinal 
_pdbx_audit_revision_item.data_content_type 
_pdbx_audit_revision_item.item 
1 2 'Structure model' '_database_2.pdbx_DOI'                
2 2 'Structure model' '_database_2.pdbx_database_accession' 
# 
_pdbx_database_status.status_code                     REL 
_pdbx_database_status.status_code_sf                  REL 
_pdbx_database_status.status_code_mr                  ? 
_pdbx_database_status.entry_id                        5XI4 
_pdbx_database_status.recvd_initial_deposition_date   2017-04-25 
_pdbx_database_status.SG_entry                        N 
_pdbx_database_status.deposit_site                    PDBJ 
_pdbx_database_status.process_site                    PDBJ 
_pdbx_database_status.status_code_cs                  ? 
_pdbx_database_status.methods_development_category    ? 
_pdbx_database_status.pdb_format_compatible           Y 
_pdbx_database_status.status_code_nmr_data            ? 
# 
loop_
_audit_author.name 
_audit_author.pdbx_ordinal 
_audit_author.identifier_ORCID 
'Xiong, B.' 1 ? 
'Cao, D.'   2 ? 
'Li, Y.'    3 ? 
# 
_citation.abstract                  ? 
_citation.abstract_id_CAS           ? 
_citation.book_id_ISBN              ? 
_citation.book_publisher            ? 
_citation.book_publisher_city       ? 
_citation.book_title                ? 
_citation.coordinate_linkage        ? 
_citation.country                   ? 
_citation.database_id_Medline       ? 
_citation.details                   ? 
_citation.id                        primary 
_citation.journal_abbrev            'To Be Published' 
_citation.journal_id_ASTM           ? 
_citation.journal_id_CSD            0353 
_citation.journal_id_ISSN           ? 
_citation.journal_full              ? 
_citation.journal_issue             ? 
_citation.journal_volume            ? 
_citation.language                  ? 
_citation.page_first                ? 
_citation.page_last                 ? 
_citation.title                     'BRD4 bound with compound Bdi4' 
_citation.year                      ? 
_citation.database_id_CSD           ? 
_citation.pdbx_database_id_DOI      ? 
_citation.pdbx_database_id_PubMed   ? 
_citation.unpublished_flag          ? 
# 
loop_
_citation_author.citation_id 
_citation_author.name 
_citation_author.ordinal 
_citation_author.identifier_ORCID 
primary 'Xiong, B.' 1 ? 
primary 'Cao, D.'   2 ? 
primary 'Li, Y.'    3 ? 
# 
loop_
_entity.id 
_entity.type 
_entity.src_method 
_entity.pdbx_description 
_entity.formula_weight 
_entity.pdbx_number_of_molecules 
_entity.pdbx_ec 
_entity.pdbx_mutation 
_entity.pdbx_fragment 
_entity.details 
1 polymer     man 'Bromodomain-containing protein 4'                                                                     14754.074 
1   ? ? 'UNP residues 44-166' ? 
2 non-polymer syn '(3~{S})-4-cyclopropyl-1,3-dimethyl-6-[[(1~{S})-1-(4-methylphenyl)ethyl]amino]-3~{H}-quinoxalin-2-one' 349.469   
1   ? ? ?                     ? 
3 water       nat water                                                                                                  18.015    
109 ? ? ?                     ? 
# 
_entity_name_com.entity_id   1 
_entity_name_com.name        'Protein HUNK1' 
# 
_entity_poly.entity_id                      1 
_entity_poly.type                           'polypeptide(L)' 
_entity_poly.nstd_linkage                   no 
_entity_poly.nstd_monomer                   no 
_entity_poly.pdbx_seq_one_letter_code       
;MNPPPPETSNPNKPKRQTNQLQYLLRVVLKTLWKHQFAWPFQQPVDAVKLNLPDYYKIIKTPMDMGTIKKRLENNYYWNA
QECIQDFNTMFTNCYIYNKPGDDIVLMAEALEKLFLQKINELPT
;
_entity_poly.pdbx_seq_one_letter_code_can   
;MNPPPPETSNPNKPKRQTNQLQYLLRVVLKTLWKHQFAWPFQQPVDAVKLNLPDYYKIIKTPMDMGTIKKRLENNYYWNA
QECIQDFNTMFTNCYIYNKPGDDIVLMAEALEKLFLQKINELPT
;
_entity_poly.pdbx_strand_id                 A 
_entity_poly.pdbx_target_identifier         ? 
# 
loop_
_pdbx_entity_nonpoly.entity_id 
_pdbx_entity_nonpoly.name 
_pdbx_entity_nonpoly.comp_id 
2 '(3~{S})-4-cyclopropyl-1,3-dimethyl-6-[[(1~{S})-1-(4-methylphenyl)ethyl]amino]-3~{H}-quinoxalin-2-one' 8F0 
3 water                                                                                                  HOH 
# 
loop_
_entity_poly_seq.entity_id 
_entity_poly_seq.num 
_entity_poly_seq.mon_id 
_entity_poly_seq.hetero 
1 1   MET n 
1 2   ASN n 
1 3   PRO n 
1 4   PRO n 
1 5   PRO n 
1 6   PRO n 
1 7   GLU n 
1 8   THR n 
1 9   SER n 
1 10  ASN n 
1 11  PRO n 
1 12  ASN n 
1 13  LYS n 
1 14  PRO n 
1 15  LYS n 
1 16  ARG n 
1 17  GLN n 
1 18  THR n 
1 19  ASN n 
1 20  GLN n 
1 21  LEU n 
1 22  GLN n 
1 23  TYR n 
1 24  LEU n 
1 25  LEU n 
1 26  ARG n 
1 27  VAL n 
1 28  VAL n 
1 29  LEU n 
1 30  LYS n 
1 31  THR n 
1 32  LEU n 
1 33  TRP n 
1 34  LYS n 
1 35  HIS n 
1 36  GLN n 
1 37  PHE n 
1 38  ALA n 
1 39  TRP n 
1 40  PRO n 
1 41  PHE n 
1 42  GLN n 
1 43  GLN n 
1 44  PRO n 
1 45  VAL n 
1 46  ASP n 
1 47  ALA n 
1 48  VAL n 
1 49  LYS n 
1 50  LEU n 
1 51  ASN n 
1 52  LEU n 
1 53  PRO n 
1 54  ASP n 
1 55  TYR n 
1 56  TYR n 
1 57  LYS n 
1 58  ILE n 
1 59  ILE n 
1 60  LYS n 
1 61  THR n 
1 62  PRO n 
1 63  MET n 
1 64  ASP n 
1 65  MET n 
1 66  GLY n 
1 67  THR n 
1 68  ILE n 
1 69  LYS n 
1 70  LYS n 
1 71  ARG n 
1 72  LEU n 
1 73  GLU n 
1 74  ASN n 
1 75  ASN n 
1 76  TYR n 
1 77  TYR n 
1 78  TRP n 
1 79  ASN n 
1 80  ALA n 
1 81  GLN n 
1 82  GLU n 
1 83  CYS n 
1 84  ILE n 
1 85  GLN n 
1 86  ASP n 
1 87  PHE n 
1 88  ASN n 
1 89  THR n 
1 90  MET n 
1 91  PHE n 
1 92  THR n 
1 93  ASN n 
1 94  CYS n 
1 95  TYR n 
1 96  ILE n 
1 97  TYR n 
1 98  ASN n 
1 99  LYS n 
1 100 PRO n 
1 101 GLY n 
1 102 ASP n 
1 103 ASP n 
1 104 ILE n 
1 105 VAL n 
1 106 LEU n 
1 107 MET n 
1 108 ALA n 
1 109 GLU n 
1 110 ALA n 
1 111 LEU n 
1 112 GLU n 
1 113 LYS n 
1 114 LEU n 
1 115 PHE n 
1 116 LEU n 
1 117 GLN n 
1 118 LYS n 
1 119 ILE n 
1 120 ASN n 
1 121 GLU n 
1 122 LEU n 
1 123 PRO n 
1 124 THR n 
# 
_entity_src_gen.entity_id                          1 
_entity_src_gen.pdbx_src_id                        1 
_entity_src_gen.pdbx_alt_source_flag               sample 
_entity_src_gen.pdbx_seq_type                      'Biological sequence' 
_entity_src_gen.pdbx_beg_seq_num                   1 
_entity_src_gen.pdbx_end_seq_num                   124 
_entity_src_gen.gene_src_common_name               Human 
_entity_src_gen.gene_src_genus                     ? 
_entity_src_gen.pdbx_gene_src_gene                 'BRD4, HUNK1' 
_entity_src_gen.gene_src_species                   ? 
_entity_src_gen.gene_src_strain                    ? 
_entity_src_gen.gene_src_tissue                    ? 
_entity_src_gen.gene_src_tissue_fraction           ? 
_entity_src_gen.gene_src_details                   ? 
_entity_src_gen.pdbx_gene_src_fragment             ? 
_entity_src_gen.pdbx_gene_src_scientific_name      'Homo sapiens' 
_entity_src_gen.pdbx_gene_src_ncbi_taxonomy_id     9606 
_entity_src_gen.pdbx_gene_src_variant              ? 
_entity_src_gen.pdbx_gene_src_cell_line            ? 
_entity_src_gen.pdbx_gene_src_atcc                 ? 
_entity_src_gen.pdbx_gene_src_organ                ? 
_entity_src_gen.pdbx_gene_src_organelle            ? 
_entity_src_gen.pdbx_gene_src_cell                 ? 
_entity_src_gen.pdbx_gene_src_cellular_location    ? 
_entity_src_gen.host_org_common_name               ? 
_entity_src_gen.pdbx_host_org_scientific_name      'Escherichia coli BL21(DE3)' 
_entity_src_gen.pdbx_host_org_ncbi_taxonomy_id     469008 
_entity_src_gen.host_org_genus                     ? 
_entity_src_gen.pdbx_host_org_gene                 ? 
_entity_src_gen.pdbx_host_org_organ                ? 
_entity_src_gen.host_org_species                   ? 
_entity_src_gen.pdbx_host_org_tissue               ? 
_entity_src_gen.pdbx_host_org_tissue_fraction      ? 
_entity_src_gen.pdbx_host_org_strain               'BL21(DE3)' 
_entity_src_gen.pdbx_host_org_variant              ? 
_entity_src_gen.pdbx_host_org_cell_line            ? 
_entity_src_gen.pdbx_host_org_atcc                 ? 
_entity_src_gen.pdbx_host_org_culture_collection   ? 
_entity_src_gen.pdbx_host_org_cell                 ? 
_entity_src_gen.pdbx_host_org_organelle            ? 
_entity_src_gen.pdbx_host_org_cellular_location    ? 
_entity_src_gen.pdbx_host_org_vector_type          ? 
_entity_src_gen.pdbx_host_org_vector               ? 
_entity_src_gen.host_org_details                   ? 
_entity_src_gen.expression_system_id               ? 
_entity_src_gen.plasmid_name                       ? 
_entity_src_gen.plasmid_details                    ? 
_entity_src_gen.pdbx_description                   ? 
# 
loop_
_chem_comp.id 
_chem_comp.type 
_chem_comp.mon_nstd_flag 
_chem_comp.name 
_chem_comp.pdbx_synonyms 
_chem_comp.formula 
_chem_comp.formula_weight 
8F0 non-polymer         . '(3~{S})-4-cyclopropyl-1,3-dimethyl-6-[[(1~{S})-1-(4-methylphenyl)ethyl]amino]-3~{H}-quinoxalin-2-one' ? 
'C22 H27 N3 O'   349.469 
ALA 'L-peptide linking' y ALANINE                                                                                                ? 
'C3 H7 N O2'     89.093  
ARG 'L-peptide linking' y ARGININE                                                                                               ? 
'C6 H15 N4 O2 1' 175.209 
ASN 'L-peptide linking' y ASPARAGINE                                                                                             ? 
'C4 H8 N2 O3'    132.118 
ASP 'L-peptide linking' y 'ASPARTIC ACID'                                                                                        ? 
'C4 H7 N O4'     133.103 
CYS 'L-peptide linking' y CYSTEINE                                                                                               ? 
'C3 H7 N O2 S'   121.158 
GLN 'L-peptide linking' y GLUTAMINE                                                                                              ? 
'C5 H10 N2 O3'   146.144 
GLU 'L-peptide linking' y 'GLUTAMIC ACID'                                                                                        ? 
'C5 H9 N O4'     147.129 
GLY 'peptide linking'   y GLYCINE                                                                                                ? 
'C2 H5 N O2'     75.067  
HIS 'L-peptide linking' y HISTIDINE                                                                                              ? 
'C6 H10 N3 O2 1' 156.162 
HOH non-polymer         . WATER                                                                                                  ? 
'H2 O'           18.015  
ILE 'L-peptide linking' y ISOLEUCINE                                                                                             ? 
'C6 H13 N O2'    131.173 
LEU 'L-peptide linking' y LEUCINE                                                                                                ? 
'C6 H13 N O2'    131.173 
LYS 'L-peptide linking' y LYSINE                                                                                                 ? 
'C6 H15 N2 O2 1' 147.195 
MET 'L-peptide linking' y METHIONINE                                                                                             ? 
'C5 H11 N O2 S'  149.211 
PHE 'L-peptide linking' y PHENYLALANINE                                                                                          ? 
'C9 H11 N O2'    165.189 
PRO 'L-peptide linking' y PROLINE                                                                                                ? 
'C5 H9 N O2'     115.130 
SER 'L-peptide linking' y SERINE                                                                                                 ? 
'C3 H7 N O3'     105.093 
THR 'L-peptide linking' y THREONINE                                                                                              ? 
'C4 H9 N O3'     119.119 
TRP 'L-peptide linking' y TRYPTOPHAN                                                                                             ? 
'C11 H12 N2 O2'  204.225 
TYR 'L-peptide linking' y TYROSINE                                                                                               ? 
'C9 H11 N O3'    181.189 
VAL 'L-peptide linking' y VALINE                                                                                                 ? 
'C5 H11 N O2'    117.146 
# 
loop_
_pdbx_poly_seq_scheme.asym_id 
_pdbx_poly_seq_scheme.entity_id 
_pdbx_poly_seq_scheme.seq_id 
_pdbx_poly_seq_scheme.mon_id 
_pdbx_poly_seq_scheme.ndb_seq_num 
_pdbx_poly_seq_scheme.pdb_seq_num 
_pdbx_poly_seq_scheme.auth_seq_num 
_pdbx_poly_seq_scheme.pdb_mon_id 
_pdbx_poly_seq_scheme.auth_mon_id 
_pdbx_poly_seq_scheme.pdb_strand_id 
_pdbx_poly_seq_scheme.pdb_ins_code 
_pdbx_poly_seq_scheme.hetero 
A 1 1   MET 1   43  43  MET MET A . n 
A 1 2   ASN 2   44  44  ASN ASN A . n 
A 1 3   PRO 3   45  45  PRO PRO A . n 
A 1 4   PRO 4   46  46  PRO PRO A . n 
A 1 5   PRO 5   47  47  PRO PRO A . n 
A 1 6   PRO 6   48  48  PRO PRO A . n 
A 1 7   GLU 7   49  49  GLU GLU A . n 
A 1 8   THR 8   50  50  THR THR A . n 
A 1 9   SER 9   51  51  SER SER A . n 
A 1 10  ASN 10  52  52  ASN ASN A . n 
A 1 11  PRO 11  53  53  PRO PRO A . n 
A 1 12  ASN 12  54  54  ASN ASN A . n 
A 1 13  LYS 13  55  55  LYS LYS A . n 
A 1 14  PRO 14  56  56  PRO PRO A . n 
A 1 15  LYS 15  57  57  LYS LYS A . n 
A 1 16  ARG 16  58  58  ARG ARG A . n 
A 1 17  GLN 17  59  59  GLN GLN A . n 
A 1 18  THR 18  60  60  THR THR A . n 
A 1 19  ASN 19  61  61  ASN ASN A . n 
A 1 20  GLN 20  62  62  GLN GLN A . n 
A 1 21  LEU 21  63  63  LEU LEU A . n 
A 1 22  GLN 22  64  64  GLN GLN A . n 
A 1 23  TYR 23  65  65  TYR TYR A . n 
A 1 24  LEU 24  66  66  LEU LEU A . n 
A 1 25  LEU 25  67  67  LEU LEU A . n 
A 1 26  ARG 26  68  68  ARG ARG A . n 
A 1 27  VAL 27  69  69  VAL VAL A . n 
A 1 28  VAL 28  70  70  VAL VAL A . n 
A 1 29  LEU 29  71  71  LEU LEU A . n 
A 1 30  LYS 30  72  72  LYS LYS A . n 
A 1 31  THR 31  73  73  THR THR A . n 
A 1 32  LEU 32  74  74  LEU LEU A . n 
A 1 33  TRP 33  75  75  TRP TRP A . n 
A 1 34  LYS 34  76  76  LYS LYS A . n 
A 1 35  HIS 35  77  77  HIS HIS A . n 
A 1 36  GLN 36  78  78  GLN GLN A . n 
A 1 37  PHE 37  79  79  PHE PHE A . n 
A 1 38  ALA 38  80  80  ALA ALA A . n 
A 1 39  TRP 39  81  81  TRP TRP A . n 
A 1 40  PRO 40  82  82  PRO PRO A . n 
A 1 41  PHE 41  83  83  PHE PHE A . n 
A 1 42  GLN 42  84  84  GLN GLN A . n 
A 1 43  GLN 43  85  85  GLN GLN A . n 
A 1 44  PRO 44  86  86  PRO PRO A . n 
A 1 45  VAL 45  87  87  VAL VAL A . n 
A 1 46  ASP 46  88  88  ASP ASP A . n 
A 1 47  ALA 47  89  89  ALA ALA A . n 
A 1 48  VAL 48  90  90  VAL VAL A . n 
A 1 49  LYS 49  91  91  LYS LYS A . n 
A 1 50  LEU 50  92  92  LEU LEU A . n 
A 1 51  ASN 51  93  93  ASN ASN A . n 
A 1 52  LEU 52  94  94  LEU LEU A . n 
A 1 53  PRO 53  95  95  PRO PRO A . n 
A 1 54  ASP 54  96  96  ASP ASP A . n 
A 1 55  TYR 55  97  97  TYR TYR A . n 
A 1 56  TYR 56  98  98  TYR TYR A . n 
A 1 57  LYS 57  99  99  LYS LYS A . n 
A 1 58  ILE 58  100 100 ILE ILE A . n 
A 1 59  ILE 59  101 101 ILE ILE A . n 
A 1 60  LYS 60  102 102 LYS LYS A . n 
A 1 61  THR 61  103 103 THR THR A . n 
A 1 62  PRO 62  104 104 PRO PRO A . n 
A 1 63  MET 63  105 105 MET MET A . n 
A 1 64  ASP 64  106 106 ASP ASP A . n 
A 1 65  MET 65  107 107 MET MET A . n 
A 1 66  GLY 66  108 108 GLY GLY A . n 
A 1 67  THR 67  109 109 THR THR A . n 
A 1 68  ILE 68  110 110 ILE ILE A . n 
A 1 69  LYS 69  111 111 LYS LYS A . n 
A 1 70  LYS 70  112 112 LYS LYS A . n 
A 1 71  ARG 71  113 113 ARG ARG A . n 
A 1 72  LEU 72  114 114 LEU LEU A . n 
A 1 73  GLU 73  115 115 GLU GLU A . n 
A 1 74  ASN 74  116 116 ASN ASN A . n 
A 1 75  ASN 75  117 117 ASN ASN A . n 
A 1 76  TYR 76  118 118 TYR TYR A . n 
A 1 77  TYR 77  119 119 TYR TYR A . n 
A 1 78  TRP 78  120 120 TRP TRP A . n 
A 1 79  ASN 79  121 121 ASN ASN A . n 
A 1 80  ALA 80  122 122 ALA ALA A . n 
A 1 81  GLN 81  123 123 GLN GLN A . n 
A 1 82  GLU 82  124 124 GLU GLU A . n 
A 1 83  CYS 83  125 125 CYS CYS A . n 
A 1 84  ILE 84  126 126 ILE ILE A . n 
A 1 85  GLN 85  127 127 GLN GLN A . n 
A 1 86  ASP 86  128 128 ASP ASP A . n 
A 1 87  PHE 87  129 129 PHE PHE A . n 
A 1 88  ASN 88  130 130 ASN ASN A . n 
A 1 89  THR 89  131 131 THR THR A . n 
A 1 90  MET 90  132 132 MET MET A . n 
A 1 91  PHE 91  133 133 PHE PHE A . n 
A 1 92  THR 92  134 134 THR THR A . n 
A 1 93  ASN 93  135 135 ASN ASN A . n 
A 1 94  CYS 94  136 136 CYS CYS A . n 
A 1 95  TYR 95  137 137 TYR TYR A . n 
A 1 96  ILE 96  138 138 ILE ILE A . n 
A 1 97  TYR 97  139 139 TYR TYR A . n 
A 1 98  ASN 98  140 140 ASN ASN A . n 
A 1 99  LYS 99  141 141 LYS LYS A . n 
A 1 100 PRO 100 142 142 PRO PRO A . n 
A 1 101 GLY 101 143 143 GLY GLY A . n 
A 1 102 ASP 102 144 144 ASP ASP A . n 
A 1 103 ASP 103 145 145 ASP ASP A . n 
A 1 104 ILE 104 146 146 ILE ILE A . n 
A 1 105 VAL 105 147 147 VAL VAL A . n 
A 1 106 LEU 106 148 148 LEU LEU A . n 
A 1 107 MET 107 149 149 MET MET A . n 
A 1 108 ALA 108 150 150 ALA ALA A . n 
A 1 109 GLU 109 151 151 GLU GLU A . n 
A 1 110 ALA 110 152 152 ALA ALA A . n 
A 1 111 LEU 111 153 153 LEU LEU A . n 
A 1 112 GLU 112 154 154 GLU GLU A . n 
A 1 113 LYS 113 155 155 LYS LYS A . n 
A 1 114 LEU 114 156 156 LEU LEU A . n 
A 1 115 PHE 115 157 157 PHE PHE A . n 
A 1 116 LEU 116 158 158 LEU LEU A . n 
A 1 117 GLN 117 159 159 GLN GLN A . n 
A 1 118 LYS 118 160 160 LYS LYS A . n 
A 1 119 ILE 119 161 161 ILE ILE A . n 
A 1 120 ASN 120 162 162 ASN ASN A . n 
A 1 121 GLU 121 163 163 GLU GLU A . n 
A 1 122 LEU 122 164 164 LEU LEU A . n 
A 1 123 PRO 123 165 165 PRO PRO A . n 
A 1 124 THR 124 166 166 THR THR A . n 
# 
loop_
_pdbx_nonpoly_scheme.asym_id 
_pdbx_nonpoly_scheme.entity_id 
_pdbx_nonpoly_scheme.mon_id 
_pdbx_nonpoly_scheme.ndb_seq_num 
_pdbx_nonpoly_scheme.pdb_seq_num 
_pdbx_nonpoly_scheme.auth_seq_num 
_pdbx_nonpoly_scheme.pdb_mon_id 
_pdbx_nonpoly_scheme.auth_mon_id 
_pdbx_nonpoly_scheme.pdb_strand_id 
_pdbx_nonpoly_scheme.pdb_ins_code 
B 2 8F0 1   201 1   8F0 LIG A . 
C 3 HOH 1   301 90  HOH HOH A . 
C 3 HOH 2   302 76  HOH HOH A . 
C 3 HOH 3   303 58  HOH HOH A . 
C 3 HOH 4   304 9   HOH HOH A . 
C 3 HOH 5   305 1   HOH HOH A . 
C 3 HOH 6   306 5   HOH HOH A . 
C 3 HOH 7   307 108 HOH HOH A . 
C 3 HOH 8   308 61  HOH HOH A . 
C 3 HOH 9   309 78  HOH HOH A . 
C 3 HOH 10  310 88  HOH HOH A . 
C 3 HOH 11  311 27  HOH HOH A . 
C 3 HOH 12  312 57  HOH HOH A . 
C 3 HOH 13  313 100 HOH HOH A . 
C 3 HOH 14  314 12  HOH HOH A . 
C 3 HOH 15  315 86  HOH HOH A . 
C 3 HOH 16  316 36  HOH HOH A . 
C 3 HOH 17  317 102 HOH HOH A . 
C 3 HOH 18  318 104 HOH HOH A . 
C 3 HOH 19  319 107 HOH HOH A . 
C 3 HOH 20  320 14  HOH HOH A . 
C 3 HOH 21  321 15  HOH HOH A . 
C 3 HOH 22  322 67  HOH HOH A . 
C 3 HOH 23  323 85  HOH HOH A . 
C 3 HOH 24  324 4   HOH HOH A . 
C 3 HOH 25  325 29  HOH HOH A . 
C 3 HOH 26  326 52  HOH HOH A . 
C 3 HOH 27  327 17  HOH HOH A . 
C 3 HOH 28  328 64  HOH HOH A . 
C 3 HOH 29  329 39  HOH HOH A . 
C 3 HOH 30  330 62  HOH HOH A . 
C 3 HOH 31  331 56  HOH HOH A . 
C 3 HOH 32  332 25  HOH HOH A . 
C 3 HOH 33  333 32  HOH HOH A . 
C 3 HOH 34  334 20  HOH HOH A . 
C 3 HOH 35  335 96  HOH HOH A . 
C 3 HOH 36  336 46  HOH HOH A . 
C 3 HOH 37  337 37  HOH HOH A . 
C 3 HOH 38  338 2   HOH HOH A . 
C 3 HOH 39  339 16  HOH HOH A . 
C 3 HOH 40  340 7   HOH HOH A . 
C 3 HOH 41  341 73  HOH HOH A . 
C 3 HOH 42  342 40  HOH HOH A . 
C 3 HOH 43  343 3   HOH HOH A . 
C 3 HOH 44  344 42  HOH HOH A . 
C 3 HOH 45  345 35  HOH HOH A . 
C 3 HOH 46  346 59  HOH HOH A . 
C 3 HOH 47  347 45  HOH HOH A . 
C 3 HOH 48  348 26  HOH HOH A . 
C 3 HOH 49  349 22  HOH HOH A . 
C 3 HOH 50  350 18  HOH HOH A . 
C 3 HOH 51  351 51  HOH HOH A . 
C 3 HOH 52  352 44  HOH HOH A . 
C 3 HOH 53  353 99  HOH HOH A . 
C 3 HOH 54  354 41  HOH HOH A . 
C 3 HOH 55  355 19  HOH HOH A . 
C 3 HOH 56  356 21  HOH HOH A . 
C 3 HOH 57  357 54  HOH HOH A . 
C 3 HOH 58  358 72  HOH HOH A . 
C 3 HOH 59  359 47  HOH HOH A . 
C 3 HOH 60  360 24  HOH HOH A . 
C 3 HOH 61  361 23  HOH HOH A . 
C 3 HOH 62  362 69  HOH HOH A . 
C 3 HOH 63  363 75  HOH HOH A . 
C 3 HOH 64  364 6   HOH HOH A . 
C 3 HOH 65  365 30  HOH HOH A . 
C 3 HOH 66  366 43  HOH HOH A . 
C 3 HOH 67  367 13  HOH HOH A . 
C 3 HOH 68  368 53  HOH HOH A . 
C 3 HOH 69  369 63  HOH HOH A . 
C 3 HOH 70  370 95  HOH HOH A . 
C 3 HOH 71  371 98  HOH HOH A . 
C 3 HOH 72  372 65  HOH HOH A . 
C 3 HOH 73  373 68  HOH HOH A . 
C 3 HOH 74  374 31  HOH HOH A . 
C 3 HOH 75  375 8   HOH HOH A . 
C 3 HOH 76  376 38  HOH HOH A . 
C 3 HOH 77  377 50  HOH HOH A . 
C 3 HOH 78  378 60  HOH HOH A . 
C 3 HOH 79  379 34  HOH HOH A . 
C 3 HOH 80  380 105 HOH HOH A . 
C 3 HOH 81  381 49  HOH HOH A . 
C 3 HOH 82  382 11  HOH HOH A . 
C 3 HOH 83  383 28  HOH HOH A . 
C 3 HOH 84  384 109 HOH HOH A . 
C 3 HOH 85  385 94  HOH HOH A . 
C 3 HOH 86  386 10  HOH HOH A . 
C 3 HOH 87  387 48  HOH HOH A . 
C 3 HOH 88  388 106 HOH HOH A . 
C 3 HOH 89  389 80  HOH HOH A . 
C 3 HOH 90  390 77  HOH HOH A . 
C 3 HOH 91  391 33  HOH HOH A . 
C 3 HOH 92  392 83  HOH HOH A . 
C 3 HOH 93  393 55  HOH HOH A . 
C 3 HOH 94  394 79  HOH HOH A . 
C 3 HOH 95  395 93  HOH HOH A . 
C 3 HOH 96  396 97  HOH HOH A . 
C 3 HOH 97  397 101 HOH HOH A . 
C 3 HOH 98  398 84  HOH HOH A . 
C 3 HOH 99  399 81  HOH HOH A . 
C 3 HOH 100 400 92  HOH HOH A . 
C 3 HOH 101 401 74  HOH HOH A . 
C 3 HOH 102 402 89  HOH HOH A . 
C 3 HOH 103 403 71  HOH HOH A . 
C 3 HOH 104 404 87  HOH HOH A . 
C 3 HOH 105 405 103 HOH HOH A . 
C 3 HOH 106 406 91  HOH HOH A . 
C 3 HOH 107 407 66  HOH HOH A . 
C 3 HOH 108 408 70  HOH HOH A . 
C 3 HOH 109 409 82  HOH HOH A . 
# 
loop_
_software.citation_id 
_software.classification 
_software.compiler_name 
_software.compiler_version 
_software.contact_author 
_software.contact_author_email 
_software.date 
_software.description 
_software.dependencies 
_software.hardware 
_software.language 
_software.location 
_software.mods 
_software.name 
_software.os 
_software.os_version 
_software.type 
_software.version 
_software.pdbx_ordinal 
? refinement       ? ? ? ? ? ? ? ? ? ? ? PHENIX ? ? ? '(1.11_2567: ???)' 1 
? 'data reduction' ? ? ? ? ? ? ? ? ? ? ? XDS    ? ? ? .                  2 
? 'data scaling'   ? ? ? ? ? ? ? ? ? ? ? XDS    ? ? ? .                  3 
# 
_cell.angle_alpha                  90.00 
_cell.angle_alpha_esd              ? 
_cell.angle_beta                   90.00 
_cell.angle_beta_esd               ? 
_cell.angle_gamma                  90.00 
_cell.angle_gamma_esd              ? 
_cell.entry_id                     5XI4 
_cell.details                      ? 
_cell.formula_units_Z              ? 
_cell.length_a                     35.124 
_cell.length_a_esd                 ? 
_cell.length_b                     47.421 
_cell.length_b_esd                 ? 
_cell.length_c                     77.817 
_cell.length_c_esd                 ? 
_cell.volume                       ? 
_cell.volume_esd                   ? 
_cell.Z_PDB                        4 
_cell.reciprocal_angle_alpha       ? 
_cell.reciprocal_angle_beta        ? 
_cell.reciprocal_angle_gamma       ? 
_cell.reciprocal_angle_alpha_esd   ? 
_cell.reciprocal_angle_beta_esd    ? 
_cell.reciprocal_angle_gamma_esd   ? 
_cell.reciprocal_length_a          ? 
_cell.reciprocal_length_b          ? 
_cell.reciprocal_length_c          ? 
_cell.reciprocal_length_a_esd      ? 
_cell.reciprocal_length_b_esd      ? 
_cell.reciprocal_length_c_esd      ? 
_cell.pdbx_unique_axis             ? 
# 
_symmetry.entry_id                         5XI4 
_symmetry.cell_setting                     ? 
_symmetry.Int_Tables_number                19 
_symmetry.space_group_name_Hall            ? 
_symmetry.space_group_name_H-M             'P 21 21 21' 
_symmetry.pdbx_full_space_group_name_H-M   ? 
# 
_exptl.absorpt_coefficient_mu     ? 
_exptl.absorpt_correction_T_max   ? 
_exptl.absorpt_correction_T_min   ? 
_exptl.absorpt_correction_type    ? 
_exptl.absorpt_process_details    ? 
_exptl.entry_id                   5XI4 
_exptl.crystals_number            1 
_exptl.details                    ? 
_exptl.method                     'X-RAY DIFFRACTION' 
_exptl.method_details             ? 
# 
_exptl_crystal.colour                      ? 
_exptl_crystal.density_diffrn              ? 
_exptl_crystal.density_Matthews            2.20 
_exptl_crystal.density_method              ? 
_exptl_crystal.density_percent_sol         43.99 
_exptl_crystal.description                 ? 
_exptl_crystal.F_000                       ? 
_exptl_crystal.id                          1 
_exptl_crystal.preparation                 ? 
_exptl_crystal.size_max                    ? 
_exptl_crystal.size_mid                    ? 
_exptl_crystal.size_min                    ? 
_exptl_crystal.size_rad                    ? 
_exptl_crystal.colour_lustre               ? 
_exptl_crystal.colour_modifier             ? 
_exptl_crystal.colour_primary              ? 
_exptl_crystal.density_meas                ? 
_exptl_crystal.density_meas_esd            ? 
_exptl_crystal.density_meas_gt             ? 
_exptl_crystal.density_meas_lt             ? 
_exptl_crystal.density_meas_temp           ? 
_exptl_crystal.density_meas_temp_esd       ? 
_exptl_crystal.density_meas_temp_gt        ? 
_exptl_crystal.density_meas_temp_lt        ? 
_exptl_crystal.pdbx_crystal_image_url      ? 
_exptl_crystal.pdbx_crystal_image_format   ? 
_exptl_crystal.pdbx_mosaicity              ? 
_exptl_crystal.pdbx_mosaicity_esd          ? 
# 
_exptl_crystal_grow.apparatus       ? 
_exptl_crystal_grow.atmosphere      ? 
_exptl_crystal_grow.crystal_id      1 
_exptl_crystal_grow.details         ? 
_exptl_crystal_grow.method          'VAPOR DIFFUSION, HANGING DROP' 
_exptl_crystal_grow.method_ref      ? 
_exptl_crystal_grow.pH              ? 
_exptl_crystal_grow.pressure        ? 
_exptl_crystal_grow.pressure_esd    ? 
_exptl_crystal_grow.seeding         ? 
_exptl_crystal_grow.seeding_ref     ? 
_exptl_crystal_grow.temp            293 
_exptl_crystal_grow.temp_details    ? 
_exptl_crystal_grow.temp_esd        ? 
_exptl_crystal_grow.time            ? 
_exptl_crystal_grow.pdbx_details    '2.3 M NAFORMATE, 10% GLYCEROL' 
_exptl_crystal_grow.pdbx_pH_range   ? 
# 
_diffrn.ambient_environment    ? 
_diffrn.ambient_temp           100 
_diffrn.ambient_temp_details   ? 
_diffrn.ambient_temp_esd       ? 
_diffrn.crystal_id             1 
_diffrn.crystal_support        ? 
_diffrn.crystal_treatment      ? 
_diffrn.details                ? 
_diffrn.id                     1 
_diffrn.ambient_pressure       ? 
_diffrn.ambient_pressure_esd   ? 
_diffrn.ambient_pressure_gt    ? 
_diffrn.ambient_pressure_lt    ? 
_diffrn.ambient_temp_gt        ? 
_diffrn.ambient_temp_lt        ? 
# 
_diffrn_detector.details                      ? 
_diffrn_detector.detector                     CCD 
_diffrn_detector.diffrn_id                    1 
_diffrn_detector.type                         'ADSC QUANTUM 315r' 
_diffrn_detector.area_resol_mean              ? 
_diffrn_detector.dtime                        ? 
_diffrn_detector.pdbx_frames_total            ? 
_diffrn_detector.pdbx_collection_time_total   ? 
_diffrn_detector.pdbx_collection_date         2016-12-02 
# 
_diffrn_radiation.collimation                      ? 
_diffrn_radiation.diffrn_id                        1 
_diffrn_radiation.filter_edge                      ? 
_diffrn_radiation.inhomogeneity                    ? 
_diffrn_radiation.monochromator                    ? 
_diffrn_radiation.polarisn_norm                    ? 
_diffrn_radiation.polarisn_ratio                   ? 
_diffrn_radiation.probe                            ? 
_diffrn_radiation.type                             ? 
_diffrn_radiation.xray_symbol                      ? 
_diffrn_radiation.wavelength_id                    1 
_diffrn_radiation.pdbx_monochromatic_or_laue_m_l   M 
_diffrn_radiation.pdbx_wavelength_list             ? 
_diffrn_radiation.pdbx_wavelength                  ? 
_diffrn_radiation.pdbx_diffrn_protocol             'SINGLE WAVELENGTH' 
_diffrn_radiation.pdbx_analyzer                    ? 
_diffrn_radiation.pdbx_scattering_type             x-ray 
# 
_diffrn_radiation_wavelength.id           1 
_diffrn_radiation_wavelength.wavelength   0.9792 
_diffrn_radiation_wavelength.wt           1.0 
# 
_diffrn_source.current                     ? 
_diffrn_source.details                     ? 
_diffrn_source.diffrn_id                   1 
_diffrn_source.power                       ? 
_diffrn_source.size                        ? 
_diffrn_source.source                      SYNCHROTRON 
_diffrn_source.target                      ? 
_diffrn_source.type                        'SSRF BEAMLINE BL17U1' 
_diffrn_source.voltage                     ? 
_diffrn_source.take-off_angle              ? 
_diffrn_source.pdbx_wavelength_list        0.9792 
_diffrn_source.pdbx_wavelength             ? 
_diffrn_source.pdbx_synchrotron_beamline   BL17U1 
_diffrn_source.pdbx_synchrotron_site       SSRF 
# 
_reflns.B_iso_Wilson_estimate            ? 
_reflns.entry_id                         5XI4 
_reflns.data_reduction_details           ? 
_reflns.data_reduction_method            ? 
_reflns.d_resolution_high                1.486 
_reflns.d_resolution_low                 32.01 
_reflns.details                          ? 
_reflns.limit_h_max                      ? 
_reflns.limit_h_min                      ? 
_reflns.limit_k_max                      ? 
_reflns.limit_k_min                      ? 
_reflns.limit_l_max                      ? 
_reflns.limit_l_min                      ? 
_reflns.number_all                       ? 
_reflns.number_obs                       20854 
_reflns.observed_criterion               ? 
_reflns.observed_criterion_F_max         ? 
_reflns.observed_criterion_F_min         ? 
_reflns.observed_criterion_I_max         ? 
_reflns.observed_criterion_I_min         ? 
_reflns.observed_criterion_sigma_F       ? 
_reflns.observed_criterion_sigma_I       ? 
_reflns.percent_possible_obs             94.4 
_reflns.R_free_details                   ? 
_reflns.Rmerge_F_all                     ? 
_reflns.Rmerge_F_obs                     ? 
_reflns.Friedel_coverage                 ? 
_reflns.number_gt                        ? 
_reflns.threshold_expression             ? 
_reflns.pdbx_redundancy                  2 
_reflns.pdbx_Rmerge_I_obs                ? 
_reflns.pdbx_Rmerge_I_all                ? 
_reflns.pdbx_Rsym_value                  ? 
_reflns.pdbx_netI_over_av_sigmaI         ? 
_reflns.pdbx_netI_over_sigmaI            15.97 
_reflns.pdbx_res_netI_over_av_sigmaI_2   ? 
_reflns.pdbx_res_netI_over_sigmaI_2      ? 
_reflns.pdbx_chi_squared                 ? 
_reflns.pdbx_scaling_rejects             ? 
_reflns.pdbx_d_res_high_opt              ? 
_reflns.pdbx_d_res_low_opt               ? 
_reflns.pdbx_d_res_opt_method            ? 
_reflns.phase_calculation_details        ? 
_reflns.pdbx_Rrim_I_all                  ? 
_reflns.pdbx_Rpim_I_all                  ? 
_reflns.pdbx_d_opt                       ? 
_reflns.pdbx_number_measured_all         ? 
_reflns.pdbx_diffrn_id                   1 
_reflns.pdbx_ordinal                     1 
_reflns.pdbx_CC_half                     ? 
_reflns.pdbx_R_split                     ? 
# 
_reflns_shell.d_res_high                  . 
_reflns_shell.d_res_low                   ? 
_reflns_shell.meanI_over_sigI_all         ? 
_reflns_shell.meanI_over_sigI_obs         ? 
_reflns_shell.number_measured_all         ? 
_reflns_shell.number_measured_obs         ? 
_reflns_shell.number_possible             ? 
_reflns_shell.number_unique_all           ? 
_reflns_shell.number_unique_obs           ? 
_reflns_shell.percent_possible_all        ? 
_reflns_shell.percent_possible_obs        ? 
_reflns_shell.Rmerge_F_all                ? 
_reflns_shell.Rmerge_F_obs                ? 
_reflns_shell.Rmerge_I_all                ? 
_reflns_shell.Rmerge_I_obs                ? 
_reflns_shell.meanI_over_sigI_gt          ? 
_reflns_shell.meanI_over_uI_all           ? 
_reflns_shell.meanI_over_uI_gt            ? 
_reflns_shell.number_measured_gt          ? 
_reflns_shell.number_unique_gt            ? 
_reflns_shell.percent_possible_gt         ? 
_reflns_shell.Rmerge_F_gt                 ? 
_reflns_shell.Rmerge_I_gt                 ? 
_reflns_shell.pdbx_redundancy             ? 
_reflns_shell.pdbx_Rsym_value             ? 
_reflns_shell.pdbx_chi_squared            ? 
_reflns_shell.pdbx_netI_over_sigmaI_all   ? 
_reflns_shell.pdbx_netI_over_sigmaI_obs   ? 
_reflns_shell.pdbx_Rrim_I_all             ? 
_reflns_shell.pdbx_Rpim_I_all             ? 
_reflns_shell.pdbx_rejects                ? 
_reflns_shell.pdbx_ordinal                1 
_reflns_shell.pdbx_diffrn_id              1 
_reflns_shell.pdbx_CC_half                ? 
_reflns_shell.pdbx_R_split                ? 
# 
_refine.aniso_B[1][1]                            ? 
_refine.aniso_B[1][2]                            ? 
_refine.aniso_B[1][3]                            ? 
_refine.aniso_B[2][2]                            ? 
_refine.aniso_B[2][3]                            ? 
_refine.aniso_B[3][3]                            ? 
_refine.B_iso_max                                ? 
_refine.B_iso_mean                               ? 
_refine.B_iso_min                                ? 
_refine.correlation_coeff_Fo_to_Fc               ? 
_refine.correlation_coeff_Fo_to_Fc_free          ? 
_refine.details                                  ? 
_refine.diff_density_max                         ? 
_refine.diff_density_max_esd                     ? 
_refine.diff_density_min                         ? 
_refine.diff_density_min_esd                     ? 
_refine.diff_density_rms                         ? 
_refine.diff_density_rms_esd                     ? 
_refine.entry_id                                 5XI4 
_refine.pdbx_refine_id                           'X-RAY DIFFRACTION' 
_refine.ls_abs_structure_details                 ? 
_refine.ls_abs_structure_Flack                   ? 
_refine.ls_abs_structure_Flack_esd               ? 
_refine.ls_abs_structure_Rogers                  ? 
_refine.ls_abs_structure_Rogers_esd              ? 
_refine.ls_d_res_high                            1.486 
_refine.ls_d_res_low                             32.01 
_refine.ls_extinction_coef                       ? 
_refine.ls_extinction_coef_esd                   ? 
_refine.ls_extinction_expression                 ? 
_refine.ls_extinction_method                     ? 
_refine.ls_goodness_of_fit_all                   ? 
_refine.ls_goodness_of_fit_all_esd               ? 
_refine.ls_goodness_of_fit_obs                   ? 
_refine.ls_goodness_of_fit_obs_esd               ? 
_refine.ls_hydrogen_treatment                    ? 
_refine.ls_matrix_type                           ? 
_refine.ls_number_constraints                    ? 
_refine.ls_number_parameters                     ? 
_refine.ls_number_reflns_all                     ? 
_refine.ls_number_reflns_obs                     20839 
_refine.ls_number_reflns_R_free                  1010 
_refine.ls_number_reflns_R_work                  ? 
_refine.ls_number_restraints                     ? 
_refine.ls_percent_reflns_obs                    94.41 
_refine.ls_percent_reflns_R_free                 4.85 
_refine.ls_R_factor_all                          ? 
_refine.ls_R_factor_obs                          0.2188 
_refine.ls_R_factor_R_free                       0.2532 
_refine.ls_R_factor_R_free_error                 ? 
_refine.ls_R_factor_R_free_error_details         ? 
_refine.ls_R_factor_R_work                       0.2171 
_refine.ls_R_Fsqd_factor_obs                     ? 
_refine.ls_R_I_factor_obs                        ? 
_refine.ls_redundancy_reflns_all                 ? 
_refine.ls_redundancy_reflns_obs                 ? 
_refine.ls_restrained_S_all                      ? 
_refine.ls_restrained_S_obs                      ? 
_refine.ls_shift_over_esd_max                    ? 
_refine.ls_shift_over_esd_mean                   ? 
_refine.ls_structure_factor_coef                 ? 
_refine.ls_weighting_details                     ? 
_refine.ls_weighting_scheme                      ? 
_refine.ls_wR_factor_all                         ? 
_refine.ls_wR_factor_obs                         ? 
_refine.ls_wR_factor_R_free                      ? 
_refine.ls_wR_factor_R_work                      ? 
_refine.occupancy_max                            ? 
_refine.occupancy_min                            ? 
_refine.solvent_model_details                    ? 
_refine.solvent_model_param_bsol                 ? 
_refine.solvent_model_param_ksol                 ? 
_refine.ls_R_factor_gt                           ? 
_refine.ls_goodness_of_fit_gt                    ? 
_refine.ls_goodness_of_fit_ref                   ? 
_refine.ls_shift_over_su_max                     ? 
_refine.ls_shift_over_su_max_lt                  ? 
_refine.ls_shift_over_su_mean                    ? 
_refine.ls_shift_over_su_mean_lt                 ? 
_refine.pdbx_ls_sigma_I                          ? 
_refine.pdbx_ls_sigma_F                          1.34 
_refine.pdbx_ls_sigma_Fsqd                       ? 
_refine.pdbx_data_cutoff_high_absF               ? 
_refine.pdbx_data_cutoff_high_rms_absF           ? 
_refine.pdbx_data_cutoff_low_absF                ? 
_refine.pdbx_isotropic_thermal_model             ? 
_refine.pdbx_ls_cross_valid_method               NONE 
_refine.pdbx_method_to_determine_struct          'MOLECULAR REPLACEMENT' 
_refine.pdbx_starting_model                      ? 
_refine.pdbx_stereochemistry_target_values       ? 
_refine.pdbx_R_Free_selection_details            ? 
_refine.pdbx_stereochem_target_val_spec_case     ? 
_refine.pdbx_overall_ESU_R                       ? 
_refine.pdbx_overall_ESU_R_Free                  ? 
_refine.pdbx_solvent_vdw_probe_radii             1.11 
_refine.pdbx_solvent_ion_probe_radii             ? 
_refine.pdbx_solvent_shrinkage_radii             0.90 
_refine.pdbx_real_space_R                        ? 
_refine.pdbx_density_correlation                 ? 
_refine.pdbx_pd_number_of_powder_patterns        ? 
_refine.pdbx_pd_number_of_points                 ? 
_refine.pdbx_pd_meas_number_of_points            ? 
_refine.pdbx_pd_proc_ls_prof_R_factor            ? 
_refine.pdbx_pd_proc_ls_prof_wR_factor           ? 
_refine.pdbx_pd_Marquardt_correlation_coeff      ? 
_refine.pdbx_pd_Fsqrd_R_factor                   ? 
_refine.pdbx_pd_ls_matrix_band_width             ? 
_refine.pdbx_overall_phase_error                 28.18 
_refine.pdbx_overall_SU_R_free_Cruickshank_DPI   ? 
_refine.pdbx_overall_SU_R_free_Blow_DPI          ? 
_refine.pdbx_overall_SU_R_Blow_DPI               ? 
_refine.pdbx_TLS_residual_ADP_flag               ? 
_refine.pdbx_diffrn_id                           1 
_refine.overall_SU_B                             ? 
_refine.overall_SU_ML                            0.17 
_refine.overall_SU_R_Cruickshank_DPI             ? 
_refine.overall_SU_R_free                        ? 
_refine.overall_FOM_free_R_set                   ? 
_refine.overall_FOM_work_R_set                   ? 
_refine.pdbx_average_fsc_overall                 ? 
_refine.pdbx_average_fsc_work                    ? 
_refine.pdbx_average_fsc_free                    ? 
# 
_refine_hist.pdbx_refine_id                   'X-RAY DIFFRACTION' 
_refine_hist.cycle_id                         LAST 
_refine_hist.pdbx_number_atoms_protein        1037 
_refine_hist.pdbx_number_atoms_nucleic_acid   0 
_refine_hist.pdbx_number_atoms_ligand         26 
_refine_hist.number_atoms_solvent             109 
_refine_hist.number_atoms_total               1172 
_refine_hist.d_res_high                       1.486 
_refine_hist.d_res_low                        32.01 
# 
loop_
_refine_ls_restr.pdbx_refine_id 
_refine_ls_restr.criterion 
_refine_ls_restr.dev_ideal 
_refine_ls_restr.dev_ideal_target 
_refine_ls_restr.number 
_refine_ls_restr.rejects 
_refine_ls_restr.type 
_refine_ls_restr.weight 
_refine_ls_restr.pdbx_restraint_function 
'X-RAY DIFFRACTION' ? 0.008 ? 1101 ? f_bond_d           ? ? 
'X-RAY DIFFRACTION' ? 0.961 ? 1504 ? f_angle_d          ? ? 
'X-RAY DIFFRACTION' ? 8.213 ? 701  ? f_dihedral_angle_d ? ? 
'X-RAY DIFFRACTION' ? 0.076 ? 160  ? f_chiral_restr     ? ? 
'X-RAY DIFFRACTION' ? 0.008 ? 191  ? f_plane_restr      ? ? 
# 
loop_
_refine_ls_shell.pdbx_refine_id 
_refine_ls_shell.d_res_high 
_refine_ls_shell.d_res_low 
_refine_ls_shell.number_reflns_all 
_refine_ls_shell.number_reflns_obs 
_refine_ls_shell.number_reflns_R_free 
_refine_ls_shell.number_reflns_R_work 
_refine_ls_shell.percent_reflns_obs 
_refine_ls_shell.percent_reflns_R_free 
_refine_ls_shell.R_factor_all 
_refine_ls_shell.R_factor_obs 
_refine_ls_shell.R_factor_R_free 
_refine_ls_shell.R_factor_R_free_error 
_refine_ls_shell.R_factor_R_work 
_refine_ls_shell.redundancy_reflns_all 
_refine_ls_shell.redundancy_reflns_obs 
_refine_ls_shell.wR_factor_all 
_refine_ls_shell.wR_factor_obs 
_refine_ls_shell.wR_factor_R_free 
_refine_ls_shell.wR_factor_R_work 
_refine_ls_shell.pdbx_total_number_of_bins_used 
_refine_ls_shell.pdbx_phase_error 
_refine_ls_shell.pdbx_fsc_work 
_refine_ls_shell.pdbx_fsc_free 
'X-RAY DIFFRACTION' 1.4864 1.5648  . . 148 2916 100.00 . . . 0.3655 . 0.2935 . . . . . . . . . . 
'X-RAY DIFFRACTION' 1.5648 1.6628  . . 166 2945 100.00 . . . 0.3063 . 0.2466 . . . . . . . . . . 
'X-RAY DIFFRACTION' 1.6628 1.7912  . . 155 2942 100.00 . . . 0.2661 . 0.2288 . . . . . . . . . . 
'X-RAY DIFFRACTION' 1.7912 1.9714  . . 98  1914 64.00  . . . 0.2119 . 0.2253 . . . . . . . . . . 
'X-RAY DIFFRACTION' 1.9714 2.2566  . . 149 2989 100.00 . . . 0.2367 . 0.2020 . . . . . . . . . . 
'X-RAY DIFFRACTION' 2.2566 2.8428  . . 145 3032 100.00 . . . 0.2653 . 0.2222 . . . . . . . . . . 
'X-RAY DIFFRACTION' 2.8428 32.0213 . . 149 3091 97.00  . . . 0.2329 . 0.2023 . . . . . . . . . . 
# 
_struct.entry_id                     5XI4 
_struct.title                        'BRD4 bound with compound Bdi4' 
_struct.pdbx_model_details           ? 
_struct.pdbx_formula_weight          ? 
_struct.pdbx_formula_weight_method   ? 
_struct.pdbx_model_type_details      ? 
_struct.pdbx_CASP_flag               N 
# 
_struct_keywords.entry_id        5XI4 
_struct_keywords.text            'Chromatin regulator, TRANSCRIPTION-INHIBITOR complex' 
_struct_keywords.pdbx_keywords   TRANSCRIPTION/INHIBITOR 
# 
loop_
_struct_asym.id 
_struct_asym.pdbx_blank_PDB_chainid_flag 
_struct_asym.pdbx_modified 
_struct_asym.entity_id 
_struct_asym.details 
A N N 1 ? 
B N N 2 ? 
C N N 3 ? 
# 
_struct_ref.id                         1 
_struct_ref.db_name                    UNP 
_struct_ref.db_code                    BRD4_HUMAN 
_struct_ref.pdbx_db_accession          O60885 
_struct_ref.pdbx_db_isoform            ? 
_struct_ref.entity_id                  1 
_struct_ref.pdbx_seq_one_letter_code   
;NPPPPETSNPNKPKRQTNQLQYLLRVVLKTLWKHQFAWPFQQPVDAVKLNLPDYYKIIKTPMDMGTIKKRLENNYYWNAQ
ECIQDFNTMFTNCYIYNKPGDDIVLMAEALEKLFLQKINELPT
;
_struct_ref.pdbx_align_begin           44 
# 
_struct_ref_seq.align_id                      1 
_struct_ref_seq.ref_id                        1 
_struct_ref_seq.pdbx_PDB_id_code              5XI4 
_struct_ref_seq.pdbx_strand_id                A 
_struct_ref_seq.seq_align_beg                 2 
_struct_ref_seq.pdbx_seq_align_beg_ins_code   ? 
_struct_ref_seq.seq_align_end                 124 
_struct_ref_seq.pdbx_seq_align_end_ins_code   ? 
_struct_ref_seq.pdbx_db_accession             O60885 
_struct_ref_seq.db_align_beg                  44 
_struct_ref_seq.pdbx_db_align_beg_ins_code    ? 
_struct_ref_seq.db_align_end                  166 
_struct_ref_seq.pdbx_db_align_end_ins_code    ? 
_struct_ref_seq.pdbx_auth_seq_align_beg       44 
_struct_ref_seq.pdbx_auth_seq_align_end       166 
# 
_struct_ref_seq_dif.align_id                     1 
_struct_ref_seq_dif.pdbx_pdb_id_code             5XI4 
_struct_ref_seq_dif.mon_id                       MET 
_struct_ref_seq_dif.pdbx_pdb_strand_id           A 
_struct_ref_seq_dif.seq_num                      1 
_struct_ref_seq_dif.pdbx_pdb_ins_code            ? 
_struct_ref_seq_dif.pdbx_seq_db_name             UNP 
_struct_ref_seq_dif.pdbx_seq_db_accession_code   O60885 
_struct_ref_seq_dif.db_mon_id                    ? 
_struct_ref_seq_dif.pdbx_seq_db_seq_num          ? 
_struct_ref_seq_dif.details                      'initiating methionine' 
_struct_ref_seq_dif.pdbx_auth_seq_num            43 
_struct_ref_seq_dif.pdbx_ordinal                 1 
# 
_pdbx_struct_assembly.id                   1 
_pdbx_struct_assembly.details              author_defined_assembly 
_pdbx_struct_assembly.method_details       ? 
_pdbx_struct_assembly.oligomeric_details   monomeric 
_pdbx_struct_assembly.oligomeric_count     1 
# 
loop_
_pdbx_struct_assembly_prop.biol_id 
_pdbx_struct_assembly_prop.type 
_pdbx_struct_assembly_prop.value 
_pdbx_struct_assembly_prop.details 
1 'ABSA (A^2)' 0    ? 
1 MORE         0    ? 
1 'SSA (A^2)'  7280 ? 
# 
_pdbx_struct_assembly_gen.assembly_id       1 
_pdbx_struct_assembly_gen.oper_expression   1 
_pdbx_struct_assembly_gen.asym_id_list      A,B,C 
# 
_pdbx_struct_assembly_auth_evidence.id                     1 
_pdbx_struct_assembly_auth_evidence.assembly_id            1 
_pdbx_struct_assembly_auth_evidence.experimental_support   'gel filtration' 
_pdbx_struct_assembly_auth_evidence.details                ? 
# 
_pdbx_struct_oper_list.id                   1 
_pdbx_struct_oper_list.type                 'identity operation' 
_pdbx_struct_oper_list.name                 1_555 
_pdbx_struct_oper_list.symmetry_operation   x,y,z 
_pdbx_struct_oper_list.matrix[1][1]         1.0000000000 
_pdbx_struct_oper_list.matrix[1][2]         0.0000000000 
_pdbx_struct_oper_list.matrix[1][3]         0.0000000000 
_pdbx_struct_oper_list.vector[1]            0.0000000000 
_pdbx_struct_oper_list.matrix[2][1]         0.0000000000 
_pdbx_struct_oper_list.matrix[2][2]         1.0000000000 
_pdbx_struct_oper_list.matrix[2][3]         0.0000000000 
_pdbx_struct_oper_list.vector[2]            0.0000000000 
_pdbx_struct_oper_list.matrix[3][1]         0.0000000000 
_pdbx_struct_oper_list.matrix[3][2]         0.0000000000 
_pdbx_struct_oper_list.matrix[3][3]         1.0000000000 
_pdbx_struct_oper_list.vector[3]            0.0000000000 
# 
loop_
_struct_conf.conf_type_id 
_struct_conf.id 
_struct_conf.pdbx_PDB_helix_id 
_struct_conf.beg_label_comp_id 
_struct_conf.beg_label_asym_id 
_struct_conf.beg_label_seq_id 
_struct_conf.pdbx_beg_PDB_ins_code 
_struct_conf.end_label_comp_id 
_struct_conf.end_label_asym_id 
_struct_conf.end_label_seq_id 
_struct_conf.pdbx_end_PDB_ins_code 
_struct_conf.beg_auth_comp_id 
_struct_conf.beg_auth_asym_id 
_struct_conf.beg_auth_seq_id 
_struct_conf.end_auth_comp_id 
_struct_conf.end_auth_asym_id 
_struct_conf.end_auth_seq_id 
_struct_conf.pdbx_PDB_helix_class 
_struct_conf.details 
_struct_conf.pdbx_PDB_helix_length 
HELX_P HELX_P1 AA1 THR A 18  ? VAL A 27  ? THR A 60  VAL A 69  1 ? 10 
HELX_P HELX_P2 AA2 VAL A 27  ? LYS A 34  ? VAL A 69  LYS A 76  1 ? 8  
HELX_P HELX_P3 AA3 ALA A 38  ? GLN A 42  ? ALA A 80  GLN A 84  5 ? 5  
HELX_P HELX_P4 AA4 ASP A 54  ? ILE A 59  ? ASP A 96  ILE A 101 1 ? 6  
HELX_P HELX_P5 AA5 ASP A 64  ? ASN A 74  ? ASP A 106 ASN A 116 1 ? 11 
HELX_P HELX_P6 AA6 ASN A 79  ? ASN A 98  ? ASN A 121 ASN A 140 1 ? 20 
HELX_P HELX_P7 AA7 ASP A 102 ? ASN A 120 ? ASP A 144 ASN A 162 1 ? 19 
# 
_struct_conf_type.id          HELX_P 
_struct_conf_type.criteria    ? 
_struct_conf_type.reference   ? 
# 
_struct_site.id                   AC1 
_struct_site.pdbx_evidence_code   Software 
_struct_site.pdbx_auth_asym_id    A 
_struct_site.pdbx_auth_comp_id    8F0 
_struct_site.pdbx_auth_seq_id     201 
_struct_site.pdbx_auth_ins_code   ? 
_struct_site.pdbx_num_residues    11 
_struct_site.details              'binding site for residue 8F0 A 201' 
# 
loop_
_struct_site_gen.id 
_struct_site_gen.site_id 
_struct_site_gen.pdbx_num_res 
_struct_site_gen.label_comp_id 
_struct_site_gen.label_asym_id 
_struct_site_gen.label_seq_id 
_struct_site_gen.pdbx_auth_ins_code 
_struct_site_gen.auth_comp_id 
_struct_site_gen.auth_asym_id 
_struct_site_gen.auth_seq_id 
_struct_site_gen.label_atom_id 
_struct_site_gen.label_alt_id 
_struct_site_gen.symmetry 
_struct_site_gen.details 
1  AC1 11 TRP A 39  ? TRP A 81  . ? 1_555 ? 
2  AC1 11 PRO A 40  ? PRO A 82  . ? 1_555 ? 
3  AC1 11 PHE A 41  ? PHE A 83  . ? 1_555 ? 
4  AC1 11 VAL A 45  ? VAL A 87  . ? 1_555 ? 
5  AC1 11 LEU A 50  ? LEU A 92  . ? 1_555 ? 
6  AC1 11 ASP A 54  ? ASP A 96  . ? 4_545 ? 
7  AC1 11 LYS A 57  ? LYS A 99  . ? 4_545 ? 
8  AC1 11 TYR A 97  ? TYR A 139 . ? 1_555 ? 
9  AC1 11 ASN A 98  ? ASN A 140 . ? 1_555 ? 
10 AC1 11 ASP A 103 ? ASP A 145 . ? 1_555 ? 
11 AC1 11 HOH C .   ? HOH A 324 . ? 1_555 ? 
# 
loop_
_pdbx_validate_close_contact.id 
_pdbx_validate_close_contact.PDB_model_num 
_pdbx_validate_close_contact.auth_atom_id_1 
_pdbx_validate_close_contact.auth_asym_id_1 
_pdbx_validate_close_contact.auth_comp_id_1 
_pdbx_validate_close_contact.auth_seq_id_1 
_pdbx_validate_close_contact.PDB_ins_code_1 
_pdbx_validate_close_contact.label_alt_id_1 
_pdbx_validate_close_contact.auth_atom_id_2 
_pdbx_validate_close_contact.auth_asym_id_2 
_pdbx_validate_close_contact.auth_comp_id_2 
_pdbx_validate_close_contact.auth_seq_id_2 
_pdbx_validate_close_contact.PDB_ins_code_2 
_pdbx_validate_close_contact.label_alt_id_2 
_pdbx_validate_close_contact.dist 
1 1 O   A HOH 330 ? ? O A HOH 363 ? ? 1.82 
2 1 O   A HOH 388 ? ? O A HOH 392 ? ? 1.92 
3 1 O   A HOH 302 ? ? O A HOH 321 ? ? 1.96 
4 1 O   A SER 51  ? ? O A HOH 301 ? ? 2.07 
5 1 OD1 A ASN 54  ? ? O A HOH 302 ? ? 2.11 
6 1 OD1 A ASN 162 ? ? O A HOH 303 ? ? 2.15 
# 
loop_
_pdbx_validate_symm_contact.id 
_pdbx_validate_symm_contact.PDB_model_num 
_pdbx_validate_symm_contact.auth_atom_id_1 
_pdbx_validate_symm_contact.auth_asym_id_1 
_pdbx_validate_symm_contact.auth_comp_id_1 
_pdbx_validate_symm_contact.auth_seq_id_1 
_pdbx_validate_symm_contact.PDB_ins_code_1 
_pdbx_validate_symm_contact.label_alt_id_1 
_pdbx_validate_symm_contact.site_symmetry_1 
_pdbx_validate_symm_contact.auth_atom_id_2 
_pdbx_validate_symm_contact.auth_asym_id_2 
_pdbx_validate_symm_contact.auth_comp_id_2 
_pdbx_validate_symm_contact.auth_seq_id_2 
_pdbx_validate_symm_contact.PDB_ins_code_2 
_pdbx_validate_symm_contact.label_alt_id_2 
_pdbx_validate_symm_contact.site_symmetry_2 
_pdbx_validate_symm_contact.dist 
1 1 O A HOH 309 ? ? 1_555 O A HOH 327 ? ? 4_545 2.06 
2 1 O A HOH 378 ? ? 1_555 O A HOH 392 ? ? 4_555 2.17 
# 
loop_
_pdbx_validate_torsion.id 
_pdbx_validate_torsion.PDB_model_num 
_pdbx_validate_torsion.auth_comp_id 
_pdbx_validate_torsion.auth_asym_id 
_pdbx_validate_torsion.auth_seq_id 
_pdbx_validate_torsion.PDB_ins_code 
_pdbx_validate_torsion.label_alt_id 
_pdbx_validate_torsion.phi 
_pdbx_validate_torsion.psi 
1 1 ASN A 54 ? ? -54.19  -7.07 
2 1 LEU A 94 ? ? -116.28 69.97 
# 
loop_
_chem_comp_atom.comp_id 
_chem_comp_atom.atom_id 
_chem_comp_atom.type_symbol 
_chem_comp_atom.pdbx_aromatic_flag 
_chem_comp_atom.pdbx_stereo_config 
_chem_comp_atom.pdbx_ordinal 
8F0 C13  C N N 1   
8F0 C17  C N N 2   
8F0 C20  C N N 3   
8F0 C21  C Y N 4   
8F0 C22  C Y N 5   
8F0 C24  C Y N 6   
8F0 C26  C N N 7   
8F0 C01  C Y N 8   
8F0 C02  C Y N 9   
8F0 C03  C Y N 10  
8F0 C04  C Y N 11  
8F0 C05  C Y N 12  
8F0 C06  C Y N 13  
8F0 C08  C N S 14  
8F0 C09  C N N 15  
8F0 C11  C N N 16  
8F0 C14  C N N 17  
8F0 C16  C N S 18  
8F0 C18  C N N 19  
8F0 C19  C Y N 20  
8F0 C23  C Y N 21  
8F0 C25  C Y N 22  
8F0 N07  N N N 23  
8F0 N10  N N N 24  
8F0 N15  N N N 25  
8F0 O12  O N N 26  
8F0 H1   H N N 27  
8F0 H2   H N N 28  
8F0 H3   H N N 29  
8F0 H4   H N N 30  
8F0 H5   H N N 31  
8F0 H6   H N N 32  
8F0 H7   H N N 33  
8F0 H8   H N N 34  
8F0 H9   H N N 35  
8F0 H10  H N N 36  
8F0 H11  H N N 37  
8F0 H12  H N N 38  
8F0 H13  H N N 39  
8F0 H14  H N N 40  
8F0 H15  H N N 41  
8F0 H16  H N N 42  
8F0 H17  H N N 43  
8F0 H18  H N N 44  
8F0 H19  H N N 45  
8F0 H20  H N N 46  
8F0 H21  H N N 47  
8F0 H22  H N N 48  
8F0 H23  H N N 49  
8F0 H24  H N N 50  
8F0 H25  H N N 51  
8F0 H26  H N N 52  
8F0 H27  H N N 53  
ALA N    N N N 54  
ALA CA   C N S 55  
ALA C    C N N 56  
ALA O    O N N 57  
ALA CB   C N N 58  
ALA OXT  O N N 59  
ALA H    H N N 60  
ALA H2   H N N 61  
ALA HA   H N N 62  
ALA HB1  H N N 63  
ALA HB2  H N N 64  
ALA HB3  H N N 65  
ALA HXT  H N N 66  
ARG N    N N N 67  
ARG CA   C N S 68  
ARG C    C N N 69  
ARG O    O N N 70  
ARG CB   C N N 71  
ARG CG   C N N 72  
ARG CD   C N N 73  
ARG NE   N N N 74  
ARG CZ   C N N 75  
ARG NH1  N N N 76  
ARG NH2  N N N 77  
ARG OXT  O N N 78  
ARG H    H N N 79  
ARG H2   H N N 80  
ARG HA   H N N 81  
ARG HB2  H N N 82  
ARG HB3  H N N 83  
ARG HG2  H N N 84  
ARG HG3  H N N 85  
ARG HD2  H N N 86  
ARG HD3  H N N 87  
ARG HE   H N N 88  
ARG HH11 H N N 89  
ARG HH12 H N N 90  
ARG HH21 H N N 91  
ARG HH22 H N N 92  
ARG HXT  H N N 93  
ASN N    N N N 94  
ASN CA   C N S 95  
ASN C    C N N 96  
ASN O    O N N 97  
ASN CB   C N N 98  
ASN CG   C N N 99  
ASN OD1  O N N 100 
ASN ND2  N N N 101 
ASN OXT  O N N 102 
ASN H    H N N 103 
ASN H2   H N N 104 
ASN HA   H N N 105 
ASN HB2  H N N 106 
ASN HB3  H N N 107 
ASN HD21 H N N 108 
ASN HD22 H N N 109 
ASN HXT  H N N 110 
ASP N    N N N 111 
ASP CA   C N S 112 
ASP C    C N N 113 
ASP O    O N N 114 
ASP CB   C N N 115 
ASP CG   C N N 116 
ASP OD1  O N N 117 
ASP OD2  O N N 118 
ASP OXT  O N N 119 
ASP H    H N N 120 
ASP H2   H N N 121 
ASP HA   H N N 122 
ASP HB2  H N N 123 
ASP HB3  H N N 124 
ASP HD2  H N N 125 
ASP HXT  H N N 126 
CYS N    N N N 127 
CYS CA   C N R 128 
CYS C    C N N 129 
CYS O    O N N 130 
CYS CB   C N N 131 
CYS SG   S N N 132 
CYS OXT  O N N 133 
CYS H    H N N 134 
CYS H2   H N N 135 
CYS HA   H N N 136 
CYS HB2  H N N 137 
CYS HB3  H N N 138 
CYS HG   H N N 139 
CYS HXT  H N N 140 
GLN N    N N N 141 
GLN CA   C N S 142 
GLN C    C N N 143 
GLN O    O N N 144 
GLN CB   C N N 145 
GLN CG   C N N 146 
GLN CD   C N N 147 
GLN OE1  O N N 148 
GLN NE2  N N N 149 
GLN OXT  O N N 150 
GLN H    H N N 151 
GLN H2   H N N 152 
GLN HA   H N N 153 
GLN HB2  H N N 154 
GLN HB3  H N N 155 
GLN HG2  H N N 156 
GLN HG3  H N N 157 
GLN HE21 H N N 158 
GLN HE22 H N N 159 
GLN HXT  H N N 160 
GLU N    N N N 161 
GLU CA   C N S 162 
GLU C    C N N 163 
GLU O    O N N 164 
GLU CB   C N N 165 
GLU CG   C N N 166 
GLU CD   C N N 167 
GLU OE1  O N N 168 
GLU OE2  O N N 169 
GLU OXT  O N N 170 
GLU H    H N N 171 
GLU H2   H N N 172 
GLU HA   H N N 173 
GLU HB2  H N N 174 
GLU HB3  H N N 175 
GLU HG2  H N N 176 
GLU HG3  H N N 177 
GLU HE2  H N N 178 
GLU HXT  H N N 179 
GLY N    N N N 180 
GLY CA   C N N 181 
GLY C    C N N 182 
GLY O    O N N 183 
GLY OXT  O N N 184 
GLY H    H N N 185 
GLY H2   H N N 186 
GLY HA2  H N N 187 
GLY HA3  H N N 188 
GLY HXT  H N N 189 
HIS N    N N N 190 
HIS CA   C N S 191 
HIS C    C N N 192 
HIS O    O N N 193 
HIS CB   C N N 194 
HIS CG   C Y N 195 
HIS ND1  N Y N 196 
HIS CD2  C Y N 197 
HIS CE1  C Y N 198 
HIS NE2  N Y N 199 
HIS OXT  O N N 200 
HIS H    H N N 201 
HIS H2   H N N 202 
HIS HA   H N N 203 
HIS HB2  H N N 204 
HIS HB3  H N N 205 
HIS HD1  H N N 206 
HIS HD2  H N N 207 
HIS HE1  H N N 208 
HIS HE2  H N N 209 
HIS HXT  H N N 210 
HOH O    O N N 211 
HOH H1   H N N 212 
HOH H2   H N N 213 
ILE N    N N N 214 
ILE CA   C N S 215 
ILE C    C N N 216 
ILE O    O N N 217 
ILE CB   C N S 218 
ILE CG1  C N N 219 
ILE CG2  C N N 220 
ILE CD1  C N N 221 
ILE OXT  O N N 222 
ILE H    H N N 223 
ILE H2   H N N 224 
ILE HA   H N N 225 
ILE HB   H N N 226 
ILE HG12 H N N 227 
ILE HG13 H N N 228 
ILE HG21 H N N 229 
ILE HG22 H N N 230 
ILE HG23 H N N 231 
ILE HD11 H N N 232 
ILE HD12 H N N 233 
ILE HD13 H N N 234 
ILE HXT  H N N 235 
LEU N    N N N 236 
LEU CA   C N S 237 
LEU C    C N N 238 
LEU O    O N N 239 
LEU CB   C N N 240 
LEU CG   C N N 241 
LEU CD1  C N N 242 
LEU CD2  C N N 243 
LEU OXT  O N N 244 
LEU H    H N N 245 
LEU H2   H N N 246 
LEU HA   H N N 247 
LEU HB2  H N N 248 
LEU HB3  H N N 249 
LEU HG   H N N 250 
LEU HD11 H N N 251 
LEU HD12 H N N 252 
LEU HD13 H N N 253 
LEU HD21 H N N 254 
LEU HD22 H N N 255 
LEU HD23 H N N 256 
LEU HXT  H N N 257 
LYS N    N N N 258 
LYS CA   C N S 259 
LYS C    C N N 260 
LYS O    O N N 261 
LYS CB   C N N 262 
LYS CG   C N N 263 
LYS CD   C N N 264 
LYS CE   C N N 265 
LYS NZ   N N N 266 
LYS OXT  O N N 267 
LYS H    H N N 268 
LYS H2   H N N 269 
LYS HA   H N N 270 
LYS HB2  H N N 271 
LYS HB3  H N N 272 
LYS HG2  H N N 273 
LYS HG3  H N N 274 
LYS HD2  H N N 275 
LYS HD3  H N N 276 
LYS HE2  H N N 277 
LYS HE3  H N N 278 
LYS HZ1  H N N 279 
LYS HZ2  H N N 280 
LYS HZ3  H N N 281 
LYS HXT  H N N 282 
MET N    N N N 283 
MET CA   C N S 284 
MET C    C N N 285 
MET O    O N N 286 
MET CB   C N N 287 
MET CG   C N N 288 
MET SD   S N N 289 
MET CE   C N N 290 
MET OXT  O N N 291 
MET H    H N N 292 
MET H2   H N N 293 
MET HA   H N N 294 
MET HB2  H N N 295 
MET HB3  H N N 296 
MET HG2  H N N 297 
MET HG3  H N N 298 
MET HE1  H N N 299 
MET HE2  H N N 300 
MET HE3  H N N 301 
MET HXT  H N N 302 
PHE N    N N N 303 
PHE CA   C N S 304 
PHE C    C N N 305 
PHE O    O N N 306 
PHE CB   C N N 307 
PHE CG   C Y N 308 
PHE CD1  C Y N 309 
PHE CD2  C Y N 310 
PHE CE1  C Y N 311 
PHE CE2  C Y N 312 
PHE CZ   C Y N 313 
PHE OXT  O N N 314 
PHE H    H N N 315 
PHE H2   H N N 316 
PHE HA   H N N 317 
PHE HB2  H N N 318 
PHE HB3  H N N 319 
PHE HD1  H N N 320 
PHE HD2  H N N 321 
PHE HE1  H N N 322 
PHE HE2  H N N 323 
PHE HZ   H N N 324 
PHE HXT  H N N 325 
PRO N    N N N 326 
PRO CA   C N S 327 
PRO C    C N N 328 
PRO O    O N N 329 
PRO CB   C N N 330 
PRO CG   C N N 331 
PRO CD   C N N 332 
PRO OXT  O N N 333 
PRO H    H N N 334 
PRO HA   H N N 335 
PRO HB2  H N N 336 
PRO HB3  H N N 337 
PRO HG2  H N N 338 
PRO HG3  H N N 339 
PRO HD2  H N N 340 
PRO HD3  H N N 341 
PRO HXT  H N N 342 
SER N    N N N 343 
SER CA   C N S 344 
SER C    C N N 345 
SER O    O N N 346 
SER CB   C N N 347 
SER OG   O N N 348 
SER OXT  O N N 349 
SER H    H N N 350 
SER H2   H N N 351 
SER HA   H N N 352 
SER HB2  H N N 353 
SER HB3  H N N 354 
SER HG   H N N 355 
SER HXT  H N N 356 
THR N    N N N 357 
THR CA   C N S 358 
THR C    C N N 359 
THR O    O N N 360 
THR CB   C N R 361 
THR OG1  O N N 362 
THR CG2  C N N 363 
THR OXT  O N N 364 
THR H    H N N 365 
THR H2   H N N 366 
THR HA   H N N 367 
THR HB   H N N 368 
THR HG1  H N N 369 
THR HG21 H N N 370 
THR HG22 H N N 371 
THR HG23 H N N 372 
THR HXT  H N N 373 
TRP N    N N N 374 
TRP CA   C N S 375 
TRP C    C N N 376 
TRP O    O N N 377 
TRP CB   C N N 378 
TRP CG   C Y N 379 
TRP CD1  C Y N 380 
TRP CD2  C Y N 381 
TRP NE1  N Y N 382 
TRP CE2  C Y N 383 
TRP CE3  C Y N 384 
TRP CZ2  C Y N 385 
TRP CZ3  C Y N 386 
TRP CH2  C Y N 387 
TRP OXT  O N N 388 
TRP H    H N N 389 
TRP H2   H N N 390 
TRP HA   H N N 391 
TRP HB2  H N N 392 
TRP HB3  H N N 393 
TRP HD1  H N N 394 
TRP HE1  H N N 395 
TRP HE3  H N N 396 
TRP HZ2  H N N 397 
TRP HZ3  H N N 398 
TRP HH2  H N N 399 
TRP HXT  H N N 400 
TYR N    N N N 401 
TYR CA   C N S 402 
TYR C    C N N 403 
TYR O    O N N 404 
TYR CB   C N N 405 
TYR CG   C Y N 406 
TYR CD1  C Y N 407 
TYR CD2  C Y N 408 
TYR CE1  C Y N 409 
TYR CE2  C Y N 410 
TYR CZ   C Y N 411 
TYR OH   O N N 412 
TYR OXT  O N N 413 
TYR H    H N N 414 
TYR H2   H N N 415 
TYR HA   H N N 416 
TYR HB2  H N N 417 
TYR HB3  H N N 418 
TYR HD1  H N N 419 
TYR HD2  H N N 420 
TYR HE1  H N N 421 
TYR HE2  H N N 422 
TYR HH   H N N 423 
TYR HXT  H N N 424 
VAL N    N N N 425 
VAL CA   C N S 426 
VAL C    C N N 427 
VAL O    O N N 428 
VAL CB   C N N 429 
VAL CG1  C N N 430 
VAL CG2  C N N 431 
VAL OXT  O N N 432 
VAL H    H N N 433 
VAL H2   H N N 434 
VAL HA   H N N 435 
VAL HB   H N N 436 
VAL HG11 H N N 437 
VAL HG12 H N N 438 
VAL HG13 H N N 439 
VAL HG21 H N N 440 
VAL HG22 H N N 441 
VAL HG23 H N N 442 
VAL HXT  H N N 443 
# 
loop_
_chem_comp_bond.comp_id 
_chem_comp_bond.atom_id_1 
_chem_comp_bond.atom_id_2 
_chem_comp_bond.value_order 
_chem_comp_bond.pdbx_aromatic_flag 
_chem_comp_bond.pdbx_stereo_config 
_chem_comp_bond.pdbx_ordinal 
8F0 C11 N10  sing N N 1   
8F0 C06 C01  doub Y N 2   
8F0 C06 C05  sing Y N 3   
8F0 N10 C05  sing N N 4   
8F0 N10 C09  sing N N 5   
8F0 C01 C02  sing Y N 6   
8F0 O12 C09  doub N N 7   
8F0 C05 C04  doub Y N 8   
8F0 C09 C08  sing N N 9   
8F0 C08 C13  sing N N 10  
8F0 C08 N07  sing N N 11  
8F0 C02 N15  sing N N 12  
8F0 C02 C03  doub Y N 13  
8F0 C04 C03  sing Y N 14  
8F0 C04 N07  sing N N 15  
8F0 N15 C16  sing N N 16  
8F0 N07 C14  sing N N 17  
8F0 C16 C20  sing N N 18  
8F0 C16 C19  sing N N 19  
8F0 C14 C17  sing N N 20  
8F0 C14 C18  sing N N 21  
8F0 C21 C19  doub Y N 22  
8F0 C21 C22  sing Y N 23  
8F0 C19 C25  sing Y N 24  
8F0 C17 C18  sing N N 25  
8F0 C22 C23  doub Y N 26  
8F0 C25 C24  doub Y N 27  
8F0 C23 C24  sing Y N 28  
8F0 C23 C26  sing N N 29  
8F0 C13 H1   sing N N 30  
8F0 C13 H2   sing N N 31  
8F0 C13 H3   sing N N 32  
8F0 C17 H4   sing N N 33  
8F0 C17 H5   sing N N 34  
8F0 C20 H6   sing N N 35  
8F0 C20 H7   sing N N 36  
8F0 C20 H8   sing N N 37  
8F0 C21 H9   sing N N 38  
8F0 C22 H10  sing N N 39  
8F0 C24 H11  sing N N 40  
8F0 C26 H12  sing N N 41  
8F0 C26 H13  sing N N 42  
8F0 C26 H14  sing N N 43  
8F0 C01 H15  sing N N 44  
8F0 C03 H16  sing N N 45  
8F0 C06 H17  sing N N 46  
8F0 C08 H18  sing N N 47  
8F0 C11 H19  sing N N 48  
8F0 C11 H20  sing N N 49  
8F0 C11 H21  sing N N 50  
8F0 C14 H22  sing N N 51  
8F0 C16 H23  sing N N 52  
8F0 C18 H24  sing N N 53  
8F0 C18 H25  sing N N 54  
8F0 C25 H26  sing N N 55  
8F0 N15 H27  sing N N 56  
ALA N   CA   sing N N 57  
ALA N   H    sing N N 58  
ALA N   H2   sing N N 59  
ALA CA  C    sing N N 60  
ALA CA  CB   sing N N 61  
ALA CA  HA   sing N N 62  
ALA C   O    doub N N 63  
ALA C   OXT  sing N N 64  
ALA CB  HB1  sing N N 65  
ALA CB  HB2  sing N N 66  
ALA CB  HB3  sing N N 67  
ALA OXT HXT  sing N N 68  
ARG N   CA   sing N N 69  
ARG N   H    sing N N 70  
ARG N   H2   sing N N 71  
ARG CA  C    sing N N 72  
ARG CA  CB   sing N N 73  
ARG CA  HA   sing N N 74  
ARG C   O    doub N N 75  
ARG C   OXT  sing N N 76  
ARG CB  CG   sing N N 77  
ARG CB  HB2  sing N N 78  
ARG CB  HB3  sing N N 79  
ARG CG  CD   sing N N 80  
ARG CG  HG2  sing N N 81  
ARG CG  HG3  sing N N 82  
ARG CD  NE   sing N N 83  
ARG CD  HD2  sing N N 84  
ARG CD  HD3  sing N N 85  
ARG NE  CZ   sing N N 86  
ARG NE  HE   sing N N 87  
ARG CZ  NH1  sing N N 88  
ARG CZ  NH2  doub N N 89  
ARG NH1 HH11 sing N N 90  
ARG NH1 HH12 sing N N 91  
ARG NH2 HH21 sing N N 92  
ARG NH2 HH22 sing N N 93  
ARG OXT HXT  sing N N 94  
ASN N   CA   sing N N 95  
ASN N   H    sing N N 96  
ASN N   H2   sing N N 97  
ASN CA  C    sing N N 98  
ASN CA  CB   sing N N 99  
ASN CA  HA   sing N N 100 
ASN C   O    doub N N 101 
ASN C   OXT  sing N N 102 
ASN CB  CG   sing N N 103 
ASN CB  HB2  sing N N 104 
ASN CB  HB3  sing N N 105 
ASN CG  OD1  doub N N 106 
ASN CG  ND2  sing N N 107 
ASN ND2 HD21 sing N N 108 
ASN ND2 HD22 sing N N 109 
ASN OXT HXT  sing N N 110 
ASP N   CA   sing N N 111 
ASP N   H    sing N N 112 
ASP N   H2   sing N N 113 
ASP CA  C    sing N N 114 
ASP CA  CB   sing N N 115 
ASP CA  HA   sing N N 116 
ASP C   O    doub N N 117 
ASP C   OXT  sing N N 118 
ASP CB  CG   sing N N 119 
ASP CB  HB2  sing N N 120 
ASP CB  HB3  sing N N 121 
ASP CG  OD1  doub N N 122 
ASP CG  OD2  sing N N 123 
ASP OD2 HD2  sing N N 124 
ASP OXT HXT  sing N N 125 
CYS N   CA   sing N N 126 
CYS N   H    sing N N 127 
CYS N   H2   sing N N 128 
CYS CA  C    sing N N 129 
CYS CA  CB   sing N N 130 
CYS CA  HA   sing N N 131 
CYS C   O    doub N N 132 
CYS C   OXT  sing N N 133 
CYS CB  SG   sing N N 134 
CYS CB  HB2  sing N N 135 
CYS CB  HB3  sing N N 136 
CYS SG  HG   sing N N 137 
CYS OXT HXT  sing N N 138 
GLN N   CA   sing N N 139 
GLN N   H    sing N N 140 
GLN N   H2   sing N N 141 
GLN CA  C    sing N N 142 
GLN CA  CB   sing N N 143 
GLN CA  HA   sing N N 144 
GLN C   O    doub N N 145 
GLN C   OXT  sing N N 146 
GLN CB  CG   sing N N 147 
GLN CB  HB2  sing N N 148 
GLN CB  HB3  sing N N 149 
GLN CG  CD   sing N N 150 
GLN CG  HG2  sing N N 151 
GLN CG  HG3  sing N N 152 
GLN CD  OE1  doub N N 153 
GLN CD  NE2  sing N N 154 
GLN NE2 HE21 sing N N 155 
GLN NE2 HE22 sing N N 156 
GLN OXT HXT  sing N N 157 
GLU N   CA   sing N N 158 
GLU N   H    sing N N 159 
GLU N   H2   sing N N 160 
GLU CA  C    sing N N 161 
GLU CA  CB   sing N N 162 
GLU CA  HA   sing N N 163 
GLU C   O    doub N N 164 
GLU C   OXT  sing N N 165 
GLU CB  CG   sing N N 166 
GLU CB  HB2  sing N N 167 
GLU CB  HB3  sing N N 168 
GLU CG  CD   sing N N 169 
GLU CG  HG2  sing N N 170 
GLU CG  HG3  sing N N 171 
GLU CD  OE1  doub N N 172 
GLU CD  OE2  sing N N 173 
GLU OE2 HE2  sing N N 174 
GLU OXT HXT  sing N N 175 
GLY N   CA   sing N N 176 
GLY N   H    sing N N 177 
GLY N   H2   sing N N 178 
GLY CA  C    sing N N 179 
GLY CA  HA2  sing N N 180 
GLY CA  HA3  sing N N 181 
GLY C   O    doub N N 182 
GLY C   OXT  sing N N 183 
GLY OXT HXT  sing N N 184 
HIS N   CA   sing N N 185 
HIS N   H    sing N N 186 
HIS N   H2   sing N N 187 
HIS CA  C    sing N N 188 
HIS CA  CB   sing N N 189 
HIS CA  HA   sing N N 190 
HIS C   O    doub N N 191 
HIS C   OXT  sing N N 192 
HIS CB  CG   sing N N 193 
HIS CB  HB2  sing N N 194 
HIS CB  HB3  sing N N 195 
HIS CG  ND1  sing Y N 196 
HIS CG  CD2  doub Y N 197 
HIS ND1 CE1  doub Y N 198 
HIS ND1 HD1  sing N N 199 
HIS CD2 NE2  sing Y N 200 
HIS CD2 HD2  sing N N 201 
HIS CE1 NE2  sing Y N 202 
HIS CE1 HE1  sing N N 203 
HIS NE2 HE2  sing N N 204 
HIS OXT HXT  sing N N 205 
HOH O   H1   sing N N 206 
HOH O   H2   sing N N 207 
ILE N   CA   sing N N 208 
ILE N   H    sing N N 209 
ILE N   H2   sing N N 210 
ILE CA  C    sing N N 211 
ILE CA  CB   sing N N 212 
ILE CA  HA   sing N N 213 
ILE C   O    doub N N 214 
ILE C   OXT  sing N N 215 
ILE CB  CG1  sing N N 216 
ILE CB  CG2  sing N N 217 
ILE CB  HB   sing N N 218 
ILE CG1 CD1  sing N N 219 
ILE CG1 HG12 sing N N 220 
ILE CG1 HG13 sing N N 221 
ILE CG2 HG21 sing N N 222 
ILE CG2 HG22 sing N N 223 
ILE CG2 HG23 sing N N 224 
ILE CD1 HD11 sing N N 225 
ILE CD1 HD12 sing N N 226 
ILE CD1 HD13 sing N N 227 
ILE OXT HXT  sing N N 228 
LEU N   CA   sing N N 229 
LEU N   H    sing N N 230 
LEU N   H2   sing N N 231 
LEU CA  C    sing N N 232 
LEU CA  CB   sing N N 233 
LEU CA  HA   sing N N 234 
LEU C   O    doub N N 235 
LEU C   OXT  sing N N 236 
LEU CB  CG   sing N N 237 
LEU CB  HB2  sing N N 238 
LEU CB  HB3  sing N N 239 
LEU CG  CD1  sing N N 240 
LEU CG  CD2  sing N N 241 
LEU CG  HG   sing N N 242 
LEU CD1 HD11 sing N N 243 
LEU CD1 HD12 sing N N 244 
LEU CD1 HD13 sing N N 245 
LEU CD2 HD21 sing N N 246 
LEU CD2 HD22 sing N N 247 
LEU CD2 HD23 sing N N 248 
LEU OXT HXT  sing N N 249 
LYS N   CA   sing N N 250 
LYS N   H    sing N N 251 
LYS N   H2   sing N N 252 
LYS CA  C    sing N N 253 
LYS CA  CB   sing N N 254 
LYS CA  HA   sing N N 255 
LYS C   O    doub N N 256 
LYS C   OXT  sing N N 257 
LYS CB  CG   sing N N 258 
LYS CB  HB2  sing N N 259 
LYS CB  HB3  sing N N 260 
LYS CG  CD   sing N N 261 
LYS CG  HG2  sing N N 262 
LYS CG  HG3  sing N N 263 
LYS CD  CE   sing N N 264 
LYS CD  HD2  sing N N 265 
LYS CD  HD3  sing N N 266 
LYS CE  NZ   sing N N 267 
LYS CE  HE2  sing N N 268 
LYS CE  HE3  sing N N 269 
LYS NZ  HZ1  sing N N 270 
LYS NZ  HZ2  sing N N 271 
LYS NZ  HZ3  sing N N 272 
LYS OXT HXT  sing N N 273 
MET N   CA   sing N N 274 
MET N   H    sing N N 275 
MET N   H2   sing N N 276 
MET CA  C    sing N N 277 
MET CA  CB   sing N N 278 
MET CA  HA   sing N N 279 
MET C   O    doub N N 280 
MET C   OXT  sing N N 281 
MET CB  CG   sing N N 282 
MET CB  HB2  sing N N 283 
MET CB  HB3  sing N N 284 
MET CG  SD   sing N N 285 
MET CG  HG2  sing N N 286 
MET CG  HG3  sing N N 287 
MET SD  CE   sing N N 288 
MET CE  HE1  sing N N 289 
MET CE  HE2  sing N N 290 
MET CE  HE3  sing N N 291 
MET OXT HXT  sing N N 292 
PHE N   CA   sing N N 293 
PHE N   H    sing N N 294 
PHE N   H2   sing N N 295 
PHE CA  C    sing N N 296 
PHE CA  CB   sing N N 297 
PHE CA  HA   sing N N 298 
PHE C   O    doub N N 299 
PHE C   OXT  sing N N 300 
PHE CB  CG   sing N N 301 
PHE CB  HB2  sing N N 302 
PHE CB  HB3  sing N N 303 
PHE CG  CD1  doub Y N 304 
PHE CG  CD2  sing Y N 305 
PHE CD1 CE1  sing Y N 306 
PHE CD1 HD1  sing N N 307 
PHE CD2 CE2  doub Y N 308 
PHE CD2 HD2  sing N N 309 
PHE CE1 CZ   doub Y N 310 
PHE CE1 HE1  sing N N 311 
PHE CE2 CZ   sing Y N 312 
PHE CE2 HE2  sing N N 313 
PHE CZ  HZ   sing N N 314 
PHE OXT HXT  sing N N 315 
PRO N   CA   sing N N 316 
PRO N   CD   sing N N 317 
PRO N   H    sing N N 318 
PRO CA  C    sing N N 319 
PRO CA  CB   sing N N 320 
PRO CA  HA   sing N N 321 
PRO C   O    doub N N 322 
PRO C   OXT  sing N N 323 
PRO CB  CG   sing N N 324 
PRO CB  HB2  sing N N 325 
PRO CB  HB3  sing N N 326 
PRO CG  CD   sing N N 327 
PRO CG  HG2  sing N N 328 
PRO CG  HG3  sing N N 329 
PRO CD  HD2  sing N N 330 
PRO CD  HD3  sing N N 331 
PRO OXT HXT  sing N N 332 
SER N   CA   sing N N 333 
SER N   H    sing N N 334 
SER N   H2   sing N N 335 
SER CA  C    sing N N 336 
SER CA  CB   sing N N 337 
SER CA  HA   sing N N 338 
SER C   O    doub N N 339 
SER C   OXT  sing N N 340 
SER CB  OG   sing N N 341 
SER CB  HB2  sing N N 342 
SER CB  HB3  sing N N 343 
SER OG  HG   sing N N 344 
SER OXT HXT  sing N N 345 
THR N   CA   sing N N 346 
THR N   H    sing N N 347 
THR N   H2   sing N N 348 
THR CA  C    sing N N 349 
THR CA  CB   sing N N 350 
THR CA  HA   sing N N 351 
THR C   O    doub N N 352 
THR C   OXT  sing N N 353 
THR CB  OG1  sing N N 354 
THR CB  CG2  sing N N 355 
THR CB  HB   sing N N 356 
THR OG1 HG1  sing N N 357 
THR CG2 HG21 sing N N 358 
THR CG2 HG22 sing N N 359 
THR CG2 HG23 sing N N 360 
THR OXT HXT  sing N N 361 
TRP N   CA   sing N N 362 
TRP N   H    sing N N 363 
TRP N   H2   sing N N 364 
TRP CA  C    sing N N 365 
TRP CA  CB   sing N N 366 
TRP CA  HA   sing N N 367 
TRP C   O    doub N N 368 
TRP C   OXT  sing N N 369 
TRP CB  CG   sing N N 370 
TRP CB  HB2  sing N N 371 
TRP CB  HB3  sing N N 372 
TRP CG  CD1  doub Y N 373 
TRP CG  CD2  sing Y N 374 
TRP CD1 NE1  sing Y N 375 
TRP CD1 HD1  sing N N 376 
TRP CD2 CE2  doub Y N 377 
TRP CD2 CE3  sing Y N 378 
TRP NE1 CE2  sing Y N 379 
TRP NE1 HE1  sing N N 380 
TRP CE2 CZ2  sing Y N 381 
TRP CE3 CZ3  doub Y N 382 
TRP CE3 HE3  sing N N 383 
TRP CZ2 CH2  doub Y N 384 
TRP CZ2 HZ2  sing N N 385 
TRP CZ3 CH2  sing Y N 386 
TRP CZ3 HZ3  sing N N 387 
TRP CH2 HH2  sing N N 388 
TRP OXT HXT  sing N N 389 
TYR N   CA   sing N N 390 
TYR N   H    sing N N 391 
TYR N   H2   sing N N 392 
TYR CA  C    sing N N 393 
TYR CA  CB   sing N N 394 
TYR CA  HA   sing N N 395 
TYR C   O    doub N N 396 
TYR C   OXT  sing N N 397 
TYR CB  CG   sing N N 398 
TYR CB  HB2  sing N N 399 
TYR CB  HB3  sing N N 400 
TYR CG  CD1  doub Y N 401 
TYR CG  CD2  sing Y N 402 
TYR CD1 CE1  sing Y N 403 
TYR CD1 HD1  sing N N 404 
TYR CD2 CE2  doub Y N 405 
TYR CD2 HD2  sing N N 406 
TYR CE1 CZ   doub Y N 407 
TYR CE1 HE1  sing N N 408 
TYR CE2 CZ   sing Y N 409 
TYR CE2 HE2  sing N N 410 
TYR CZ  OH   sing N N 411 
TYR OH  HH   sing N N 412 
TYR OXT HXT  sing N N 413 
VAL N   CA   sing N N 414 
VAL N   H    sing N N 415 
VAL N   H2   sing N N 416 
VAL CA  C    sing N N 417 
VAL CA  CB   sing N N 418 
VAL CA  HA   sing N N 419 
VAL C   O    doub N N 420 
VAL C   OXT  sing N N 421 
VAL CB  CG1  sing N N 422 
VAL CB  CG2  sing N N 423 
VAL CB  HB   sing N N 424 
VAL CG1 HG11 sing N N 425 
VAL CG1 HG12 sing N N 426 
VAL CG1 HG13 sing N N 427 
VAL CG2 HG21 sing N N 428 
VAL CG2 HG22 sing N N 429 
VAL CG2 HG23 sing N N 430 
VAL OXT HXT  sing N N 431 
# 
_atom_sites.entry_id                    5XI4 
_atom_sites.fract_transf_matrix[1][1]   -0.00077609 
_atom_sites.fract_transf_matrix[1][2]   0.02809682 
_atom_sites.fract_transf_matrix[1][3]   0.00453481 
_atom_sites.fract_transf_matrix[2][1]   -0.01796607 
_atom_sites.fract_transf_matrix[2][2]   0.00127400 
_atom_sites.fract_transf_matrix[2][3]   -0.01096818 
_atom_sites.fract_transf_matrix[3][1]   -0.00671981 
_atom_sites.fract_transf_matrix[3][2]   -0.00192606 
_atom_sites.fract_transf_matrix[3][3]   0.01078344 
_atom_sites.fract_transf_vector[1]      -0.342666 
_atom_sites.fract_transf_vector[2]      0.064642 
_atom_sites.fract_transf_vector[3]      -0.102289 
# 
loop_
_atom_type.symbol 
C 
N 
O 
S 
# 
loop_
_atom_site.group_PDB 
_atom_site.id 
_atom_site.type_symbol 
_atom_site.label_atom_id 
_atom_site.label_alt_id 
_atom_site.label_comp_id 
_atom_site.label_asym_id 
_atom_site.label_entity_id 
_atom_site.label_seq_id 
_atom_site.pdbx_PDB_ins_code 
_atom_site.Cartn_x 
_atom_site.Cartn_y 
_atom_site.Cartn_z 
_atom_site.occupancy 
_atom_site.B_iso_or_equiv 
_atom_site.pdbx_formal_charge 
_atom_site.auth_seq_id 
_atom_site.auth_comp_id 
_atom_site.auth_asym_id 
_atom_site.auth_atom_id 
_atom_site.pdbx_PDB_model_num 
ATOM   1    N N   . MET A 1 1   ? 19.346  -4.330  8.660   1.00 32.19 ? 43  MET A N   1 
ATOM   2    C CA  . MET A 1 1   ? 18.132  -5.152  8.665   1.00 36.10 ? 43  MET A CA  1 
ATOM   3    C C   . MET A 1 1   ? 17.136  -4.648  7.631   1.00 28.59 ? 43  MET A C   1 
ATOM   4    O O   . MET A 1 1   ? 16.376  -5.447  7.094   1.00 34.74 ? 43  MET A O   1 
ATOM   5    C CB  . MET A 1 1   ? 17.490  -5.180  10.062  1.00 38.25 ? 43  MET A CB  1 
ATOM   6    C CG  . MET A 1 1   ? 16.008  -5.671  10.080  1.00 38.11 ? 43  MET A CG  1 
ATOM   7    S SD  . MET A 1 1   ? 15.870  -7.365  9.384   1.00 51.63 ? 43  MET A SD  1 
ATOM   8    C CE  . MET A 1 1   ? 14.123  -7.475  9.145   1.00 37.11 ? 43  MET A CE  1 
ATOM   9    N N   . ASN A 1 2   ? 17.163  -3.364  7.290   1.00 25.92 ? 44  ASN A N   1 
ATOM   10   C CA  . ASN A 1 2   ? 16.159  -2.846  6.363   1.00 21.25 ? 44  ASN A CA  1 
ATOM   11   C C   . ASN A 1 2   ? 16.608  -3.084  4.930   1.00 18.19 ? 44  ASN A C   1 
ATOM   12   O O   . ASN A 1 2   ? 17.713  -2.676  4.562   1.00 21.27 ? 44  ASN A O   1 
ATOM   13   C CB  . ASN A 1 2   ? 15.892  -1.359  6.571   1.00 21.22 ? 44  ASN A CB  1 
ATOM   14   C CG  . ASN A 1 2   ? 15.071  -1.091  7.811   1.00 19.44 ? 44  ASN A CG  1 
ATOM   15   O OD1 . ASN A 1 2   ? 14.317  -1.949  8.260   1.00 18.93 ? 44  ASN A OD1 1 
ATOM   16   N ND2 . ASN A 1 2   ? 15.234  0.089   8.383   1.00 18.94 ? 44  ASN A ND2 1 
ATOM   17   N N   . PRO A 1 3   ? 15.797  -3.731  4.110   1.00 15.79 ? 45  PRO A N   1 
ATOM   18   C CA  . PRO A 1 3   ? 16.111  -3.854  2.703   1.00 18.18 ? 45  PRO A CA  1 
ATOM   19   C C   . PRO A 1 3   ? 15.889  -2.522  2.019   1.00 15.08 ? 45  PRO A C   1 
ATOM   20   O O   . PRO A 1 3   ? 15.264  -1.617  2.596   1.00 16.46 ? 45  PRO A O   1 
ATOM   21   C CB  . PRO A 1 3   ? 15.085  -4.895  2.227   1.00 17.12 ? 45  PRO A CB  1 
ATOM   22   C CG  . PRO A 1 3   ? 13.898  -4.659  3.112   1.00 15.59 ? 45  PRO A CG  1 
ATOM   23   C CD  . PRO A 1 3   ? 14.460  -4.264  4.440   1.00 18.21 ? 45  PRO A CD  1 
ATOM   24   N N   . PRO A 1 4   ? 16.373  -2.347  0.795   1.00 15.67 ? 46  PRO A N   1 
ATOM   25   C CA  . PRO A 1 4   ? 15.985  -1.173  0.028   1.00 17.62 ? 46  PRO A CA  1 
ATOM   26   C C   . PRO A 1 4   ? 14.480  -1.165  -0.171  1.00 16.77 ? 46  PRO A C   1 
ATOM   27   O O   . PRO A 1 4   ? 13.847  -2.234  -0.263  1.00 18.24 ? 46  PRO A O   1 
ATOM   28   C CB  . PRO A 1 4   ? 16.715  -1.360  -1.307  1.00 18.41 ? 46  PRO A CB  1 
ATOM   29   C CG  . PRO A 1 4   ? 16.993  -2.820  -1.389  1.00 19.55 ? 46  PRO A CG  1 
ATOM   30   C CD  . PRO A 1 4   ? 17.261  -3.240  0.027   1.00 16.82 ? 46  PRO A CD  1 
ATOM   31   N N   . PRO A 1 5   ? 13.869  0.010   -0.245  1.00 18.10 ? 47  PRO A N   1 
ATOM   32   C CA  . PRO A 1 5   ? 12.418  0.084   -0.403  1.00 17.14 ? 47  PRO A CA  1 
ATOM   33   C C   . PRO A 1 5   ? 12.007  -0.294  -1.814  1.00 17.59 ? 47  PRO A C   1 
ATOM   34   O O   . PRO A 1 5   ? 12.839  -0.303  -2.735  1.00 17.53 ? 47  PRO A O   1 
ATOM   35   C CB  . PRO A 1 5   ? 12.109  1.558   -0.106  1.00 16.98 ? 47  PRO A CB  1 
ATOM   36   C CG  . PRO A 1 5   ? 13.359  2.278   -0.448  1.00 23.54 ? 47  PRO A CG  1 
ATOM   37   C CD  . PRO A 1 5   ? 14.489  1.341   -0.111  1.00 19.88 ? 47  PRO A CD  1 
ATOM   38   N N   . PRO A 1 6   ? 10.736  -0.633  -2.029  1.00 15.21 ? 48  PRO A N   1 
ATOM   39   C CA  . PRO A 1 6   ? 10.291  -0.961  -3.390  1.00 16.00 ? 48  PRO A CA  1 
ATOM   40   C C   . PRO A 1 6   ? 10.545  0.203   -4.336  1.00 15.62 ? 48  PRO A C   1 
ATOM   41   O O   . PRO A 1 6   ? 10.532  1.372   -3.943  1.00 17.55 ? 48  PRO A O   1 
ATOM   42   C CB  . PRO A 1 6   ? 8.788   -1.223  -3.225  1.00 15.20 ? 48  PRO A CB  1 
ATOM   43   C CG  . PRO A 1 6   ? 8.587   -1.487  -1.739  1.00 14.29 ? 48  PRO A CG  1 
ATOM   44   C CD  . PRO A 1 6   ? 9.638   -0.684  -1.042  1.00 15.39 ? 48  PRO A CD  1 
ATOM   45   N N   . GLU A 1 7   ? 10.802  -0.120  -5.600  1.00 18.53 ? 49  GLU A N   1 
ATOM   46   C CA  . GLU A 1 7   ? 11.068  0.944   -6.554  1.00 20.19 ? 49  GLU A CA  1 
ATOM   47   C C   . GLU A 1 7   ? 9.825   1.802   -6.732  1.00 18.83 ? 49  GLU A C   1 
ATOM   48   O O   . GLU A 1 7   ? 8.692   1.308   -6.705  1.00 17.75 ? 49  GLU A O   1 
ATOM   49   C CB  . GLU A 1 7   ? 11.548  0.387   -7.900  1.00 25.81 ? 49  GLU A CB  1 
ATOM   50   C CG  . GLU A 1 7   ? 10.527  -0.355  -8.730  1.00 25.53 ? 49  GLU A CG  1 
ATOM   51   C CD  . GLU A 1 7   ? 11.027  -0.637  -10.149 1.00 28.93 ? 49  GLU A CD  1 
ATOM   52   O OE1 . GLU A 1 7   ? 10.217  -1.077  -10.984 1.00 27.62 ? 49  GLU A OE1 1 
ATOM   53   O OE2 . GLU A 1 7   ? 12.229  -0.427  -10.419 1.00 30.24 ? 49  GLU A OE2 1 
ATOM   54   N N   . THR A 1 8   ? 10.041  3.102   -6.871  1.00 16.35 ? 50  THR A N   1 
ATOM   55   C CA  . THR A 1 8   ? 8.967   4.020   -7.190  1.00 18.61 ? 50  THR A CA  1 
ATOM   56   C C   . THR A 1 8   ? 9.142   4.657   -8.560  1.00 23.78 ? 50  THR A C   1 
ATOM   57   O O   . THR A 1 8   ? 8.302   5.461   -8.963  1.00 23.10 ? 50  THR A O   1 
ATOM   58   C CB  . THR A 1 8   ? 8.789   5.066   -6.072  1.00 18.04 ? 50  THR A CB  1 
ATOM   59   O OG1 . THR A 1 8   ? 10.052  5.670   -5.777  1.00 24.92 ? 50  THR A OG1 1 
ATOM   60   C CG2 . THR A 1 8   ? 8.247   4.405   -4.792  1.00 18.80 ? 50  THR A CG2 1 
ATOM   61   N N   . SER A 1 9   ? 10.205  4.307   -9.290  1.00 26.90 ? 51  SER A N   1 
ATOM   62   C CA  . SER A 1 9   ? 10.317  4.657   -10.705 1.00 32.57 ? 51  SER A CA  1 
ATOM   63   C C   . SER A 1 9   ? 11.090  3.566   -11.436 1.00 34.10 ? 51  SER A C   1 
ATOM   64   O O   . SER A 1 9   ? 12.078  3.052   -10.910 1.00 30.88 ? 51  SER A O   1 
ATOM   65   C CB  . SER A 1 9   ? 11.026  6.000   -10.905 1.00 38.87 ? 51  SER A CB  1 
ATOM   66   O OG  . SER A 1 9   ? 12.437  5.861   -10.810 1.00 40.70 ? 51  SER A OG  1 
ATOM   67   N N   . ASN A 1 10  ? 10.639  3.228   -12.663 1.00 38.49 ? 52  ASN A N   1 
ATOM   68   C CA  . ASN A 1 10  ? 11.243  2.188   -13.496 1.00 32.15 ? 52  ASN A CA  1 
ATOM   69   C C   . ASN A 1 10  ? 11.078  2.562   -14.961 1.00 45.74 ? 52  ASN A C   1 
ATOM   70   O O   . ASN A 1 10  ? 9.958   2.545   -15.492 1.00 42.99 ? 52  ASN A O   1 
ATOM   71   C CB  . ASN A 1 10  ? 10.581  0.830   -13.256 1.00 39.18 ? 52  ASN A CB  1 
ATOM   72   C CG  . ASN A 1 10  ? 11.365  -0.338  -13.860 1.00 39.35 ? 52  ASN A CG  1 
ATOM   73   O OD1 . ASN A 1 10  ? 12.124  -0.169  -14.811 1.00 46.14 ? 52  ASN A OD1 1 
ATOM   74   N ND2 . ASN A 1 10  ? 11.174  -1.535  -13.301 1.00 43.95 ? 52  ASN A ND2 1 
ATOM   75   N N   . PRO A 1 11  ? 12.143  2.915   -15.635 1.00 45.24 ? 53  PRO A N   1 
ATOM   76   C CA  . PRO A 1 11  ? 12.005  3.267   -17.054 1.00 41.34 ? 53  PRO A CA  1 
ATOM   77   C C   . PRO A 1 11  ? 11.889  2.079   -18.005 1.00 40.82 ? 53  PRO A C   1 
ATOM   78   O O   . PRO A 1 11  ? 11.287  2.214   -19.074 1.00 42.55 ? 53  PRO A O   1 
ATOM   79   C CB  . PRO A 1 11  ? 13.221  4.166   -17.317 1.00 41.59 ? 53  PRO A CB  1 
ATOM   80   C CG  . PRO A 1 11  ? 13.560  4.708   -15.934 1.00 43.25 ? 53  PRO A CG  1 
ATOM   81   C CD  . PRO A 1 11  ? 13.338  3.524   -15.035 1.00 43.90 ? 53  PRO A CD  1 
ATOM   82   N N   . ASN A 1 12  ? 12.444  0.914   -17.649 1.00 47.06 ? 54  ASN A N   1 
ATOM   83   C CA  . ASN A 1 12  ? 12.170  -0.310  -18.403 1.00 49.49 ? 54  ASN A CA  1 
ATOM   84   C C   . ASN A 1 12  ? 10.675  -0.603  -18.541 1.00 50.30 ? 54  ASN A C   1 
ATOM   85   O O   . ASN A 1 12  ? 10.317  -1.528  -19.277 1.00 49.99 ? 54  ASN A O   1 
ATOM   86   C CB  . ASN A 1 12  ? 12.869  -1.520  -17.753 1.00 50.97 ? 54  ASN A CB  1 
ATOM   87   C CG  . ASN A 1 12  ? 14.382  -1.565  -18.021 1.00 45.47 ? 54  ASN A CG  1 
ATOM   88   O OD1 . ASN A 1 12  ? 14.842  -1.285  -19.130 1.00 50.64 ? 54  ASN A OD1 1 
ATOM   89   N ND2 . ASN A 1 12  ? 15.151  -1.926  -17.004 1.00 42.16 ? 54  ASN A ND2 1 
ATOM   90   N N   . LYS A 1 13  ? 9.789   0.175   -17.856 1.00 46.87 ? 55  LYS A N   1 
ATOM   91   C CA  . LYS A 1 13  ? 8.370   -0.056  -17.642 1.00 39.01 ? 55  LYS A CA  1 
ATOM   92   C C   . LYS A 1 13  ? 7.500   1.005   -18.320 1.00 38.34 ? 55  LYS A C   1 
ATOM   93   O O   . LYS A 1 13  ? 7.777   2.205   -18.219 1.00 36.31 ? 55  LYS A O   1 
ATOM   94   C CB  . LYS A 1 13  ? 8.099   -0.040  -16.133 1.00 40.19 ? 55  LYS A CB  1 
ATOM   95   C CG  . LYS A 1 13  ? 6.801   -0.681  -15.756 1.00 39.49 ? 55  LYS A CG  1 
ATOM   96   C CD  . LYS A 1 13  ? 6.703   -0.857  -14.258 1.00 33.96 ? 55  LYS A CD  1 
ATOM   97   C CE  . LYS A 1 13  ? 5.484   -1.630  -13.926 1.00 32.80 ? 55  LYS A CE  1 
ATOM   98   N NZ  . LYS A 1 13  ? 4.280   -0.846  -14.385 1.00 30.19 ? 55  LYS A NZ  1 
ATOM   99   N N   . PRO A 1 14  ? 6.441   0.593   -19.009 1.00 30.16 ? 56  PRO A N   1 
ATOM   100  C CA  . PRO A 1 14  ? 5.540   1.560   -19.640 1.00 27.67 ? 56  PRO A CA  1 
ATOM   101  C C   . PRO A 1 14  ? 4.517   2.099   -18.654 1.00 31.33 ? 56  PRO A C   1 
ATOM   102  O O   . PRO A 1 14  ? 4.095   1.419   -17.716 1.00 30.78 ? 56  PRO A O   1 
ATOM   103  C CB  . PRO A 1 14  ? 4.844   0.723   -20.716 1.00 24.01 ? 56  PRO A CB  1 
ATOM   104  C CG  . PRO A 1 14  ? 4.744   -0.621  -20.094 1.00 28.66 ? 56  PRO A CG  1 
ATOM   105  C CD  . PRO A 1 14  ? 6.009   -0.797  -19.251 1.00 35.61 ? 56  PRO A CD  1 
ATOM   106  N N   . LYS A 1 15  ? 4.109   3.339   -18.893 1.00 24.50 ? 57  LYS A N   1 
ATOM   107  C CA  . LYS A 1 15  ? 3.351   4.116   -17.926 1.00 25.61 ? 57  LYS A CA  1 
ATOM   108  C C   . LYS A 1 15  ? 2.033   4.557   -18.539 1.00 22.49 ? 57  LYS A C   1 
ATOM   109  O O   . LYS A 1 15  ? 1.931   4.742   -19.753 1.00 20.16 ? 57  LYS A O   1 
ATOM   110  C CB  . LYS A 1 15  ? 4.137   5.363   -17.516 1.00 25.23 ? 57  LYS A CB  1 
ATOM   111  C CG  . LYS A 1 15  ? 5.501   5.050   -16.917 1.00 28.40 ? 57  LYS A CG  1 
ATOM   112  C CD  . LYS A 1 15  ? 6.167   6.304   -16.394 1.00 25.98 ? 57  LYS A CD  1 
ATOM   113  C CE  . LYS A 1 15  ? 7.248   5.964   -15.374 1.00 28.88 ? 57  LYS A CE  1 
ATOM   114  N NZ  . LYS A 1 15  ? 7.695   7.172   -14.636 1.00 33.10 ? 57  LYS A NZ  1 
ATOM   115  N N   . ARG A 1 16  ? 1.024   4.749   -17.693 1.00 19.68 ? 58  ARG A N   1 
ATOM   116  C CA  . ARG A 1 16  ? -0.229  5.247   -18.215 1.00 20.52 ? 58  ARG A CA  1 
ATOM   117  C C   . ARG A 1 16  ? -0.916  6.094   -17.161 1.00 27.67 ? 58  ARG A C   1 
ATOM   118  O O   . ARG A 1 16  ? -0.817  5.837   -15.960 1.00 23.90 ? 58  ARG A O   1 
ATOM   119  C CB  . ARG A 1 16  ? -1.112  4.099   -18.704 1.00 23.25 ? 58  ARG A CB  1 
ATOM   120  C CG  . ARG A 1 16  ? -1.880  4.444   -19.952 1.00 23.19 ? 58  ARG A CG  1 
ATOM   121  C CD  . ARG A 1 16  ? -2.350  3.205   -20.687 1.00 17.93 ? 58  ARG A CD  1 
ATOM   122  N NE  . ARG A 1 16  ? -3.045  2.310   -19.776 1.00 15.37 ? 58  ARG A NE  1 
ATOM   123  C CZ  . ARG A 1 16  ? -4.143  1.629   -20.077 1.00 14.42 ? 58  ARG A CZ  1 
ATOM   124  N NH1 . ARG A 1 16  ? -4.705  1.728   -21.278 1.00 17.53 ? 58  ARG A NH1 1 
ATOM   125  N NH2 . ARG A 1 16  ? -4.696  0.850   -19.162 1.00 19.51 ? 58  ARG A NH2 1 
ATOM   126  N N   . GLN A 1 17  ? -1.576  7.133   -17.638 1.00 28.98 ? 59  GLN A N   1 
ATOM   127  C CA  . GLN A 1 17  ? -2.465  7.983   -16.864 1.00 33.77 ? 59  GLN A CA  1 
ATOM   128  C C   . GLN A 1 17  ? -3.867  7.624   -17.328 1.00 32.62 ? 59  GLN A C   1 
ATOM   129  O O   . GLN A 1 17  ? -4.276  7.965   -18.450 1.00 35.12 ? 59  GLN A O   1 
ATOM   130  C CB  . GLN A 1 17  ? -2.164  9.450   -17.177 1.00 34.29 ? 59  GLN A CB  1 
ATOM   131  C CG  . GLN A 1 17  ? -1.244  10.107  -16.183 1.00 40.28 ? 59  GLN A CG  1 
ATOM   132  C CD  . GLN A 1 17  ? -0.453  11.223  -16.798 1.00 44.82 ? 59  GLN A CD  1 
ATOM   133  O OE1 . GLN A 1 17  ? 0.169   11.045  -17.851 1.00 48.33 ? 59  GLN A OE1 1 
ATOM   134  N NE2 . GLN A 1 17  ? -0.426  12.369  -16.133 1.00 44.37 ? 59  GLN A NE2 1 
ATOM   135  N N   . THR A 1 18  ? -4.577  6.883   -16.505 1.00 21.28 ? 60  THR A N   1 
ATOM   136  C CA  . THR A 1 18  ? -5.977  6.600   -16.749 1.00 20.07 ? 60  THR A CA  1 
ATOM   137  C C   . THR A 1 18  ? -6.822  7.385   -15.753 1.00 26.20 ? 60  THR A C   1 
ATOM   138  O O   . THR A 1 18  ? -6.318  7.898   -14.747 1.00 22.62 ? 60  THR A O   1 
ATOM   139  C CB  . THR A 1 18  ? -6.293  5.099   -16.658 1.00 21.50 ? 60  THR A CB  1 
ATOM   140  O OG1 . THR A 1 18  ? -6.191  4.684   -15.289 1.00 21.48 ? 60  THR A OG1 1 
ATOM   141  C CG2 . THR A 1 18  ? -5.323  4.306   -17.505 1.00 22.40 ? 60  THR A CG2 1 
ATOM   142  N N   . ASN A 1 19  ? -8.113  7.529   -16.077 1.00 24.38 ? 61  ASN A N   1 
ATOM   143  C CA  . ASN A 1 19  ? -9.029  8.201   -15.157 1.00 27.60 ? 61  ASN A CA  1 
ATOM   144  C C   . ASN A 1 19  ? -9.107  7.455   -13.834 1.00 24.07 ? 61  ASN A C   1 
ATOM   145  O O   . ASN A 1 19  ? -9.183  8.075   -12.766 1.00 24.02 ? 61  ASN A O   1 
ATOM   146  C CB  . ASN A 1 19  ? -10.420 8.300   -15.781 1.00 25.37 ? 61  ASN A CB  1 
ATOM   147  C CG  . ASN A 1 19  ? -10.499 9.350   -16.871 1.00 31.21 ? 61  ASN A CG  1 
ATOM   148  O OD1 . ASN A 1 19  ? -9.663  10.252  -16.953 1.00 34.06 ? 61  ASN A OD1 1 
ATOM   149  N ND2 . ASN A 1 19  ? -11.517 9.238   -17.712 1.00 36.82 ? 61  ASN A ND2 1 
ATOM   150  N N   . GLN A 1 20  ? -9.083  6.119   -13.888 1.00 22.93 ? 62  GLN A N   1 
ATOM   151  C CA  . GLN A 1 20  ? -9.117  5.332   -12.659 1.00 18.30 ? 62  GLN A CA  1 
ATOM   152  C C   . GLN A 1 20  ? -7.846  5.515   -11.847 1.00 20.51 ? 62  GLN A C   1 
ATOM   153  O O   . GLN A 1 20  ? -7.900  5.566   -10.614 1.00 18.28 ? 62  GLN A O   1 
ATOM   154  C CB  . GLN A 1 20  ? -9.359  3.855   -12.962 1.00 19.82 ? 62  GLN A CB  1 
ATOM   155  C CG  . GLN A 1 20  ? -10.683 3.576   -13.630 1.00 21.09 ? 62  GLN A CG  1 
ATOM   156  C CD  . GLN A 1 20  ? -11.020 2.101   -13.663 1.00 25.76 ? 62  GLN A CD  1 
ATOM   157  O OE1 . GLN A 1 20  ? -10.165 1.252   -13.423 1.00 32.37 ? 62  GLN A OE1 1 
ATOM   158  N NE2 . GLN A 1 20  ? -12.275 1.788   -13.942 1.00 25.33 ? 62  GLN A NE2 1 
ATOM   159  N N   . LEU A 1 21  ? -6.695  5.607   -12.509 1.00 17.82 ? 63  LEU A N   1 
ATOM   160  C CA  . LEU A 1 21  ? -5.459  5.820   -11.767 1.00 18.45 ? 63  LEU A CA  1 
ATOM   161  C C   . LEU A 1 21  ? -5.425  7.202   -11.118 1.00 20.92 ? 63  LEU A C   1 
ATOM   162  O O   . LEU A 1 21  ? -4.942  7.348   -9.989  1.00 21.11 ? 63  LEU A O   1 
ATOM   163  C CB  . LEU A 1 21  ? -4.250  5.554   -12.658 1.00 18.30 ? 63  LEU A CB  1 
ATOM   164  C CG  . LEU A 1 21  ? -3.900  4.071   -12.825 1.00 15.20 ? 63  LEU A CG  1 
ATOM   165  C CD1 . LEU A 1 21  ? -3.013  3.858   -14.074 1.00 17.50 ? 63  LEU A CD1 1 
ATOM   166  C CD2 . LEU A 1 21  ? -3.198  3.533   -11.585 1.00 16.83 ? 63  LEU A CD2 1 
ATOM   167  N N   . GLN A 1 22  ? -5.950  8.227   -11.801 1.00 23.40 ? 64  GLN A N   1 
ATOM   168  C CA  . GLN A 1 22  ? -6.022  9.552   -11.186 1.00 21.89 ? 64  GLN A CA  1 
ATOM   169  C C   . GLN A 1 22  ? -6.918  9.535   -9.955  1.00 21.17 ? 64  GLN A C   1 
ATOM   170  O O   . GLN A 1 22  ? -6.590  10.142  -8.928  1.00 23.80 ? 64  GLN A O   1 
ATOM   171  C CB  . GLN A 1 22  ? -6.522  10.582  -12.202 1.00 23.75 ? 64  GLN A CB  1 
ATOM   172  C CG  . GLN A 1 22  ? -5.556  10.817  -13.355 1.00 28.04 ? 64  GLN A CG  1 
ATOM   173  C CD  . GLN A 1 22  ? -6.136  11.728  -14.420 1.00 34.69 ? 64  GLN A CD  1 
ATOM   174  O OE1 . GLN A 1 22  ? -7.220  11.468  -14.952 1.00 35.68 ? 64  GLN A OE1 1 
ATOM   175  N NE2 . GLN A 1 22  ? -5.414  12.799  -14.742 1.00 35.84 ? 64  GLN A NE2 1 
ATOM   176  N N   . TYR A 1 23  ? -8.053  8.834   -10.049 1.00 18.01 ? 65  TYR A N   1 
ATOM   177  C CA  . TYR A 1 23  ? -8.989  8.693   -8.940  1.00 19.41 ? 65  TYR A CA  1 
ATOM   178  C C   . TYR A 1 23  ? -8.379  7.894   -7.798  1.00 20.52 ? 65  TYR A C   1 
ATOM   179  O O   . TYR A 1 23  ? -8.595  8.218   -6.621  1.00 19.99 ? 65  TYR A O   1 
ATOM   180  C CB  . TYR A 1 23  ? -10.240 8.002   -9.474  1.00 19.26 ? 65  TYR A CB  1 
ATOM   181  C CG  . TYR A 1 23  ? -11.372 7.744   -8.513  1.00 20.32 ? 65  TYR A CG  1 
ATOM   182  C CD1 . TYR A 1 23  ? -12.395 8.676   -8.347  1.00 23.79 ? 65  TYR A CD1 1 
ATOM   183  C CD2 . TYR A 1 23  ? -11.483 6.531   -7.849  1.00 19.02 ? 65  TYR A CD2 1 
ATOM   184  C CE1 . TYR A 1 23  ? -13.453 8.428   -7.508  1.00 20.93 ? 65  TYR A CE1 1 
ATOM   185  C CE2 . TYR A 1 23  ? -12.541 6.275   -6.984  1.00 18.85 ? 65  TYR A CE2 1 
ATOM   186  C CZ  . TYR A 1 23  ? -13.535 7.226   -6.826  1.00 19.87 ? 65  TYR A CZ  1 
ATOM   187  O OH  . TYR A 1 23  ? -14.604 6.979   -5.982  1.00 22.42 ? 65  TYR A OH  1 
ATOM   188  N N   . LEU A 1 24  ? -7.637  6.830   -8.118  1.00 17.28 ? 66  LEU A N   1 
ATOM   189  C CA  . LEU A 1 24  ? -6.955  6.083   -7.063  1.00 17.29 ? 66  LEU A CA  1 
ATOM   190  C C   . LEU A 1 24  ? -6.003  6.972   -6.275  1.00 20.00 ? 66  LEU A C   1 
ATOM   191  O O   . LEU A 1 24  ? -5.843  6.786   -5.062  1.00 19.26 ? 66  LEU A O   1 
ATOM   192  C CB  . LEU A 1 24  ? -6.216  4.877   -7.649  1.00 15.98 ? 66  LEU A CB  1 
ATOM   193  C CG  . LEU A 1 24  ? -7.022  3.615   -7.966  1.00 16.75 ? 66  LEU A CG  1 
ATOM   194  C CD1 . LEU A 1 24  ? -6.190  2.626   -8.761  1.00 20.59 ? 66  LEU A CD1 1 
ATOM   195  C CD2 . LEU A 1 24  ? -7.527  2.961   -6.682  1.00 20.51 ? 66  LEU A CD2 1 
ATOM   196  N N   . LEU A 1 25  ? -5.369  7.950   -6.927  1.00 17.67 ? 67  LEU A N   1 
ATOM   197  C CA  . LEU A 1 25  ? -4.517  8.880   -6.195  1.00 20.06 ? 67  LEU A CA  1 
ATOM   198  C C   . LEU A 1 25  ? -5.334  9.964   -5.506  1.00 22.72 ? 67  LEU A C   1 
ATOM   199  O O   . LEU A 1 25  ? -5.241  10.136  -4.289  1.00 23.52 ? 67  LEU A O   1 
ATOM   200  C CB  . LEU A 1 25  ? -3.472  9.510   -7.120  1.00 21.26 ? 67  LEU A CB  1 
ATOM   201  C CG  . LEU A 1 25  ? -2.538  10.524  -6.450  1.00 22.70 ? 67  LEU A CG  1 
ATOM   202  C CD1 . LEU A 1 25  ? -1.723  9.889   -5.327  1.00 22.74 ? 67  LEU A CD1 1 
ATOM   203  C CD2 . LEU A 1 25  ? -1.605  11.155  -7.471  1.00 25.12 ? 67  LEU A CD2 1 
ATOM   204  N N   . ARG A 1 26  ? -6.156  10.687  -6.269  1.00 20.32 ? 68  ARG A N   1 
ATOM   205  C CA  . ARG A 1 26  ? -6.780  11.903  -5.752  1.00 23.39 ? 68  ARG A CA  1 
ATOM   206  C C   . ARG A 1 26  ? -7.837  11.597  -4.702  1.00 23.42 ? 68  ARG A C   1 
ATOM   207  O O   . ARG A 1 26  ? -8.003  12.363  -3.744  1.00 23.84 ? 68  ARG A O   1 
ATOM   208  C CB  . ARG A 1 26  ? -7.388  12.716  -6.900  1.00 26.79 ? 68  ARG A CB  1 
ATOM   209  C CG  . ARG A 1 26  ? -7.983  14.060  -6.453  1.00 28.53 ? 68  ARG A CG  1 
ATOM   210  C CD  . ARG A 1 26  ? -8.715  14.799  -7.580  1.00 30.06 ? 68  ARG A CD  1 
ATOM   211  N NE  . ARG A 1 26  ? -9.873  14.068  -8.096  1.00 33.48 ? 68  ARG A NE  1 
ATOM   212  C CZ  . ARG A 1 26  ? -11.113 14.168  -7.615  1.00 30.24 ? 68  ARG A CZ  1 
ATOM   213  N NH1 . ARG A 1 26  ? -12.096 13.462  -8.170  1.00 28.31 ? 68  ARG A NH1 1 
ATOM   214  N NH2 . ARG A 1 26  ? -11.374 14.957  -6.573  1.00 30.45 ? 68  ARG A NH2 1 
ATOM   215  N N   . VAL A 1 27  ? -8.555  10.488  -4.857  1.00 19.28 ? 69  VAL A N   1 
ATOM   216  C CA  . VAL A 1 27  ? -9.698  10.153  -4.008  1.00 22.95 ? 69  VAL A CA  1 
ATOM   217  C C   . VAL A 1 27  ? -9.376  9.002   -3.052  1.00 22.00 ? 69  VAL A C   1 
ATOM   218  O O   . VAL A 1 27  ? -9.492  9.147   -1.831  1.00 21.91 ? 69  VAL A O   1 
ATOM   219  C CB  . VAL A 1 27  ? -10.958 9.863   -4.853  1.00 22.64 ? 69  VAL A CB  1 
ATOM   220  C CG1 . VAL A 1 27  ? -12.088 9.349   -3.972  1.00 23.89 ? 69  VAL A CG1 1 
ATOM   221  C CG2 . VAL A 1 27  ? -11.385 11.113  -5.595  1.00 25.03 ? 69  VAL A CG2 1 
ATOM   222  N N   . VAL A 1 28  ? -8.959  7.853   -3.588  1.00 22.08 ? 70  VAL A N   1 
ATOM   223  C CA  . VAL A 1 28  ? -8.826  6.648   -2.765  1.00 18.05 ? 70  VAL A CA  1 
ATOM   224  C C   . VAL A 1 28  ? -7.648  6.770   -1.799  1.00 18.19 ? 70  VAL A C   1 
ATOM   225  O O   . VAL A 1 28  ? -7.817  6.691   -0.573  1.00 17.11 ? 70  VAL A O   1 
ATOM   226  C CB  . VAL A 1 28  ? -8.732  5.387   -3.645  1.00 18.52 ? 70  VAL A CB  1 
ATOM   227  C CG1 . VAL A 1 28  ? -8.573  4.139   -2.770  1.00 17.54 ? 70  VAL A CG1 1 
ATOM   228  C CG2 . VAL A 1 28  ? -9.970  5.260   -4.537  1.00 16.81 ? 70  VAL A CG2 1 
ATOM   229  N N   . LEU A 1 29  ? -6.437  6.957   -2.332  1.00 17.83 ? 71  LEU A N   1 
ATOM   230  C CA  . LEU A 1 29  ? -5.267  7.027   -1.464  1.00 18.92 ? 71  LEU A CA  1 
ATOM   231  C C   . LEU A 1 29  ? -5.356  8.206   -0.500  1.00 21.09 ? 71  LEU A C   1 
ATOM   232  O O   . LEU A 1 29  ? -5.069  8.061   0.694   1.00 18.48 ? 71  LEU A O   1 
ATOM   233  C CB  . LEU A 1 29  ? -3.982  7.074   -2.298  1.00 18.38 ? 71  LEU A CB  1 
ATOM   234  C CG  . LEU A 1 29  ? -2.693  7.039   -1.473  1.00 20.82 ? 71  LEU A CG  1 
ATOM   235  C CD1 . LEU A 1 29  ? -1.674  6.089   -2.095  1.00 24.60 ? 71  LEU A CD1 1 
ATOM   236  C CD2 . LEU A 1 29  ? -2.127  8.442   -1.328  1.00 20.61 ? 71  LEU A CD2 1 
ATOM   237  N N   . LYS A 1 30  ? -5.762  9.380   -0.994  1.00 21.71 ? 72  LYS A N   1 
ATOM   238  C CA  . LYS A 1 30  ? -5.787  10.552  -0.125  1.00 21.96 ? 72  LYS A CA  1 
ATOM   239  C C   . LYS A 1 30  ? -6.820  10.424  0.995   1.00 23.01 ? 72  LYS A C   1 
ATOM   240  O O   . LYS A 1 30  ? -6.572  10.907  2.107   1.00 23.02 ? 72  LYS A O   1 
ATOM   241  C CB  . LYS A 1 30  ? -5.909  11.842  -0.947  1.00 26.34 ? 72  LYS A CB  1 
ATOM   242  C CG  . LYS A 1 30  ? -4.810  11.988  -2.003  1.00 30.63 ? 72  LYS A CG  1 
ATOM   243  C CD  . LYS A 1 30  ? -4.331  13.433  -2.176  1.00 33.32 ? 72  LYS A CD  1 
ATOM   244  C CE  . LYS A 1 30  ? -2.916  13.490  -2.758  1.00 32.85 ? 72  LYS A CE  1 
ATOM   245  N NZ  . LYS A 1 30  ? -2.910  13.382  -4.247  1.00 38.70 ? 72  LYS A NZ  1 
ATOM   246  N N   . THR A 1 31  ? -7.963  9.771   0.744   1.00 19.30 ? 73  THR A N   1 
ATOM   247  C CA  . THR A 1 31  ? -8.895  9.506   1.840   1.00 19.59 ? 73  THR A CA  1 
ATOM   248  C C   . THR A 1 31  ? -8.290  8.547   2.861   1.00 20.08 ? 73  THR A C   1 
ATOM   249  O O   . THR A 1 31  ? -8.366  8.784   4.076   1.00 19.35 ? 73  THR A O   1 
ATOM   250  C CB  . THR A 1 31  ? -10.231 8.978   1.310   1.00 15.67 ? 73  THR A CB  1 
ATOM   251  O OG1 . THR A 1 31  ? -10.740 9.877   0.316   1.00 20.89 ? 73  THR A OG1 1 
ATOM   252  C CG2 . THR A 1 31  ? -11.245 8.838   2.451   1.00 17.40 ? 73  THR A CG2 1 
ATOM   253  N N   . LEU A 1 32  ? -7.722  7.433   2.393   1.00 18.66 ? 74  LEU A N   1 
ATOM   254  C CA  . LEU A 1 32  ? -7.082  6.496   3.312   1.00 19.12 ? 74  LEU A CA  1 
ATOM   255  C C   . LEU A 1 32  ? -5.951  7.166   4.077   1.00 19.49 ? 74  LEU A C   1 
ATOM   256  O O   . LEU A 1 32  ? -5.765  6.907   5.272   1.00 17.22 ? 74  LEU A O   1 
ATOM   257  C CB  . LEU A 1 32  ? -6.558  5.283   2.551   1.00 17.22 ? 74  LEU A CB  1 
ATOM   258  C CG  . LEU A 1 32  ? -7.576  4.228   2.129   1.00 22.53 ? 74  LEU A CG  1 
ATOM   259  C CD1 . LEU A 1 32  ? -6.932  3.267   1.129   1.00 23.51 ? 74  LEU A CD1 1 
ATOM   260  C CD2 . LEU A 1 32  ? -8.104  3.489   3.319   1.00 25.21 ? 74  LEU A CD2 1 
ATOM   261  N N   . TRP A 1 33  ? -5.192  8.032   3.399   1.00 18.85 ? 75  TRP A N   1 
ATOM   262  C CA  . TRP A 1 33  ? -4.035  8.677   4.005   1.00 18.72 ? 75  TRP A CA  1 
ATOM   263  C C   . TRP A 1 33  ? -4.410  9.434   5.267   1.00 19.17 ? 75  TRP A C   1 
ATOM   264  O O   . TRP A 1 33  ? -3.618  9.489   6.215   1.00 20.46 ? 75  TRP A O   1 
ATOM   265  C CB  . TRP A 1 33  ? -3.401  9.635   2.992   1.00 18.74 ? 75  TRP A CB  1 
ATOM   266  C CG  . TRP A 1 33  ? -2.008  10.059  3.364   1.00 21.43 ? 75  TRP A CG  1 
ATOM   267  C CD1 . TRP A 1 33  ? -1.652  11.168  4.079   1.00 19.62 ? 75  TRP A CD1 1 
ATOM   268  C CD2 . TRP A 1 33  ? -0.792  9.374   3.046   1.00 17.10 ? 75  TRP A CD2 1 
ATOM   269  N NE1 . TRP A 1 33  ? -0.281  11.221  4.218   1.00 20.31 ? 75  TRP A NE1 1 
ATOM   270  C CE2 . TRP A 1 33  ? 0.268   10.126  3.599   1.00 20.10 ? 75  TRP A CE2 1 
ATOM   271  C CE3 . TRP A 1 33  ? -0.496  8.196   2.357   1.00 19.93 ? 75  TRP A CE3 1 
ATOM   272  C CZ2 . TRP A 1 33  ? 1.598   9.739   3.477   1.00 21.18 ? 75  TRP A CZ2 1 
ATOM   273  C CZ3 . TRP A 1 33  ? 0.834   7.818   2.232   1.00 16.05 ? 75  TRP A CZ3 1 
ATOM   274  C CH2 . TRP A 1 33  ? 1.860   8.585   2.790   1.00 17.44 ? 75  TRP A CH2 1 
ATOM   275  N N   . LYS A 1 34  ? -5.611  10.017  5.297   1.00 22.18 ? 76  LYS A N   1 
ATOM   276  C CA  . LYS A 1 34  ? -6.074  10.828  6.415   1.00 20.71 ? 76  LYS A CA  1 
ATOM   277  C C   . LYS A 1 34  ? -6.777  10.020  7.493   1.00 22.70 ? 76  LYS A C   1 
ATOM   278  O O   . LYS A 1 34  ? -7.155  10.590  8.524   1.00 24.22 ? 76  LYS A O   1 
ATOM   279  C CB  . LYS A 1 34  ? -7.027  11.922  5.909   1.00 23.65 ? 76  LYS A CB  1 
ATOM   280  C CG  . LYS A 1 34  ? -6.352  12.979  5.051   1.00 26.03 ? 76  LYS A CG  1 
ATOM   281  C CD  . LYS A 1 34  ? -5.260  13.699  5.823   1.00 34.65 ? 76  LYS A CD  1 
ATOM   282  C CE  . LYS A 1 34  ? -5.806  14.333  7.098   1.00 30.86 ? 76  LYS A CE  1 
ATOM   283  N NZ  . LYS A 1 34  ? -4.724  14.926  7.930   1.00 31.68 ? 76  LYS A NZ  1 
ATOM   284  N N   . HIS A 1 35  ? -6.982  8.726   7.280   1.00 18.65 ? 77  HIS A N   1 
ATOM   285  C CA  . HIS A 1 35  ? -7.624  7.907   8.292   1.00 18.51 ? 77  HIS A CA  1 
ATOM   286  C C   . HIS A 1 35  ? -6.769  7.872   9.553   1.00 18.52 ? 77  HIS A C   1 
ATOM   287  O O   . HIS A 1 35  ? -5.538  7.939   9.496   1.00 19.45 ? 77  HIS A O   1 
ATOM   288  C CB  . HIS A 1 35  ? -7.834  6.496   7.750   1.00 20.17 ? 77  HIS A CB  1 
ATOM   289  C CG  . HIS A 1 35  ? -8.761  5.663   8.574   1.00 19.84 ? 77  HIS A CG  1 
ATOM   290  N ND1 . HIS A 1 35  ? -8.370  5.053   9.747   1.00 20.14 ? 77  HIS A ND1 1 
ATOM   291  C CD2 . HIS A 1 35  ? -10.062 5.337   8.393   1.00 21.27 ? 77  HIS A CD2 1 
ATOM   292  C CE1 . HIS A 1 35  ? -9.394  4.389   10.254  1.00 21.49 ? 77  HIS A CE1 1 
ATOM   293  N NE2 . HIS A 1 35  ? -10.432 4.544   9.451   1.00 21.93 ? 77  HIS A NE2 1 
ATOM   294  N N   . GLN A 1 36  ? -7.436  7.792   10.712  1.00 20.23 ? 78  GLN A N   1 
ATOM   295  C CA  . GLN A 1 36  ? -6.721  7.810   11.988  1.00 22.60 ? 78  GLN A CA  1 
ATOM   296  C C   . GLN A 1 36  ? -5.758  6.635   12.143  1.00 22.15 ? 78  GLN A C   1 
ATOM   297  O O   . GLN A 1 36  ? -4.785  6.743   12.901  1.00 19.46 ? 78  GLN A O   1 
ATOM   298  C CB  . GLN A 1 36  ? -7.714  7.844   13.159  1.00 21.52 ? 78  GLN A CB  1 
ATOM   299  C CG  . GLN A 1 36  ? -8.772  6.754   13.115  1.00 22.27 ? 78  GLN A CG  1 
ATOM   300  C CD  . GLN A 1 36  ? -9.474  6.574   14.444  1.00 33.97 ? 78  GLN A CD  1 
ATOM   301  O OE1 . GLN A 1 36  ? -8.967  6.988   15.488  1.00 39.19 ? 78  GLN A OE1 1 
ATOM   302  N NE2 . GLN A 1 36  ? -10.648 5.951   14.413  1.00 34.26 ? 78  GLN A NE2 1 
ATOM   303  N N   . PHE A 1 37  ? -5.995  5.530   11.432  1.00 21.08 ? 79  PHE A N   1 
ATOM   304  C CA  . PHE A 1 37  ? -5.155  4.342   11.507  1.00 16.81 ? 79  PHE A CA  1 
ATOM   305  C C   . PHE A 1 37  ? -4.180  4.236   10.337  1.00 18.71 ? 79  PHE A C   1 
ATOM   306  O O   . PHE A 1 37  ? -3.578  3.176   10.156  1.00 17.25 ? 79  PHE A O   1 
ATOM   307  C CB  . PHE A 1 37  ? -6.011  3.073   11.525  1.00 18.70 ? 79  PHE A CB  1 
ATOM   308  C CG  . PHE A 1 37  ? -6.973  2.973   12.686  1.00 23.30 ? 79  PHE A CG  1 
ATOM   309  C CD1 . PHE A 1 37  ? -6.873  3.801   13.788  1.00 25.17 ? 79  PHE A CD1 1 
ATOM   310  C CD2 . PHE A 1 37  ? -7.995  2.035   12.649  1.00 21.53 ? 79  PHE A CD2 1 
ATOM   311  C CE1 . PHE A 1 37  ? -7.792  3.694   14.835  1.00 28.86 ? 79  PHE A CE1 1 
ATOM   312  C CE2 . PHE A 1 37  ? -8.900  1.914   13.679  1.00 24.40 ? 79  PHE A CE2 1 
ATOM   313  C CZ  . PHE A 1 37  ? -8.804  2.741   14.777  1.00 26.69 ? 79  PHE A CZ  1 
ATOM   314  N N   . ALA A 1 38  ? -4.027  5.291   9.538   1.00 14.25 ? 80  ALA A N   1 
ATOM   315  C CA  . ALA A 1 38  ? -3.202  5.183   8.334   1.00 16.00 ? 80  ALA A CA  1 
ATOM   316  C C   . ALA A 1 38  ? -1.719  5.178   8.652   1.00 16.01 ? 80  ALA A C   1 
ATOM   317  O O   . ALA A 1 38  ? -0.928  4.644   7.863   1.00 14.67 ? 80  ALA A O   1 
ATOM   318  C CB  . ALA A 1 38  ? -3.469  6.347   7.383   1.00 15.75 ? 80  ALA A CB  1 
ATOM   319  N N   . TRP A 1 39  ? -1.318  5.805   9.754   1.00 14.30 ? 81  TRP A N   1 
ATOM   320  C CA  . TRP A 1 39  ? 0.093   6.133   9.947   1.00 16.47 ? 81  TRP A CA  1 
ATOM   321  C C   . TRP A 1 39  ? 1.067   4.957   9.913   1.00 14.47 ? 81  TRP A C   1 
ATOM   322  O O   . TRP A 1 39  ? 2.177   5.140   9.381   1.00 16.39 ? 81  TRP A O   1 
ATOM   323  C CB  . TRP A 1 39  ? 0.277   6.993   11.204  1.00 16.38 ? 81  TRP A CB  1 
ATOM   324  C CG  . TRP A 1 39  ? -0.202  6.374   12.458  1.00 17.11 ? 81  TRP A CG  1 
ATOM   325  C CD1 . TRP A 1 39  ? -1.461  6.466   12.994  1.00 16.98 ? 81  TRP A CD1 1 
ATOM   326  C CD2 . TRP A 1 39  ? 0.556   5.546   13.345  1.00 15.87 ? 81  TRP A CD2 1 
ATOM   327  N NE1 . TRP A 1 39  ? -1.521  5.758   14.170  1.00 17.76 ? 81  TRP A NE1 1 
ATOM   328  C CE2 . TRP A 1 39  ? -0.299  5.180   14.405  1.00 18.55 ? 81  TRP A CE2 1 
ATOM   329  C CE3 . TRP A 1 39  ? 1.877   5.084   13.350  1.00 17.45 ? 81  TRP A CE3 1 
ATOM   330  C CZ2 . TRP A 1 39  ? 0.121   4.373   15.462  1.00 19.90 ? 81  TRP A CZ2 1 
ATOM   331  C CZ3 . TRP A 1 39  ? 2.296   4.279   14.405  1.00 16.85 ? 81  TRP A CZ3 1 
ATOM   332  C CH2 . TRP A 1 39  ? 1.411   3.932   15.444  1.00 17.72 ? 81  TRP A CH2 1 
ATOM   333  N N   . PRO A 1 40  ? 0.765   3.764   10.448  1.00 15.09 ? 82  PRO A N   1 
ATOM   334  C CA  . PRO A 1 40  ? 1.731   2.668   10.305  1.00 14.07 ? 82  PRO A CA  1 
ATOM   335  C C   . PRO A 1 40  ? 1.974   2.282   8.868   1.00 12.55 ? 82  PRO A C   1 
ATOM   336  O O   . PRO A 1 40  ? 3.012   1.681   8.574   1.00 11.89 ? 82  PRO A O   1 
ATOM   337  C CB  . PRO A 1 40  ? 1.094   1.508   11.072  1.00 12.76 ? 82  PRO A CB  1 
ATOM   338  C CG  . PRO A 1 40  ? 0.052   2.144   11.970  1.00 14.68 ? 82  PRO A CG  1 
ATOM   339  C CD  . PRO A 1 40  ? -0.444  3.305   11.151  1.00 12.98 ? 82  PRO A CD  1 
ATOM   340  N N   . PHE A 1 41  ? 1.053   2.623   7.962   1.00 12.18 ? 83  PHE A N   1 
ATOM   341  C CA  . PHE A 1 41  ? 1.091   2.166   6.582   1.00 11.76 ? 83  PHE A CA  1 
ATOM   342  C C   . PHE A 1 41  ? 1.541   3.257   5.632   1.00 11.77 ? 83  PHE A C   1 
ATOM   343  O O   . PHE A 1 41  ? 1.541   3.047   4.413   1.00 13.22 ? 83  PHE A O   1 
ATOM   344  C CB  . PHE A 1 41  ? -0.281  1.614   6.192   1.00 12.13 ? 83  PHE A CB  1 
ATOM   345  C CG  . PHE A 1 41  ? -0.769  0.556   7.145   1.00 12.34 ? 83  PHE A CG  1 
ATOM   346  C CD1 . PHE A 1 41  ? -0.342  -0.749  7.005   1.00 12.43 ? 83  PHE A CD1 1 
ATOM   347  C CD2 . PHE A 1 41  ? -1.606  0.874   8.214   1.00 11.38 ? 83  PHE A CD2 1 
ATOM   348  C CE1 . PHE A 1 41  ? -0.733  -1.729  7.880   1.00 13.58 ? 83  PHE A CE1 1 
ATOM   349  C CE2 . PHE A 1 41  ? -2.006  -0.109  9.098   1.00 14.23 ? 83  PHE A CE2 1 
ATOM   350  C CZ  . PHE A 1 41  ? -1.574  -1.409  8.939   1.00 12.27 ? 83  PHE A CZ  1 
ATOM   351  N N   . GLN A 1 42  ? 1.985   4.397   6.157   1.00 12.15 ? 84  GLN A N   1 
ATOM   352  C CA  . GLN A 1 42  ? 2.362   5.525   5.315   1.00 14.08 ? 84  GLN A CA  1 
ATOM   353  C C   . GLN A 1 42  ? 3.807   5.467   4.823   1.00 16.83 ? 84  GLN A C   1 
ATOM   354  O O   . GLN A 1 42  ? 4.227   6.354   4.074   1.00 16.50 ? 84  GLN A O   1 
ATOM   355  C CB  . GLN A 1 42  ? 2.129   6.834   6.059   1.00 16.02 ? 84  GLN A CB  1 
ATOM   356  C CG  . GLN A 1 42  ? 0.680   7.243   6.106   1.00 16.96 ? 84  GLN A CG  1 
ATOM   357  C CD  . GLN A 1 42  ? 0.453   8.471   6.951   1.00 19.80 ? 84  GLN A CD  1 
ATOM   358  O OE1 . GLN A 1 42  ? 1.315   8.867   7.731   1.00 20.98 ? 84  GLN A OE1 1 
ATOM   359  N NE2 . GLN A 1 42  ? -0.721  9.083   6.806   1.00 19.33 ? 84  GLN A NE2 1 
ATOM   360  N N   . GLN A 1 43  ? 4.571   4.461   5.224   1.00 14.04 ? 85  GLN A N   1 
ATOM   361  C CA  . GLN A 1 43  ? 5.955   4.309   4.814   1.00 15.49 ? 85  GLN A CA  1 
ATOM   362  C C   . GLN A 1 43  ? 6.337   2.852   5.017   1.00 13.70 ? 85  GLN A C   1 
ATOM   363  O O   . GLN A 1 43  ? 5.622   2.114   5.705   1.00 13.26 ? 85  GLN A O   1 
ATOM   364  C CB  . GLN A 1 43  ? 6.872   5.248   5.620   1.00 16.21 ? 85  GLN A CB  1 
ATOM   365  C CG  . GLN A 1 43  ? 6.842   5.027   7.135   1.00 13.88 ? 85  GLN A CG  1 
ATOM   366  C CD  . GLN A 1 43  ? 5.586   5.594   7.784   1.00 19.27 ? 85  GLN A CD  1 
ATOM   367  O OE1 . GLN A 1 43  ? 5.244   6.760   7.589   1.00 21.29 ? 85  GLN A OE1 1 
ATOM   368  N NE2 . GLN A 1 43  ? 4.890   4.761   8.544   1.00 17.19 ? 85  GLN A NE2 1 
ATOM   369  N N   . PRO A 1 44  ? 7.438   2.393   4.413   1.00 12.79 ? 86  PRO A N   1 
ATOM   370  C CA  . PRO A 1 44  ? 7.851   1.002   4.616   1.00 11.87 ? 86  PRO A CA  1 
ATOM   371  C C   . PRO A 1 44  ? 8.032   0.686   6.094   1.00 12.83 ? 86  PRO A C   1 
ATOM   372  O O   . PRO A 1 44  ? 8.401   1.544   6.899   1.00 14.35 ? 86  PRO A O   1 
ATOM   373  C CB  . PRO A 1 44  ? 9.190   0.919   3.874   1.00 12.25 ? 86  PRO A CB  1 
ATOM   374  C CG  . PRO A 1 44  ? 9.091   1.981   2.811   1.00 12.37 ? 86  PRO A CG  1 
ATOM   375  C CD  . PRO A 1 44  ? 8.275   3.090   3.421   1.00 16.96 ? 86  PRO A CD  1 
ATOM   376  N N   . VAL A 1 45  ? 7.757   -0.565  6.455   1.00 12.80 ? 87  VAL A N   1 
ATOM   377  C CA  . VAL A 1 45  ? 8.030   -1.013  7.814   1.00 14.71 ? 87  VAL A CA  1 
ATOM   378  C C   . VAL A 1 45  ? 9.517   -0.836  8.082   1.00 15.99 ? 87  VAL A C   1 
ATOM   379  O O   . VAL A 1 45  ? 10.357  -1.370  7.350   1.00 13.46 ? 87  VAL A O   1 
ATOM   380  C CB  . VAL A 1 45  ? 7.602   -2.471  7.985   1.00 12.42 ? 87  VAL A CB  1 
ATOM   381  C CG1 . VAL A 1 45  ? 8.158   -3.019  9.303   1.00 14.23 ? 87  VAL A CG1 1 
ATOM   382  C CG2 . VAL A 1 45  ? 6.065   -2.594  7.967   1.00 12.97 ? 87  VAL A CG2 1 
ATOM   383  N N   . ASP A 1 46  ? 9.850   -0.058  9.110   1.00 14.83 ? 88  ASP A N   1 
ATOM   384  C CA  . ASP A 1 46  ? 11.245  0.150   9.523   1.00 15.64 ? 88  ASP A CA  1 
ATOM   385  C C   . ASP A 1 46  ? 11.555  -0.910  10.571  1.00 15.94 ? 88  ASP A C   1 
ATOM   386  O O   . ASP A 1 46  ? 11.301  -0.727  11.765  1.00 15.77 ? 88  ASP A O   1 
ATOM   387  C CB  . ASP A 1 46  ? 11.422  1.555   10.090  1.00 17.05 ? 88  ASP A CB  1 
ATOM   388  C CG  . ASP A 1 46  ? 12.884  1.902   10.389  1.00 17.27 ? 88  ASP A CG  1 
ATOM   389  O OD1 . ASP A 1 46  ? 13.685  0.983   10.654  1.00 16.58 ? 88  ASP A OD1 1 
ATOM   390  O OD2 . ASP A 1 46  ? 13.216  3.100   10.411  1.00 22.59 ? 88  ASP A OD2 1 
ATOM   391  N N   . ALA A 1 47  ? 12.087  -2.045  10.115  1.00 16.13 ? 89  ALA A N   1 
ATOM   392  C CA  . ALA A 1 47  ? 12.285  -3.178  11.014  1.00 17.61 ? 89  ALA A CA  1 
ATOM   393  C C   . ALA A 1 47  ? 13.388  -2.912  12.027  1.00 18.81 ? 89  ALA A C   1 
ATOM   394  O O   . ALA A 1 47  ? 13.362  -3.468  13.132  1.00 19.36 ? 89  ALA A O   1 
ATOM   395  C CB  . ALA A 1 47  ? 12.591  -4.440  10.214  1.00 22.51 ? 89  ALA A CB  1 
ATOM   396  N N   . VAL A 1 48  ? 14.357  -2.072  11.674  1.00 17.27 ? 90  VAL A N   1 
ATOM   397  C CA  . VAL A 1 48  ? 15.412  -1.723  12.618  1.00 15.96 ? 90  VAL A CA  1 
ATOM   398  C C   . VAL A 1 48  ? 14.838  -0.911  13.756  1.00 18.88 ? 90  VAL A C   1 
ATOM   399  O O   . VAL A 1 48  ? 15.045  -1.213  14.938  1.00 18.06 ? 90  VAL A O   1 
ATOM   400  C CB  . VAL A 1 48  ? 16.500  -0.930  11.885  1.00 17.97 ? 90  VAL A CB  1 
ATOM   401  C CG1 . VAL A 1 48  ? 17.528  -0.389  12.877  1.00 19.84 ? 90  VAL A CG1 1 
ATOM   402  C CG2 . VAL A 1 48  ? 17.162  -1.808  10.867  1.00 20.34 ? 90  VAL A CG2 1 
ATOM   403  N N   . LYS A 1 49  ? 14.088  0.122   13.409  1.00 18.11 ? 91  LYS A N   1 
ATOM   404  C CA  . LYS A 1 49  ? 13.520  0.986   14.428  1.00 18.62 ? 91  LYS A CA  1 
ATOM   405  C C   . LYS A 1 49  ? 12.495  0.258   15.272  1.00 18.59 ? 91  LYS A C   1 
ATOM   406  O O   . LYS A 1 49  ? 12.462  0.432   16.498  1.00 18.32 ? 91  LYS A O   1 
ATOM   407  C CB  . LYS A 1 49  ? 12.875  2.171   13.747  1.00 23.05 ? 91  LYS A CB  1 
ATOM   408  C CG  . LYS A 1 49  ? 11.975  2.946   14.620  1.00 25.83 ? 91  LYS A CG  1 
ATOM   409  C CD  . LYS A 1 49  ? 12.050  4.335   14.087  1.00 28.91 ? 91  LYS A CD  1 
ATOM   410  C CE  . LYS A 1 49  ? 11.018  5.194   14.704  1.00 27.33 ? 91  LYS A CE  1 
ATOM   411  N NZ  . LYS A 1 49  ? 10.111  5.967   13.723  1.00 32.09 ? 91  LYS A NZ  1 
ATOM   412  N N   . LEU A 1 50  ? 11.660  -0.567  14.644  1.00 17.82 ? 92  LEU A N   1 
ATOM   413  C CA  . LEU A 1 50  ? 10.685  -1.335  15.402  1.00 17.91 ? 92  LEU A CA  1 
ATOM   414  C C   . LEU A 1 50  ? 11.317  -2.525  16.103  1.00 20.29 ? 92  LEU A C   1 
ATOM   415  O O   . LEU A 1 50  ? 10.632  -3.230  16.855  1.00 22.64 ? 92  LEU A O   1 
ATOM   416  C CB  . LEU A 1 50  ? 9.573   -1.797  14.465  1.00 20.69 ? 92  LEU A CB  1 
ATOM   417  C CG  . LEU A 1 50  ? 8.861   -0.635  13.764  1.00 21.23 ? 92  LEU A CG  1 
ATOM   418  C CD1 . LEU A 1 50  ? 7.835   -1.109  12.734  1.00 22.20 ? 92  LEU A CD1 1 
ATOM   419  C CD2 . LEU A 1 50  ? 8.203   0.281   14.792  1.00 23.29 ? 92  LEU A CD2 1 
ATOM   420  N N   . ASN A 1 51  ? 12.607  -2.744  15.887  1.00 20.28 ? 93  ASN A N   1 
ATOM   421  C CA  . ASN A 1 51  ? 13.322  -3.896  16.406  1.00 22.41 ? 93  ASN A CA  1 
ATOM   422  C C   . ASN A 1 51  ? 12.574  -5.192  16.093  1.00 23.09 ? 93  ASN A C   1 
ATOM   423  O O   . ASN A 1 51  ? 12.336  -6.041  16.952  1.00 23.64 ? 93  ASN A O   1 
ATOM   424  C CB  . ASN A 1 51  ? 13.661  -3.725  17.888  1.00 29.92 ? 93  ASN A CB  1 
ATOM   425  C CG  . ASN A 1 51  ? 14.544  -4.829  18.403  1.00 33.90 ? 93  ASN A CG  1 
ATOM   426  O OD1 . ASN A 1 51  ? 15.514  -5.214  17.749  1.00 36.83 ? 93  ASN A OD1 1 
ATOM   427  N ND2 . ASN A 1 51  ? 14.230  -5.337  19.588  1.00 39.62 ? 93  ASN A ND2 1 
ATOM   428  N N   . LEU A 1 52  ? 12.211  -5.343  14.814  1.00 21.82 ? 94  LEU A N   1 
ATOM   429  C CA  . LEU A 1 52  ? 11.545  -6.531  14.295  1.00 21.42 ? 94  LEU A CA  1 
ATOM   430  C C   . LEU A 1 52  ? 12.467  -7.188  13.277  1.00 22.16 ? 94  LEU A C   1 
ATOM   431  O O   . LEU A 1 52  ? 12.188  -7.174  12.068  1.00 19.68 ? 94  LEU A O   1 
ATOM   432  C CB  . LEU A 1 52  ? 10.218  -6.155  13.631  1.00 21.54 ? 94  LEU A CB  1 
ATOM   433  C CG  . LEU A 1 52  ? 9.153   -5.568  14.549  1.00 26.34 ? 94  LEU A CG  1 
ATOM   434  C CD1 . LEU A 1 52  ? 7.833   -5.423  13.811  1.00 25.04 ? 94  LEU A CD1 1 
ATOM   435  C CD2 . LEU A 1 52  ? 8.986   -6.454  15.762  1.00 24.73 ? 94  LEU A CD2 1 
ATOM   436  N N   . PRO A 1 53  ? 13.577  -7.777  13.726  1.00 22.19 ? 95  PRO A N   1 
ATOM   437  C CA  . PRO A 1 53  ? 14.543  -8.337  12.775  1.00 22.38 ? 95  PRO A CA  1 
ATOM   438  C C   . PRO A 1 53  ? 13.976  -9.478  11.951  1.00 17.03 ? 95  PRO A C   1 
ATOM   439  O O   . PRO A 1 53  ? 14.599  -9.877  10.959  1.00 21.01 ? 95  PRO A O   1 
ATOM   440  C CB  . PRO A 1 53  ? 15.697  -8.801  13.677  1.00 21.35 ? 95  PRO A CB  1 
ATOM   441  C CG  . PRO A 1 53  ? 15.046  -9.085  14.997  1.00 20.96 ? 95  PRO A CG  1 
ATOM   442  C CD  . PRO A 1 53  ? 13.872  -8.150  15.127  1.00 20.09 ? 95  PRO A CD  1 
ATOM   443  N N   . ASP A 1 54  ? 12.820  -10.011 12.341  1.00 18.65 ? 96  ASP A N   1 
ATOM   444  C CA  . ASP A 1 54  ? 12.183  -11.108 11.633  1.00 18.87 ? 96  ASP A CA  1 
ATOM   445  C C   . ASP A 1 54  ? 11.244  -10.645 10.528  1.00 16.94 ? 96  ASP A C   1 
ATOM   446  O O   . ASP A 1 54  ? 10.879  -11.461 9.680   1.00 15.97 ? 96  ASP A O   1 
ATOM   447  C CB  . ASP A 1 54  ? 11.463  -12.032 12.631  1.00 18.96 ? 96  ASP A CB  1 
ATOM   448  C CG  . ASP A 1 54  ? 10.309  -11.361 13.350  1.00 23.76 ? 96  ASP A CG  1 
ATOM   449  O OD1 . ASP A 1 54  ? 10.314  -10.125 13.518  1.00 24.00 ? 96  ASP A OD1 1 
ATOM   450  O OD2 . ASP A 1 54  ? 9.406   -12.088 13.797  1.00 23.83 ? 96  ASP A OD2 1 
ATOM   451  N N   . TYR A 1 55  ? 10.885  -9.359  10.497  1.00 15.75 ? 97  TYR A N   1 
ATOM   452  C CA  . TYR A 1 55  ? 9.844   -8.906  9.574   1.00 13.75 ? 97  TYR A CA  1 
ATOM   453  C C   . TYR A 1 55  ? 10.193  -9.228  8.126   1.00 12.16 ? 97  TYR A C   1 
ATOM   454  O O   . TYR A 1 55  ? 9.382   -9.815  7.403   1.00 13.63 ? 97  TYR A O   1 
ATOM   455  C CB  . TYR A 1 55  ? 9.550   -7.412  9.738   1.00 14.03 ? 97  TYR A CB  1 
ATOM   456  C CG  . TYR A 1 55  ? 8.434   -6.985  8.819   1.00 11.41 ? 97  TYR A CG  1 
ATOM   457  C CD1 . TYR A 1 55  ? 7.105   -7.183  9.180   1.00 14.49 ? 97  TYR A CD1 1 
ATOM   458  C CD2 . TYR A 1 55  ? 8.704   -6.421  7.583   1.00 13.42 ? 97  TYR A CD2 1 
ATOM   459  C CE1 . TYR A 1 55  ? 6.090   -6.827  8.330   1.00 11.66 ? 97  TYR A CE1 1 
ATOM   460  C CE2 . TYR A 1 55  ? 7.698   -6.064  6.724   1.00 12.84 ? 97  TYR A CE2 1 
ATOM   461  C CZ  . TYR A 1 55  ? 6.383   -6.265  7.111   1.00 10.75 ? 97  TYR A CZ  1 
ATOM   462  O OH  . TYR A 1 55  ? 5.359   -5.921  6.257   1.00 12.81 ? 97  TYR A OH  1 
ATOM   463  N N   . TYR A 1 56  ? 11.392  -8.843  7.680   1.00 13.59 ? 98  TYR A N   1 
ATOM   464  C CA  . TYR A 1 56  ? 11.772  -9.079  6.294   1.00 13.71 ? 98  TYR A CA  1 
ATOM   465  C C   . TYR A 1 56  ? 12.332  -10.474 6.045   1.00 14.58 ? 98  TYR A C   1 
ATOM   466  O O   . TYR A 1 56  ? 12.670  -10.784 4.898   1.00 17.24 ? 98  TYR A O   1 
ATOM   467  C CB  . TYR A 1 56  ? 12.710  -7.972  5.793   1.00 12.14 ? 98  TYR A CB  1 
ATOM   468  C CG  . TYR A 1 56  ? 12.019  -6.630  5.682   1.00 13.38 ? 98  TYR A CG  1 
ATOM   469  C CD1 . TYR A 1 56  ? 11.082  -6.395  4.677   1.00 12.33 ? 98  TYR A CD1 1 
ATOM   470  C CD2 . TYR A 1 56  ? 12.295  -5.602  6.574   1.00 13.13 ? 98  TYR A CD2 1 
ATOM   471  C CE1 . TYR A 1 56  ? 10.451  -5.170  4.555   1.00 13.94 ? 98  TYR A CE1 1 
ATOM   472  C CE2 . TYR A 1 56  ? 11.663  -4.372  6.467   1.00 13.33 ? 98  TYR A CE2 1 
ATOM   473  C CZ  . TYR A 1 56  ? 10.742  -4.163  5.457   1.00 12.04 ? 98  TYR A CZ  1 
ATOM   474  O OH  . TYR A 1 56  ? 10.120  -2.947  5.316   1.00 15.06 ? 98  TYR A OH  1 
ATOM   475  N N   . LYS A 1 57  ? 12.437  -11.313 7.075   1.00 16.03 ? 99  LYS A N   1 
ATOM   476  C CA  . LYS A 1 57  ? 12.598  -12.749 6.865   1.00 16.20 ? 99  LYS A CA  1 
ATOM   477  C C   . LYS A 1 57  ? 11.282  -13.418 6.478   1.00 17.80 ? 99  LYS A C   1 
ATOM   478  O O   . LYS A 1 57  ? 11.287  -14.480 5.850   1.00 21.14 ? 99  LYS A O   1 
ATOM   479  C CB  . LYS A 1 57  ? 13.152  -13.391 8.134   1.00 18.76 ? 99  LYS A CB  1 
ATOM   480  C CG  . LYS A 1 57  ? 14.384  -12.695 8.669   1.00 23.42 ? 99  LYS A CG  1 
ATOM   481  C CD  . LYS A 1 57  ? 15.531  -12.896 7.730   1.00 25.48 ? 99  LYS A CD  1 
ATOM   482  C CE  . LYS A 1 57  ? 16.583  -13.772 8.376   1.00 27.41 ? 99  LYS A CE  1 
ATOM   483  N NZ  . LYS A 1 57  ? 17.520  -12.954 9.160   1.00 38.50 ? 99  LYS A NZ  1 
ATOM   484  N N   . ILE A 1 58  ? 10.162  -12.800 6.818   1.00 15.66 ? 100 ILE A N   1 
ATOM   485  C CA  . ILE A 1 58  ? 8.843   -13.359 6.573   1.00 15.19 ? 100 ILE A CA  1 
ATOM   486  C C   . ILE A 1 58  ? 8.161   -12.694 5.385   1.00 13.82 ? 100 ILE A C   1 
ATOM   487  O O   . ILE A 1 58  ? 7.522   -13.367 4.575   1.00 18.07 ? 100 ILE A O   1 
ATOM   488  C CB  . ILE A 1 58  ? 8.002   -13.253 7.865   1.00 15.37 ? 100 ILE A CB  1 
ATOM   489  C CG1 . ILE A 1 58  ? 8.728   -13.947 9.017   1.00 18.40 ? 100 ILE A CG1 1 
ATOM   490  C CG2 . ILE A 1 58  ? 6.557   -13.769 7.659   1.00 17.42 ? 100 ILE A CG2 1 
ATOM   491  C CD1 . ILE A 1 58  ? 8.070   -13.770 10.351  1.00 19.46 ? 100 ILE A CD1 1 
ATOM   492  N N   . ILE A 1 59  ? 8.302   -11.384 5.273   1.00 13.23 ? 101 ILE A N   1 
ATOM   493  C CA  . ILE A 1 59  ? 7.620   -10.593 4.259   1.00 11.99 ? 101 ILE A CA  1 
ATOM   494  C C   . ILE A 1 59  ? 8.625   -10.311 3.152   1.00 13.78 ? 101 ILE A C   1 
ATOM   495  O O   . ILE A 1 59  ? 9.549   -9.506  3.326   1.00 14.83 ? 101 ILE A O   1 
ATOM   496  C CB  . ILE A 1 59  ? 7.048   -9.302  4.861   1.00 11.92 ? 101 ILE A CB  1 
ATOM   497  C CG1 . ILE A 1 59  ? 5.993   -9.648  5.934   1.00 12.29 ? 101 ILE A CG1 1 
ATOM   498  C CG2 . ILE A 1 59  ? 6.452   -8.410  3.800   1.00 13.73 ? 101 ILE A CG2 1 
ATOM   499  C CD1 . ILE A 1 59  ? 4.876   -10.506 5.417   1.00 12.58 ? 101 ILE A CD1 1 
ATOM   500  N N   . LYS A 1 60  ? 8.437   -10.967 2.003   1.00 12.36 ? 102 LYS A N   1 
ATOM   501  C CA  . LYS A 1 60  ? 9.369   -10.871 0.890   1.00 14.26 ? 102 LYS A CA  1 
ATOM   502  C C   . LYS A 1 60  ? 8.896   -9.941  -0.221  1.00 13.38 ? 102 LYS A C   1 
ATOM   503  O O   . LYS A 1 60  ? 9.692   -9.601  -1.109  1.00 13.03 ? 102 LYS A O   1 
ATOM   504  C CB  . LYS A 1 60  ? 9.671   -12.267 0.334   1.00 14.80 ? 102 LYS A CB  1 
ATOM   505  C CG  . LYS A 1 60  ? 10.265  -13.236 1.351   1.00 18.05 ? 102 LYS A CG  1 
ATOM   506  C CD  . LYS A 1 60  ? 11.631  -12.765 1.828   1.00 18.45 ? 102 LYS A CD  1 
ATOM   507  C CE  . LYS A 1 60  ? 12.300  -13.784 2.750   1.00 18.46 ? 102 LYS A CE  1 
ATOM   508  N NZ  . LYS A 1 60  ? 13.498  -13.256 3.436   1.00 22.28 ? 102 LYS A NZ  1 
ATOM   509  N N   . THR A 1 61  ? 7.629   -9.529  -0.216  1.00 12.52 ? 103 THR A N   1 
ATOM   510  C CA  . THR A 1 61  ? 7.135   -8.531  -1.156  1.00 11.41 ? 103 THR A CA  1 
ATOM   511  C C   . THR A 1 61  ? 6.521   -7.392  -0.353  1.00 13.16 ? 103 THR A C   1 
ATOM   512  O O   . THR A 1 61  ? 5.292   -7.251  -0.308  1.00 12.04 ? 103 THR A O   1 
ATOM   513  C CB  . THR A 1 61  ? 6.111   -9.128  -2.123  1.00 15.96 ? 103 THR A CB  1 
ATOM   514  O OG1 . THR A 1 61  ? 4.882   -9.372  -1.432  1.00 30.56 ? 103 THR A OG1 1 
ATOM   515  C CG2 . THR A 1 61  ? 6.616   -10.432 -2.723  1.00 15.46 ? 103 THR A CG2 1 
ATOM   516  N N   . PRO A 1 62  ? 7.339   -6.573  0.299   1.00 12.48 ? 104 PRO A N   1 
ATOM   517  C CA  . PRO A 1 62  ? 6.795   -5.483  1.111   1.00 13.13 ? 104 PRO A CA  1 
ATOM   518  C C   . PRO A 1 62  ? 6.112   -4.410  0.280   1.00 13.37 ? 104 PRO A C   1 
ATOM   519  O O   . PRO A 1 62  ? 6.435   -4.176  -0.889  1.00 13.79 ? 104 PRO A O   1 
ATOM   520  C CB  . PRO A 1 62  ? 8.022   -4.914  1.839   1.00 16.67 ? 104 PRO A CB  1 
ATOM   521  C CG  . PRO A 1 62  ? 9.179   -5.387  1.117   1.00 14.04 ? 104 PRO A CG  1 
ATOM   522  C CD  . PRO A 1 62  ? 8.817   -6.619  0.342   1.00 15.84 ? 104 PRO A CD  1 
ATOM   523  N N   . MET A 1 63  ? 5.139   -3.754  0.907   1.00 12.88 ? 105 MET A N   1 
ATOM   524  C CA  . MET A 1 63  ? 4.432   -2.679  0.238   1.00 10.53 ? 105 MET A CA  1 
ATOM   525  C C   . MET A 1 63  ? 3.796   -1.801  1.308   1.00 11.63 ? 105 MET A C   1 
ATOM   526  O O   . MET A 1 63  ? 3.488   -2.269  2.410   1.00 13.54 ? 105 MET A O   1 
ATOM   527  C CB  . MET A 1 63  ? 3.364   -3.241  -0.709  1.00 12.02 ? 105 MET A CB  1 
ATOM   528  C CG  . MET A 1 63  ? 2.668   -2.199  -1.589  1.00 12.11 ? 105 MET A CG  1 
ATOM   529  S SD  . MET A 1 63  ? 3.822   -1.126  -2.515  1.00 12.53 ? 105 MET A SD  1 
ATOM   530  C CE  . MET A 1 63  ? 4.779   -2.292  -3.491  1.00 12.66 ? 105 MET A CE  1 
ATOM   531  N N   . ASP A 1 64  ? 3.607   -0.527  0.971   1.00 12.29 ? 106 ASP A N   1 
ATOM   532  C CA  . ASP A 1 64  ? 3.081   0.467   1.895   1.00 12.10 ? 106 ASP A CA  1 
ATOM   533  C C   . ASP A 1 64  ? 2.465   1.591   1.070   1.00 14.23 ? 106 ASP A C   1 
ATOM   534  O O   . ASP A 1 64  ? 2.723   1.712   -0.130  1.00 12.50 ? 106 ASP A O   1 
ATOM   535  C CB  . ASP A 1 64  ? 4.204   1.008   2.777   1.00 13.31 ? 106 ASP A CB  1 
ATOM   536  C CG  . ASP A 1 64  ? 5.217   1.784   1.981   1.00 13.05 ? 106 ASP A CG  1 
ATOM   537  O OD1 . ASP A 1 64  ? 6.111   1.155   1.357   1.00 13.61 ? 106 ASP A OD1 1 
ATOM   538  O OD2 . ASP A 1 64  ? 5.072   3.013   1.923   1.00 15.46 ? 106 ASP A OD2 1 
ATOM   539  N N   . MET A 1 65  ? 1.672   2.435   1.730   1.00 11.71 ? 107 MET A N   1 
ATOM   540  C CA  . MET A 1 65  ? 0.979   3.503   1.021   1.00 12.83 ? 107 MET A CA  1 
ATOM   541  C C   . MET A 1 65  ? 1.893   4.645   0.622   1.00 13.01 ? 107 MET A C   1 
ATOM   542  O O   . MET A 1 65  ? 1.547   5.387   -0.305  1.00 14.69 ? 107 MET A O   1 
ATOM   543  C CB  . MET A 1 65  ? -0.169  4.058   1.858   1.00 14.61 ? 107 MET A CB  1 
ATOM   544  C CG  . MET A 1 65  ? -1.300  3.107   1.985   1.00 13.94 ? 107 MET A CG  1 
ATOM   545  S SD  . MET A 1 65  ? -2.826  3.921   2.501   1.00 16.95 ? 107 MET A SD  1 
ATOM   546  C CE  . MET A 1 65  ? -2.352  4.557   4.110   1.00 14.68 ? 107 MET A CE  1 
ATOM   547  N N   . GLY A 1 66  ? 3.026   4.825   1.298   1.00 16.05 ? 108 GLY A N   1 
ATOM   548  C CA  . GLY A 1 66  ? 3.987   5.808   0.828   1.00 15.50 ? 108 GLY A CA  1 
ATOM   549  C C   . GLY A 1 66  ? 4.575   5.422   -0.514  1.00 16.50 ? 108 GLY A C   1 
ATOM   550  O O   . GLY A 1 66  ? 4.710   6.260   -1.412  1.00 16.74 ? 108 GLY A O   1 
ATOM   551  N N   . THR A 1 67  ? 4.900   4.139   -0.678  1.00 12.55 ? 109 THR A N   1 
ATOM   552  C CA  . THR A 1 67  ? 5.396   3.643   -1.957  1.00 13.86 ? 109 THR A CA  1 
ATOM   553  C C   . THR A 1 67  ? 4.322   3.758   -3.034  1.00 14.85 ? 109 THR A C   1 
ATOM   554  O O   . THR A 1 67  ? 4.598   4.202   -4.156  1.00 14.67 ? 109 THR A O   1 
ATOM   555  C CB  . THR A 1 67  ? 5.847   2.195   -1.788  1.00 13.64 ? 109 THR A CB  1 
ATOM   556  O OG1 . THR A 1 67  ? 6.990   2.150   -0.923  1.00 13.31 ? 109 THR A OG1 1 
ATOM   557  C CG2 . THR A 1 67  ? 6.215   1.564   -3.153  1.00 14.14 ? 109 THR A CG2 1 
ATOM   558  N N   . ILE A 1 68  ? 3.086   3.367   -2.709  1.00 12.92 ? 110 ILE A N   1 
ATOM   559  C CA  . ILE A 1 68  ? 1.983   3.474   -3.663  1.00 13.83 ? 110 ILE A CA  1 
ATOM   560  C C   . ILE A 1 68  ? 1.752   4.923   -4.073  1.00 16.43 ? 110 ILE A C   1 
ATOM   561  O O   . ILE A 1 68  ? 1.525   5.219   -5.253  1.00 14.66 ? 110 ILE A O   1 
ATOM   562  C CB  . ILE A 1 68  ? 0.708   2.849   -3.066  1.00 13.07 ? 110 ILE A CB  1 
ATOM   563  C CG1 . ILE A 1 68  ? 0.912   1.359   -2.810  1.00 12.46 ? 110 ILE A CG1 1 
ATOM   564  C CG2 . ILE A 1 68  ? -0.516  3.099   -3.984  1.00 13.27 ? 110 ILE A CG2 1 
ATOM   565  C CD1 . ILE A 1 68  ? -0.233  0.702   -2.003  1.00 10.52 ? 110 ILE A CD1 1 
ATOM   566  N N   . LYS A 1 69  ? 1.762   5.841   -3.107  1.00 16.80 ? 111 LYS A N   1 
ATOM   567  C CA  . LYS A 1 69  ? 1.586   7.256   -3.420  1.00 15.50 ? 111 LYS A CA  1 
ATOM   568  C C   . LYS A 1 69  ? 2.652   7.741   -4.397  1.00 19.41 ? 111 LYS A C   1 
ATOM   569  O O   . LYS A 1 69  ? 2.342   8.407   -5.393  1.00 21.03 ? 111 LYS A O   1 
ATOM   570  C CB  . LYS A 1 69  ? 1.601   8.077   -2.127  1.00 17.61 ? 111 LYS A CB  1 
ATOM   571  C CG  . LYS A 1 69  ? 1.531   9.583   -2.347  1.00 22.89 ? 111 LYS A CG  1 
ATOM   572  C CD  . LYS A 1 69  ? 1.546   10.330  -1.019  1.00 25.21 ? 111 LYS A CD  1 
ATOM   573  C CE  . LYS A 1 69  ? 1.200   11.794  -1.217  1.00 31.92 ? 111 LYS A CE  1 
ATOM   574  N NZ  . LYS A 1 69  ? -0.263  12.008  -1.060  1.00 39.16 ? 111 LYS A NZ  1 
ATOM   575  N N   . LYS A 1 70  ? 3.915   7.408   -4.129  1.00 16.81 ? 112 LYS A N   1 
ATOM   576  C CA  . LYS A 1 70  ? 4.995   7.813   -5.021  1.00 17.93 ? 112 LYS A CA  1 
ATOM   577  C C   . LYS A 1 70  ? 4.844   7.170   -6.393  1.00 19.25 ? 112 LYS A C   1 
ATOM   578  O O   . LYS A 1 70  ? 5.077   7.825   -7.415  1.00 19.82 ? 112 LYS A O   1 
ATOM   579  C CB  . LYS A 1 70  ? 6.344   7.463   -4.403  1.00 18.55 ? 112 LYS A CB  1 
ATOM   580  C CG  . LYS A 1 70  ? 6.766   8.397   -3.285  1.00 18.96 ? 112 LYS A CG  1 
ATOM   581  C CD  . LYS A 1 70  ? 8.056   7.925   -2.616  1.00 29.08 ? 112 LYS A CD  1 
ATOM   582  C CE  . LYS A 1 70  ? 8.369   8.734   -1.362  1.00 26.91 ? 112 LYS A CE  1 
ATOM   583  N NZ  . LYS A 1 70  ? 9.472   8.121   -0.556  1.00 38.91 ? 112 LYS A NZ  1 
ATOM   584  N N   . ARG A 1 71  ? 4.439   5.895   -6.442  1.00 18.47 ? 113 ARG A N   1 
ATOM   585  C CA  . ARG A 1 71  ? 4.192   5.247   -7.731  1.00 17.32 ? 113 ARG A CA  1 
ATOM   586  C C   . ARG A 1 71  ? 3.109   5.974   -8.516  1.00 19.69 ? 113 ARG A C   1 
ATOM   587  O O   . ARG A 1 71  ? 3.267   6.238   -9.716  1.00 18.71 ? 113 ARG A O   1 
ATOM   588  C CB  . ARG A 1 71  ? 3.835   3.771   -7.545  1.00 15.30 ? 113 ARG A CB  1 
ATOM   589  C CG  . ARG A 1 71  ? 4.999   2.937   -7.062  1.00 15.20 ? 113 ARG A CG  1 
ATOM   590  C CD  . ARG A 1 71  ? 4.680   1.453   -6.971  1.00 12.55 ? 113 ARG A CD  1 
ATOM   591  N NE  . ARG A 1 71  ? 5.905   0.675   -6.802  1.00 13.12 ? 113 ARG A NE  1 
ATOM   592  C CZ  . ARG A 1 71  ? 5.973   -0.651  -6.803  1.00 11.53 ? 113 ARG A CZ  1 
ATOM   593  N NH1 . ARG A 1 71  ? 4.886   -1.397  -6.921  1.00 14.03 ? 113 ARG A NH1 1 
ATOM   594  N NH2 . ARG A 1 71  ? 7.149   -1.236  -6.699  1.00 12.92 ? 113 ARG A NH2 1 
ATOM   595  N N   . LEU A 1 72  ? 2.004   6.317   -7.853  1.00 16.22 ? 114 LEU A N   1 
ATOM   596  C CA  . LEU A 1 72  ? 0.919   7.026   -8.522  1.00 17.42 ? 114 LEU A CA  1 
ATOM   597  C C   . LEU A 1 72  ? 1.385   8.385   -9.025  1.00 21.41 ? 114 LEU A C   1 
ATOM   598  O O   . LEU A 1 72  ? 1.095   8.773   -10.163 1.00 22.43 ? 114 LEU A O   1 
ATOM   599  C CB  . LEU A 1 72  ? -0.262  7.185   -7.566  1.00 19.47 ? 114 LEU A CB  1 
ATOM   600  C CG  . LEU A 1 72  ? -1.108  5.937   -7.314  1.00 16.76 ? 114 LEU A CG  1 
ATOM   601  C CD1 . LEU A 1 72  ? -2.006  6.141   -6.093  1.00 16.62 ? 114 LEU A CD1 1 
ATOM   602  C CD2 . LEU A 1 72  ? -1.944  5.594   -8.535  1.00 16.97 ? 114 LEU A CD2 1 
ATOM   603  N N   . GLU A 1 73  ? 2.113   9.126   -8.188  1.00 21.00 ? 115 GLU A N   1 
ATOM   604  C CA  . GLU A 1 73  ? 2.622   10.425  -8.611  1.00 24.71 ? 115 GLU A CA  1 
ATOM   605  C C   . GLU A 1 73  ? 3.613   10.317  -9.771  1.00 27.85 ? 115 GLU A C   1 
ATOM   606  O O   . GLU A 1 73  ? 3.785   11.292  -10.508 1.00 29.48 ? 115 GLU A O   1 
ATOM   607  C CB  . GLU A 1 73  ? 3.222   11.176  -7.415  1.00 27.13 ? 115 GLU A CB  1 
ATOM   608  C CG  . GLU A 1 73  ? 2.202   11.550  -6.341  1.00 26.84 ? 115 GLU A CG  1 
ATOM   609  C CD  . GLU A 1 73  ? 2.835   12.005  -5.031  1.00 28.20 ? 115 GLU A CD  1 
ATOM   610  O OE1 . GLU A 1 73  ? 4.059   11.837  -4.852  1.00 33.15 ? 115 GLU A OE1 1 
ATOM   611  O OE2 . GLU A 1 73  ? 2.097   12.524  -4.169  1.00 33.97 ? 115 GLU A OE2 1 
ATOM   612  N N   . ASN A 1 74  ? 4.240   9.154   -9.968  1.00 23.49 ? 116 ASN A N   1 
ATOM   613  C CA  . ASN A 1 74  ? 5.189   8.940   -11.058 1.00 23.07 ? 116 ASN A CA  1 
ATOM   614  C C   . ASN A 1 74  ? 4.570   8.236   -12.258 1.00 24.81 ? 116 ASN A C   1 
ATOM   615  O O   . ASN A 1 74  ? 5.301   7.833   -13.170 1.00 28.01 ? 116 ASN A O   1 
ATOM   616  C CB  . ASN A 1 74  ? 6.389   8.129   -10.571 1.00 24.01 ? 116 ASN A CB  1 
ATOM   617  C CG  . ASN A 1 74  ? 7.281   8.914   -9.645  1.00 29.89 ? 116 ASN A CG  1 
ATOM   618  O OD1 . ASN A 1 74  ? 7.104   10.119  -9.470  1.00 36.93 ? 116 ASN A OD1 1 
ATOM   619  N ND2 . ASN A 1 74  ? 8.250   8.234   -9.036  1.00 29.41 ? 116 ASN A ND2 1 
ATOM   620  N N   . ASN A 1 75  ? 3.249   8.071   -12.276 1.00 21.98 ? 117 ASN A N   1 
ATOM   621  C CA  . ASN A 1 75  ? 2.543   7.310   -13.318 1.00 21.87 ? 117 ASN A CA  1 
ATOM   622  C C   . ASN A 1 75  ? 3.140   5.924   -13.529 1.00 24.33 ? 117 ASN A C   1 
ATOM   623  O O   . ASN A 1 75  ? 3.139   5.389   -14.641 1.00 26.24 ? 117 ASN A O   1 
ATOM   624  C CB  . ASN A 1 75  ? 2.419   8.083   -14.632 1.00 25.50 ? 117 ASN A CB  1 
ATOM   625  C CG  . ASN A 1 75  ? 1.603   9.327   -14.471 1.00 31.96 ? 117 ASN A CG  1 
ATOM   626  O OD1 . ASN A 1 75  ? 0.513   9.286   -13.900 1.00 32.02 ? 117 ASN A OD1 1 
ATOM   627  N ND2 . ASN A 1 75  ? 2.114   10.449  -14.973 1.00 35.21 ? 117 ASN A ND2 1 
ATOM   628  N N   . TYR A 1 76  ? 3.606   5.323   -12.436 1.00 20.71 ? 118 TYR A N   1 
ATOM   629  C CA  . TYR A 1 76  ? 4.346   4.070   -12.504 1.00 18.23 ? 118 TYR A CA  1 
ATOM   630  C C   . TYR A 1 76  ? 3.491   2.934   -13.047 1.00 18.44 ? 118 TYR A C   1 
ATOM   631  O O   . TYR A 1 76  ? 4.024   1.946   -13.570 1.00 20.82 ? 118 TYR A O   1 
ATOM   632  C CB  . TYR A 1 76  ? 4.832   3.752   -11.089 1.00 17.89 ? 118 TYR A CB  1 
ATOM   633  C CG  . TYR A 1 76  ? 5.652   2.500   -10.911 1.00 16.68 ? 118 TYR A CG  1 
ATOM   634  C CD1 . TYR A 1 76  ? 7.042   2.534   -11.000 1.00 16.18 ? 118 TYR A CD1 1 
ATOM   635  C CD2 . TYR A 1 76  ? 5.042   1.295   -10.577 1.00 17.10 ? 118 TYR A CD2 1 
ATOM   636  C CE1 . TYR A 1 76  ? 7.798   1.397   -10.806 1.00 18.12 ? 118 TYR A CE1 1 
ATOM   637  C CE2 . TYR A 1 76  ? 5.796   0.152   -10.398 1.00 18.46 ? 118 TYR A CE2 1 
ATOM   638  C CZ  . TYR A 1 76  ? 7.162   0.211   -10.505 1.00 18.85 ? 118 TYR A CZ  1 
ATOM   639  O OH  . TYR A 1 76  ? 7.911   -0.921  -10.314 1.00 23.41 ? 118 TYR A OH  1 
ATOM   640  N N   . TYR A 1 77  ? 2.175   3.048   -12.932 1.00 16.41 ? 119 TYR A N   1 
ATOM   641  C CA  . TYR A 1 77  ? 1.286   1.942   -13.232 1.00 15.89 ? 119 TYR A CA  1 
ATOM   642  C C   . TYR A 1 77  ? 0.754   2.058   -14.651 1.00 17.12 ? 119 TYR A C   1 
ATOM   643  O O   . TYR A 1 77  ? 0.629   3.156   -15.200 1.00 19.68 ? 119 TYR A O   1 
ATOM   644  C CB  . TYR A 1 77  ? 0.092   1.935   -12.281 1.00 17.15 ? 119 TYR A CB  1 
ATOM   645  C CG  . TYR A 1 77  ? 0.432   1.736   -10.826 1.00 16.09 ? 119 TYR A CG  1 
ATOM   646  C CD1 . TYR A 1 77  ? 0.865   0.501   -10.350 1.00 14.24 ? 119 TYR A CD1 1 
ATOM   647  C CD2 . TYR A 1 77  ? 0.289   2.779   -9.921  1.00 14.21 ? 119 TYR A CD2 1 
ATOM   648  C CE1 . TYR A 1 77  ? 1.190   0.322   -8.995  1.00 13.73 ? 119 TYR A CE1 1 
ATOM   649  C CE2 . TYR A 1 77  ? 0.584   2.599   -8.563  1.00 14.73 ? 119 TYR A CE2 1 
ATOM   650  C CZ  . TYR A 1 77  ? 1.017   1.370   -8.117  1.00 13.06 ? 119 TYR A CZ  1 
ATOM   651  O OH  . TYR A 1 77  ? 1.286   1.213   -6.766  1.00 14.05 ? 119 TYR A OH  1 
ATOM   652  N N   . TRP A 1 78  ? 0.433   0.898   -15.231 1.00 17.23 ? 120 TRP A N   1 
ATOM   653  C CA  . TRP A 1 78  ? -0.266  0.853   -16.510 1.00 16.96 ? 120 TRP A CA  1 
ATOM   654  C C   . TRP A 1 78  ? -1.763  0.927   -16.320 1.00 15.26 ? 120 TRP A C   1 
ATOM   655  O O   . TRP A 1 78  ? -2.464  1.513   -17.152 1.00 17.67 ? 120 TRP A O   1 
ATOM   656  C CB  . TRP A 1 78  ? 0.058   -0.446  -17.246 1.00 16.40 ? 120 TRP A CB  1 
ATOM   657  C CG  . TRP A 1 78  ? -0.543  -0.538  -18.612 1.00 15.57 ? 120 TRP A CG  1 
ATOM   658  C CD1 . TRP A 1 78  ? -1.625  -1.274  -18.982 1.00 17.27 ? 120 TRP A CD1 1 
ATOM   659  C CD2 . TRP A 1 78  ? -0.080  0.123   -19.797 1.00 13.83 ? 120 TRP A CD2 1 
ATOM   660  N NE1 . TRP A 1 78  ? -1.871  -1.112  -20.324 1.00 16.94 ? 120 TRP A NE1 1 
ATOM   661  C CE2 . TRP A 1 78  ? -0.934  -0.260  -20.846 1.00 15.87 ? 120 TRP A CE2 1 
ATOM   662  C CE3 . TRP A 1 78  ? 0.981   1.001   -20.070 1.00 15.42 ? 120 TRP A CE3 1 
ATOM   663  C CZ2 . TRP A 1 78  ? -0.765  0.200   -22.149 1.00 13.91 ? 120 TRP A CZ2 1 
ATOM   664  C CZ3 . TRP A 1 78  ? 1.148   1.455   -21.372 1.00 16.97 ? 120 TRP A CZ3 1 
ATOM   665  C CH2 . TRP A 1 78  ? 0.270   1.062   -22.386 1.00 16.54 ? 120 TRP A CH2 1 
ATOM   666  N N   . ASN A 1 79  ? -2.280  0.335   -15.246 1.00 16.46 ? 121 ASN A N   1 
ATOM   667  C CA  . ASN A 1 79  ? -3.714  0.344   -15.031 1.00 16.12 ? 121 ASN A CA  1 
ATOM   668  C C   . ASN A 1 79  ? -4.013  0.323   -13.536 1.00 16.76 ? 121 ASN A C   1 
ATOM   669  O O   . ASN A 1 79  ? -3.129  0.092   -12.698 1.00 16.80 ? 121 ASN A O   1 
ATOM   670  C CB  . ASN A 1 79  ? -4.419  -0.784  -15.798 1.00 15.22 ? 121 ASN A CB  1 
ATOM   671  C CG  . ASN A 1 79  ? -3.965  -2.164  -15.371 1.00 21.19 ? 121 ASN A CG  1 
ATOM   672  O OD1 . ASN A 1 79  ? -3.560  -2.376  -14.228 1.00 18.71 ? 121 ASN A OD1 1 
ATOM   673  N ND2 . ASN A 1 79  ? -4.055  -3.117  -16.277 1.00 19.77 ? 121 ASN A ND2 1 
ATOM   674  N N   . ALA A 1 80  ? -5.279  0.591   -13.231 1.00 14.67 ? 122 ALA A N   1 
ATOM   675  C CA  . ALA A 1 80  ? -5.751  0.604   -11.852 1.00 14.32 ? 122 ALA A CA  1 
ATOM   676  C C   . ALA A 1 80  ? -5.561  -0.742  -11.170 1.00 15.04 ? 122 ALA A C   1 
ATOM   677  O O   . ALA A 1 80  ? -5.291  -0.788  -9.958  1.00 14.69 ? 122 ALA A O   1 
ATOM   678  C CB  . ALA A 1 80  ? -7.227  0.999   -11.842 1.00 16.53 ? 122 ALA A CB  1 
ATOM   679  N N   . GLN A 1 81  ? -5.729  -1.844  -11.902 1.00 15.51 ? 123 GLN A N   1 
ATOM   680  C CA  . GLN A 1 81  ? -5.587  -3.165  -11.298 1.00 17.15 ? 123 GLN A CA  1 
ATOM   681  C C   . GLN A 1 81  ? -4.200  -3.363  -10.698 1.00 17.93 ? 123 GLN A C   1 
ATOM   682  O O   . GLN A 1 81  ? -4.059  -3.974  -9.631  1.00 15.10 ? 123 GLN A O   1 
ATOM   683  C CB  . GLN A 1 81  ? -5.898  -4.257  -12.320 1.00 21.77 ? 123 GLN A CB  1 
ATOM   684  C CG  . GLN A 1 81  ? -6.029  -5.649  -11.711 1.00 26.61 ? 123 GLN A CG  1 
ATOM   685  C CD  . GLN A 1 81  ? -6.861  -5.647  -10.437 1.00 29.40 ? 123 GLN A CD  1 
ATOM   686  O OE1 . GLN A 1 81  ? -8.027  -5.245  -10.443 1.00 33.58 ? 123 GLN A OE1 1 
ATOM   687  N NE2 . GLN A 1 81  ? -6.263  -6.096  -9.332  1.00 30.12 ? 123 GLN A NE2 1 
ATOM   688  N N   . GLU A 1 82  ? -3.158  -2.854  -11.360 1.00 16.20 ? 124 GLU A N   1 
ATOM   689  C CA  . GLU A 1 82  ? -1.815  -2.972  -10.797 1.00 15.17 ? 124 GLU A CA  1 
ATOM   690  C C   . GLU A 1 82  ? -1.712  -2.250  -9.462  1.00 13.61 ? 124 GLU A C   1 
ATOM   691  O O   . GLU A 1 82  ? -1.056  -2.739  -8.535  1.00 13.66 ? 124 GLU A O   1 
ATOM   692  C CB  . GLU A 1 82  ? -0.765  -2.420  -11.760 1.00 17.10 ? 124 GLU A CB  1 
ATOM   693  C CG  . GLU A 1 82  ? -0.565  -3.247  -13.010 1.00 19.48 ? 124 GLU A CG  1 
ATOM   694  C CD  . GLU A 1 82  ? 0.487   -2.661  -13.912 1.00 22.09 ? 124 GLU A CD  1 
ATOM   695  O OE1 . GLU A 1 82  ? 0.794   -1.456  -13.777 1.00 19.45 ? 124 GLU A OE1 1 
ATOM   696  O OE2 . GLU A 1 82  ? 1.023   -3.423  -14.743 1.00 24.88 ? 124 GLU A OE2 1 
ATOM   697  N N   . CYS A 1 83  ? -2.330  -1.067  -9.362  1.00 13.21 ? 125 CYS A N   1 
ATOM   698  C CA  . CYS A 1 83  ? -2.280  -0.283  -8.136  1.00 13.60 ? 125 CYS A CA  1 
ATOM   699  C C   . CYS A 1 83  ? -3.086  -0.955  -7.033  1.00 13.48 ? 125 CYS A C   1 
ATOM   700  O O   . CYS A 1 83  ? -2.619  -1.056  -5.895  1.00 12.76 ? 125 CYS A O   1 
ATOM   701  C CB  . CYS A 1 83  ? -2.802  1.128   -8.404  1.00 14.56 ? 125 CYS A CB  1 
ATOM   702  S SG  . CYS A 1 83  ? -2.875  2.159   -6.919  1.00 16.22 ? 125 CYS A SG  1 
ATOM   703  N N   . ILE A 1 84  ? -4.291  -1.437  -7.365  1.00 13.79 ? 126 ILE A N   1 
ATOM   704  C CA  . ILE A 1 84  ? -5.112  -2.173  -6.404  1.00 13.05 ? 126 ILE A CA  1 
ATOM   705  C C   . ILE A 1 84  ? -4.346  -3.371  -5.858  1.00 12.33 ? 126 ILE A C   1 
ATOM   706  O O   . ILE A 1 84  ? -4.417  -3.682  -4.659  1.00 11.95 ? 126 ILE A O   1 
ATOM   707  C CB  . ILE A 1 84  ? -6.458  -2.564  -7.051  1.00 12.91 ? 126 ILE A CB  1 
ATOM   708  C CG1 . ILE A 1 84  ? -7.301  -1.313  -7.263  1.00 13.54 ? 126 ILE A CG1 1 
ATOM   709  C CG2 . ILE A 1 84  ? -7.192  -3.580  -6.185  1.00 13.32 ? 126 ILE A CG2 1 
ATOM   710  C CD1 . ILE A 1 84  ? -8.514  -1.512  -8.169  1.00 15.50 ? 126 ILE A CD1 1 
ATOM   711  N N   . GLN A 1 85  ? -3.584  -4.044  -6.717  1.00 12.66 ? 127 GLN A N   1 
ATOM   712  C CA  . GLN A 1 85  ? -2.776  -5.177  -6.276  1.00 11.66 ? 127 GLN A CA  1 
ATOM   713  C C   . GLN A 1 85  ? -1.752  -4.760  -5.221  1.00 13.51 ? 127 GLN A C   1 
ATOM   714  O O   . GLN A 1 85  ? -1.537  -5.490  -4.243  1.00 15.34 ? 127 GLN A O   1 
ATOM   715  C CB  . GLN A 1 85  ? -2.091  -5.825  -7.478  1.00 16.96 ? 127 GLN A CB  1 
ATOM   716  C CG  . GLN A 1 85  ? -1.163  -7.003  -7.134  1.00 25.05 ? 127 GLN A CG  1 
ATOM   717  C CD  . GLN A 1 85  ? -1.874  -8.141  -6.387  1.00 31.75 ? 127 GLN A CD  1 
ATOM   718  O OE1 . GLN A 1 85  ? -2.600  -8.948  -6.991  1.00 34.69 ? 127 GLN A OE1 1 
ATOM   719  N NE2 . GLN A 1 85  ? -1.643  -8.228  -5.067  1.00 27.78 ? 127 GLN A NE2 1 
ATOM   720  N N   . ASP A 1 86  ? -1.145  -3.581  -5.376  1.00 11.42 ? 128 ASP A N   1 
ATOM   721  C CA  . ASP A 1 86  ? -0.189  -3.115  -4.374  1.00 11.48 ? 128 ASP A CA  1 
ATOM   722  C C   . ASP A 1 86  ? -0.873  -2.884  -3.029  1.00 10.72 ? 128 ASP A C   1 
ATOM   723  O O   . ASP A 1 86  ? -0.326  -3.242  -1.979  1.00 9.96  ? 128 ASP A O   1 
ATOM   724  C CB  . ASP A 1 86  ? 0.484   -1.832  -4.835  1.00 11.62 ? 128 ASP A CB  1 
ATOM   725  C CG  . ASP A 1 86  ? 1.643   -2.079  -5.800  1.00 13.45 ? 128 ASP A CG  1 
ATOM   726  O OD1 . ASP A 1 86  ? 2.071   -3.245  -6.007  1.00 13.67 ? 128 ASP A OD1 1 
ATOM   727  O OD2 . ASP A 1 86  ? 2.121   -1.073  -6.347  1.00 13.31 ? 128 ASP A OD2 1 
ATOM   728  N N   . PHE A 1 87  ? -2.059  -2.263  -3.042  1.00 9.89  ? 129 PHE A N   1 
ATOM   729  C CA  . PHE A 1 87  ? -2.828  -2.104  -1.808  1.00 10.48 ? 129 PHE A CA  1 
ATOM   730  C C   . PHE A 1 87  ? -3.073  -3.460  -1.169  1.00 11.42 ? 129 PHE A C   1 
ATOM   731  O O   . PHE A 1 87  ? -2.877  -3.638  0.042   1.00 11.58 ? 129 PHE A O   1 
ATOM   732  C CB  . PHE A 1 87  ? -4.176  -1.420  -2.096  1.00 13.61 ? 129 PHE A CB  1 
ATOM   733  C CG  . PHE A 1 87  ? -4.115  0.089   -2.099  1.00 11.10 ? 129 PHE A CG  1 
ATOM   734  C CD1 . PHE A 1 87  ? -4.100  0.803   -0.910  1.00 12.90 ? 129 PHE A CD1 1 
ATOM   735  C CD2 . PHE A 1 87  ? -4.094  0.795   -3.297  1.00 12.85 ? 129 PHE A CD2 1 
ATOM   736  C CE1 . PHE A 1 87  ? -4.052  2.182   -0.907  1.00 13.82 ? 129 PHE A CE1 1 
ATOM   737  C CE2 . PHE A 1 87  ? -4.042  2.175   -3.305  1.00 12.58 ? 129 PHE A CE2 1 
ATOM   738  C CZ  . PHE A 1 87  ? -4.038  2.871   -2.104  1.00 13.50 ? 129 PHE A CZ  1 
ATOM   739  N N   . ASN A 1 88  ? -3.507  -4.438  -1.975  1.00 12.16 ? 130 ASN A N   1 
ATOM   740  C CA  . ASN A 1 88  ? -3.820  -5.758  -1.433  1.00 15.85 ? 130 ASN A CA  1 
ATOM   741  C C   . ASN A 1 88  ? -2.587  -6.480  -0.906  1.00 12.91 ? 130 ASN A C   1 
ATOM   742  O O   . ASN A 1 88  ? -2.676  -7.200  0.094   1.00 14.31 ? 130 ASN A O   1 
ATOM   743  C CB  . ASN A 1 88  ? -4.575  -6.588  -2.469  1.00 14.63 ? 130 ASN A CB  1 
ATOM   744  C CG  . ASN A 1 88  ? -6.041  -6.178  -2.569  1.00 16.67 ? 130 ASN A CG  1 
ATOM   745  O OD1 . ASN A 1 88  ? -6.626  -5.706  -1.588  1.00 25.64 ? 130 ASN A OD1 1 
ATOM   746  N ND2 . ASN A 1 88  ? -6.637  -6.354  -3.741  1.00 24.87 ? 130 ASN A ND2 1 
ATOM   747  N N   . THR A 1 89  ? -1.429  -6.284  -1.543  1.00 11.37 ? 131 THR A N   1 
ATOM   748  C CA  . THR A 1 89  ? -0.178  -6.816  -1.006  1.00 11.20 ? 131 THR A CA  1 
ATOM   749  C C   . THR A 1 89  ? 0.137   -6.216  0.360   1.00 11.58 ? 131 THR A C   1 
ATOM   750  O O   . THR A 1 89  ? 0.527   -6.935  1.287   1.00 12.06 ? 131 THR A O   1 
ATOM   751  C CB  . THR A 1 89  ? 0.954   -6.508  -1.982  1.00 12.18 ? 131 THR A CB  1 
ATOM   752  O OG1 . THR A 1 89  ? 0.739   -7.250  -3.182  1.00 14.34 ? 131 THR A OG1 1 
ATOM   753  C CG2 . THR A 1 89  ? 2.294   -6.912  -1.401  1.00 11.15 ? 131 THR A CG2 1 
ATOM   754  N N   . MET A 1 90  ? -0.034  -4.899  0.501   1.00 10.89 ? 132 MET A N   1 
ATOM   755  C CA  . MET A 1 90  ? 0.148   -4.230  1.789   1.00 10.66 ? 132 MET A CA  1 
ATOM   756  C C   . MET A 1 90  ? -0.743  -4.826  2.884   1.00 9.78  ? 132 MET A C   1 
ATOM   757  O O   . MET A 1 90  ? -0.268  -5.128  3.990   1.00 11.88 ? 132 MET A O   1 
ATOM   758  C CB  . MET A 1 90  ? -0.112  -2.734  1.616   1.00 10.14 ? 132 MET A CB  1 
ATOM   759  C CG  . MET A 1 90  ? 0.031   -1.954  2.923   1.00 10.66 ? 132 MET A CG  1 
ATOM   760  S SD  . MET A 1 90  ? -0.482  -0.251  2.739   1.00 12.84 ? 132 MET A SD  1 
ATOM   761  C CE  . MET A 1 90  ? -2.273  -0.391  2.714   1.00 17.47 ? 132 MET A CE  1 
ATOM   762  N N   . PHE A 1 91  ? -2.041  -4.960  2.618   1.00 10.65 ? 133 PHE A N   1 
ATOM   763  C CA  . PHE A 1 91  ? -2.925  -5.529  3.639   1.00 9.76  ? 133 PHE A CA  1 
ATOM   764  C C   . PHE A 1 91  ? -2.542  -6.964  3.957   1.00 10.27 ? 133 PHE A C   1 
ATOM   765  O O   . PHE A 1 91  ? -2.425  -7.338  5.137   1.00 11.80 ? 133 PHE A O   1 
ATOM   766  C CB  . PHE A 1 91  ? -4.389  -5.452  3.188   1.00 9.89  ? 133 PHE A CB  1 
ATOM   767  C CG  . PHE A 1 91  ? -4.904  -4.050  3.044   1.00 11.15 ? 133 PHE A CG  1 
ATOM   768  C CD1 . PHE A 1 91  ? -4.818  -3.155  4.096   1.00 14.89 ? 133 PHE A CD1 1 
ATOM   769  C CD2 . PHE A 1 91  ? -5.480  -3.629  1.852   1.00 14.09 ? 133 PHE A CD2 1 
ATOM   770  C CE1 . PHE A 1 91  ? -5.290  -1.862  3.963   1.00 15.67 ? 133 PHE A CE1 1 
ATOM   771  C CE2 . PHE A 1 91  ? -5.960  -2.347  1.715   1.00 12.79 ? 133 PHE A CE2 1 
ATOM   772  C CZ  . PHE A 1 91  ? -5.854  -1.457  2.758   1.00 13.18 ? 133 PHE A CZ  1 
ATOM   773  N N   . THR A 1 92  ? -2.335  -7.785  2.924   1.00 12.45 ? 134 THR A N   1 
ATOM   774  C CA  A THR A 1 92  ? -2.047  -9.203  3.135   0.78 12.11 ? 134 THR A CA  1 
ATOM   775  C CA  B THR A 1 92  ? -2.067  -9.193  3.183   0.22 12.23 ? 134 THR A CA  1 
ATOM   776  C C   . THR A 1 92  ? -0.749  -9.398  3.924   1.00 12.68 ? 134 THR A C   1 
ATOM   777  O O   . THR A 1 92  ? -0.654  -10.282 4.777   1.00 12.78 ? 134 THR A O   1 
ATOM   778  C CB  A THR A 1 92  ? -1.972  -9.925  1.788   0.78 16.17 ? 134 THR A CB  1 
ATOM   779  C CB  B THR A 1 92  ? -2.144  -10.012 1.902   0.22 16.08 ? 134 THR A CB  1 
ATOM   780  O OG1 A THR A 1 92  ? -3.246  -9.867  1.126   0.78 20.33 ? 134 THR A OG1 1 
ATOM   781  O OG1 B THR A 1 92  ? -1.316  -9.416  0.900   0.22 15.30 ? 134 THR A OG1 1 
ATOM   782  C CG2 A THR A 1 92  ? -1.587  -11.392 1.973   0.78 14.33 ? 134 THR A CG2 1 
ATOM   783  C CG2 B THR A 1 92  ? -3.578  -10.057 1.421   0.22 17.65 ? 134 THR A CG2 1 
ATOM   784  N N   . ASN A 1 93  ? 0.279   -8.585  3.631   1.00 11.85 ? 135 ASN A N   1 
ATOM   785  C CA  . ASN A 1 93  ? 1.521   -8.690  4.404   1.00 11.87 ? 135 ASN A CA  1 
ATOM   786  C C   . ASN A 1 93  ? 1.241   -8.526  5.888   1.00 13.24 ? 135 ASN A C   1 
ATOM   787  O O   . ASN A 1 93  ? 1.775   -9.268  6.722   1.00 11.99 ? 135 ASN A O   1 
ATOM   788  C CB  . ASN A 1 93  ? 2.497   -7.593  3.992   1.00 11.06 ? 135 ASN A CB  1 
ATOM   789  C CG  . ASN A 1 93  ? 3.130   -7.852  2.664   1.00 11.35 ? 135 ASN A CG  1 
ATOM   790  O OD1 . ASN A 1 93  ? 3.072   -8.960  2.145   1.00 13.56 ? 135 ASN A OD1 1 
ATOM   791  N ND2 . ASN A 1 93  ? 3.763   -6.818  2.109   1.00 11.75 ? 135 ASN A ND2 1 
ATOM   792  N N   . CYS A 1 94  ? 0.397   -7.552  6.231   1.00 10.96 ? 136 CYS A N   1 
ATOM   793  C CA  . CYS A 1 94  ? 0.059   -7.314  7.623   1.00 11.33 ? 136 CYS A CA  1 
ATOM   794  C C   . CYS A 1 94  ? -0.660  -8.521  8.211   1.00 11.20 ? 136 CYS A C   1 
ATOM   795  O O   . CYS A 1 94  ? -0.377  -8.929  9.348   1.00 11.09 ? 136 CYS A O   1 
ATOM   796  C CB  . CYS A 1 94  ? -0.804  -6.060  7.709   1.00 10.52 ? 136 CYS A CB  1 
ATOM   797  S SG  . CYS A 1 94  ? -1.201  -5.583  9.397   1.00 12.58 ? 136 CYS A SG  1 
ATOM   798  N N   . TYR A 1 95  ? -1.568  -9.135  7.437   1.00 11.08 ? 137 TYR A N   1 
ATOM   799  C CA  . TYR A 1 95  ? -2.297  -10.293 7.962   1.00 10.87 ? 137 TYR A CA  1 
ATOM   800  C C   . TYR A 1 95  ? -1.405  -11.528 8.064   1.00 13.14 ? 137 TYR A C   1 
ATOM   801  O O   . TYR A 1 95  ? -1.600  -12.363 8.959   1.00 15.75 ? 137 TYR A O   1 
ATOM   802  C CB  . TYR A 1 95  ? -3.535  -10.589 7.110   1.00 11.94 ? 137 TYR A CB  1 
ATOM   803  C CG  . TYR A 1 95  ? -4.430  -9.388  6.918   1.00 13.45 ? 137 TYR A CG  1 
ATOM   804  C CD1 . TYR A 1 95  ? -4.567  -8.437  7.919   1.00 13.46 ? 137 TYR A CD1 1 
ATOM   805  C CD2 . TYR A 1 95  ? -5.135  -9.194  5.723   1.00 14.72 ? 137 TYR A CD2 1 
ATOM   806  C CE1 . TYR A 1 95  ? -5.394  -7.323  7.749   1.00 15.74 ? 137 TYR A CE1 1 
ATOM   807  C CE2 . TYR A 1 95  ? -5.981  -8.088  5.558   1.00 15.03 ? 137 TYR A CE2 1 
ATOM   808  C CZ  . TYR A 1 95  ? -6.094  -7.158  6.567   1.00 14.69 ? 137 TYR A CZ  1 
ATOM   809  O OH  . TYR A 1 95  ? -6.903  -6.056  6.418   1.00 15.09 ? 137 TYR A OH  1 
ATOM   810  N N   . ILE A 1 96  ? -0.410  -11.645 7.182   1.00 13.35 ? 138 ILE A N   1 
ATOM   811  C CA  . ILE A 1 96  ? 0.529   -12.761 7.242   1.00 12.95 ? 138 ILE A CA  1 
ATOM   812  C C   . ILE A 1 96  ? 1.398   -12.672 8.493   1.00 13.42 ? 138 ILE A C   1 
ATOM   813  O O   . ILE A 1 96  ? 1.450   -13.608 9.305   1.00 13.86 ? 138 ILE A O   1 
ATOM   814  C CB  . ILE A 1 96  ? 1.384   -12.799 5.961   1.00 13.82 ? 138 ILE A CB  1 
ATOM   815  C CG1 . ILE A 1 96  ? 0.570   -13.303 4.775   1.00 15.34 ? 138 ILE A CG1 1 
ATOM   816  C CG2 . ILE A 1 96  ? 2.597   -13.704 6.155   1.00 15.78 ? 138 ILE A CG2 1 
ATOM   817  C CD1 . ILE A 1 96  ? 1.218   -13.018 3.432   1.00 17.27 ? 138 ILE A CD1 1 
ATOM   818  N N   . TYR A 1 97  ? 2.093   -11.544 8.667   1.00 11.99 ? 139 TYR A N   1 
ATOM   819  C CA  . TYR A 1 97  ? 3.069   -11.452 9.750   1.00 12.01 ? 139 TYR A CA  1 
ATOM   820  C C   . TYR A 1 97  ? 2.390   -11.493 11.114  1.00 15.15 ? 139 TYR A C   1 
ATOM   821  O O   . TYR A 1 97  ? 2.906   -12.117 12.054  1.00 14.67 ? 139 TYR A O   1 
ATOM   822  C CB  . TYR A 1 97  ? 3.911   -10.185 9.590   1.00 13.93 ? 139 TYR A CB  1 
ATOM   823  C CG  . TYR A 1 97  ? 4.919   -10.003 10.712  1.00 13.75 ? 139 TYR A CG  1 
ATOM   824  C CD1 . TYR A 1 97  ? 6.246   -10.338 10.531  1.00 16.77 ? 139 TYR A CD1 1 
ATOM   825  C CD2 . TYR A 1 97  ? 4.531   -9.506  11.949  1.00 17.08 ? 139 TYR A CD2 1 
ATOM   826  C CE1 . TYR A 1 97  ? 7.160   -10.187 11.558  1.00 16.63 ? 139 TYR A CE1 1 
ATOM   827  C CE2 . TYR A 1 97  ? 5.430   -9.342  12.970  1.00 17.79 ? 139 TYR A CE2 1 
ATOM   828  C CZ  . TYR A 1 97  ? 6.745   -9.664  12.761  1.00 17.24 ? 139 TYR A CZ  1 
ATOM   829  O OH  . TYR A 1 97  ? 7.635   -9.514  13.801  1.00 18.88 ? 139 TYR A OH  1 
ATOM   830  N N   . ASN A 1 98  ? 1.235   -10.838 11.238  1.00 12.77 ? 140 ASN A N   1 
ATOM   831  C CA  . ASN A 1 98  ? 0.553   -10.672 12.509  1.00 13.26 ? 140 ASN A CA  1 
ATOM   832  C C   . ASN A 1 98  ? -0.560  -11.711 12.635  1.00 12.90 ? 140 ASN A C   1 
ATOM   833  O O   . ASN A 1 98  ? -0.714  -12.593 11.792  1.00 16.20 ? 140 ASN A O   1 
ATOM   834  C CB  . ASN A 1 98  ? 0.046   -9.235  12.631  1.00 12.79 ? 140 ASN A CB  1 
ATOM   835  C CG  . ASN A 1 98  ? 1.166   -8.221  12.490  1.00 13.14 ? 140 ASN A CG  1 
ATOM   836  O OD1 . ASN A 1 98  ? 1.912   -7.996  13.432  1.00 14.27 ? 140 ASN A OD1 1 
ATOM   837  N ND2 . ASN A 1 98  ? 1.297   -7.611  11.300  1.00 11.67 ? 140 ASN A ND2 1 
ATOM   838  N N   . LYS A 1 99  ? -1.338  -11.609 13.717  1.00 15.23 ? 141 LYS A N   1 
ATOM   839  C CA  . LYS A 1 99  ? -2.393  -12.572 13.992  1.00 15.40 ? 141 LYS A CA  1 
ATOM   840  C C   . LYS A 1 99  ? -3.731  -11.864 14.132  1.00 15.93 ? 141 LYS A C   1 
ATOM   841  O O   . LYS A 1 99  ? -3.781  -10.676 14.466  1.00 14.14 ? 141 LYS A O   1 
ATOM   842  C CB  . LYS A 1 99  ? -2.108  -13.331 15.294  1.00 17.02 ? 141 LYS A CB  1 
ATOM   843  C CG  . LYS A 1 99  ? -0.868  -14.201 15.213  1.00 23.03 ? 141 LYS A CG  1 
ATOM   844  C CD  . LYS A 1 99  ? -0.394  -14.602 16.584  1.00 26.02 ? 141 LYS A CD  1 
ATOM   845  C CE  . LYS A 1 99  ? 0.990   -15.217 16.512  1.00 28.64 ? 141 LYS A CE  1 
ATOM   846  N NZ  . LYS A 1 99  ? 1.947   -14.356 15.756  1.00 33.09 ? 141 LYS A NZ  1 
ATOM   847  N N   . PRO A 1 100 ? -4.830  -12.563 13.857  1.00 15.02 ? 142 PRO A N   1 
ATOM   848  C CA  . PRO A 1 100 ? -6.150  -11.948 13.999  1.00 18.91 ? 142 PRO A CA  1 
ATOM   849  C C   . PRO A 1 100 ? -6.327  -11.393 15.404  1.00 17.94 ? 142 PRO A C   1 
ATOM   850  O O   . PRO A 1 100 ? -5.934  -12.017 16.392  1.00 19.68 ? 142 PRO A O   1 
ATOM   851  C CB  . PRO A 1 100 ? -7.106  -13.112 13.725  1.00 18.94 ? 142 PRO A CB  1 
ATOM   852  C CG  . PRO A 1 100 ? -6.342  -14.008 12.816  1.00 20.87 ? 142 PRO A CG  1 
ATOM   853  C CD  . PRO A 1 100 ? -4.902  -13.903 13.248  1.00 21.20 ? 142 PRO A CD  1 
ATOM   854  N N   . GLY A 1 101 ? -6.883  -10.189 15.479  1.00 19.78 ? 143 GLY A N   1 
ATOM   855  C CA  . GLY A 1 101 ? -7.117  -9.524  16.732  1.00 21.47 ? 143 GLY A CA  1 
ATOM   856  C C   . GLY A 1 101 ? -6.002  -8.614  17.192  1.00 21.73 ? 143 GLY A C   1 
ATOM   857  O O   . GLY A 1 101 ? -6.230  -7.803  18.098  1.00 21.34 ? 143 GLY A O   1 
ATOM   858  N N   . ASP A 1 102 ? -4.806  -8.718  16.602  1.00 17.14 ? 144 ASP A N   1 
ATOM   859  C CA  . ASP A 1 102 ? -3.727  -7.810  16.962  1.00 15.63 ? 144 ASP A CA  1 
ATOM   860  C C   . ASP A 1 102 ? -4.120  -6.387  16.583  1.00 15.36 ? 144 ASP A C   1 
ATOM   861  O O   . ASP A 1 102 ? -4.837  -6.156  15.608  1.00 14.71 ? 144 ASP A O   1 
ATOM   862  C CB  . ASP A 1 102 ? -2.457  -8.164  16.192  1.00 15.01 ? 144 ASP A CB  1 
ATOM   863  C CG  . ASP A 1 102 ? -1.760  -9.410  16.713  1.00 17.92 ? 144 ASP A CG  1 
ATOM   864  O OD1 . ASP A 1 102 ? -2.162  -9.943  17.772  1.00 20.15 ? 144 ASP A OD1 1 
ATOM   865  O OD2 . ASP A 1 102 ? -0.788  -9.845  16.049  1.00 16.05 ? 144 ASP A OD2 1 
ATOM   866  N N   . ASP A 1 103 ? -3.648  -5.423  17.371  1.00 13.53 ? 145 ASP A N   1 
ATOM   867  C CA  . ASP A 1 103 ? -3.998  -4.030  17.113  1.00 14.78 ? 145 ASP A CA  1 
ATOM   868  C C   . ASP A 1 103 ? -3.625  -3.596  15.698  1.00 14.57 ? 145 ASP A C   1 
ATOM   869  O O   . ASP A 1 103 ? -4.400  -2.903  15.030  1.00 15.11 ? 145 ASP A O   1 
ATOM   870  C CB  . ASP A 1 103 ? -3.345  -3.109  18.140  1.00 17.10 ? 145 ASP A CB  1 
ATOM   871  C CG  . ASP A 1 103 ? -3.860  -3.338  19.542  1.00 21.55 ? 145 ASP A CG  1 
ATOM   872  O OD1 . ASP A 1 103 ? -4.988  -3.850  19.684  1.00 20.42 ? 145 ASP A OD1 1 
ATOM   873  O OD2 . ASP A 1 103 ? -3.137  -2.962  20.490  1.00 22.94 ? 145 ASP A OD2 1 
ATOM   874  N N   . ILE A 1 104 ? -2.433  -3.970  15.228  1.00 15.46 ? 146 ILE A N   1 
ATOM   875  C CA  . ILE A 1 104 ? -2.026  -3.528  13.896  1.00 15.45 ? 146 ILE A CA  1 
ATOM   876  C C   . ILE A 1 104 ? -2.946  -4.119  12.837  1.00 12.84 ? 146 ILE A C   1 
ATOM   877  O O   . ILE A 1 104 ? -3.185  -3.502  11.788  1.00 13.06 ? 146 ILE A O   1 
ATOM   878  C CB  . ILE A 1 104 ? -0.528  -3.840  13.646  1.00 12.20 ? 146 ILE A CB  1 
ATOM   879  C CG1 . ILE A 1 104 ? 0.000   -3.151  12.378  1.00 14.58 ? 146 ILE A CG1 1 
ATOM   880  C CG2 . ILE A 1 104 ? -0.284  -5.333  13.563  1.00 14.65 ? 146 ILE A CG2 1 
ATOM   881  C CD1 . ILE A 1 104 ? 0.121   -1.635  12.465  1.00 13.69 ? 146 ILE A CD1 1 
ATOM   882  N N   . VAL A 1 105 ? -3.474  -5.319  13.092  1.00 14.78 ? 147 VAL A N   1 
ATOM   883  C CA  . VAL A 1 105 ? -4.415  -5.964  12.183  1.00 12.15 ? 147 VAL A CA  1 
ATOM   884  C C   . VAL A 1 105 ? -5.766  -5.254  12.207  1.00 15.04 ? 147 VAL A C   1 
ATOM   885  O O   . VAL A 1 105 ? -6.388  -5.044  11.159  1.00 14.92 ? 147 VAL A O   1 
ATOM   886  C CB  . VAL A 1 105 ? -4.511  -7.459  12.536  1.00 14.49 ? 147 VAL A CB  1 
ATOM   887  C CG1 . VAL A 1 105 ? -5.662  -8.134  11.839  1.00 12.52 ? 147 VAL A CG1 1 
ATOM   888  C CG2 . VAL A 1 105 ? -3.184  -8.143  12.242  1.00 13.50 ? 147 VAL A CG2 1 
ATOM   889  N N   . LEU A 1 106 ? -6.240  -4.862  13.395  1.00 14.92 ? 148 LEU A N   1 
ATOM   890  C CA  . LEU A 1 106 ? -7.459  -4.059  13.460  1.00 14.14 ? 148 LEU A CA  1 
ATOM   891  C C   . LEU A 1 106 ? -7.310  -2.777  12.648  1.00 14.58 ? 148 LEU A C   1 
ATOM   892  O O   . LEU A 1 106 ? -8.242  -2.365  11.949  1.00 17.73 ? 148 LEU A O   1 
ATOM   893  C CB  . LEU A 1 106 ? -7.819  -3.759  14.921  1.00 14.29 ? 148 LEU A CB  1 
ATOM   894  C CG  . LEU A 1 106 ? -8.269  -4.992  15.702  1.00 20.01 ? 148 LEU A CG  1 
ATOM   895  C CD1 . LEU A 1 106 ? -8.328  -4.707  17.201  1.00 19.67 ? 148 LEU A CD1 1 
ATOM   896  C CD2 . LEU A 1 106 ? -9.610  -5.499  15.173  1.00 25.74 ? 148 LEU A CD2 1 
ATOM   897  N N   . MET A 1 107 ? -6.125  -2.157  12.686  1.00 15.37 ? 149 MET A N   1 
ATOM   898  C CA  . MET A 1 107 ? -5.896  -0.940  11.914  1.00 14.32 ? 149 MET A CA  1 
ATOM   899  C C   . MET A 1 107 ? -5.930  -1.219  10.412  1.00 16.63 ? 149 MET A C   1 
ATOM   900  O O   . MET A 1 107 ? -6.569  -0.482  9.649   1.00 17.52 ? 149 MET A O   1 
ATOM   901  C CB  . MET A 1 107 ? -4.557  -0.308  12.322  1.00 14.02 ? 149 MET A CB  1 
ATOM   902  C CG  . MET A 1 107 ? -4.524  0.114   13.810  1.00 14.74 ? 149 MET A CG  1 
ATOM   903  S SD  . MET A 1 107 ? -2.870  0.666   14.327  1.00 15.77 ? 149 MET A SD  1 
ATOM   904  C CE  . MET A 1 107 ? -2.934  2.381   13.847  1.00 14.78 ? 149 MET A CE  1 
ATOM   905  N N   . ALA A 1 108 ? -5.238  -2.273  9.965   1.00 13.27 ? 150 ALA A N   1 
ATOM   906  C CA  . ALA A 1 108 ? -5.259  -2.612  8.542   1.00 15.14 ? 150 ALA A CA  1 
ATOM   907  C C   . ALA A 1 108 ? -6.668  -2.957  8.074   1.00 16.14 ? 150 ALA A C   1 
ATOM   908  O O   . ALA A 1 108 ? -7.068  -2.592  6.960   1.00 14.76 ? 150 ALA A O   1 
ATOM   909  C CB  . ALA A 1 108 ? -4.291  -3.759  8.253   1.00 14.64 ? 150 ALA A CB  1 
ATOM   910  N N   . GLU A 1 109 ? -7.432  -3.668  8.907   1.00 15.23 ? 151 GLU A N   1 
ATOM   911  C CA  . GLU A 1 109 ? -8.785  -4.063  8.530   1.00 14.58 ? 151 GLU A CA  1 
ATOM   912  C C   . GLU A 1 109 ? -9.679  -2.844  8.379   1.00 17.10 ? 151 GLU A C   1 
ATOM   913  O O   . GLU A 1 109 ? -10.530 -2.804  7.485   1.00 15.68 ? 151 GLU A O   1 
ATOM   914  C CB  . GLU A 1 109 ? -9.377  -5.008  9.588   1.00 15.61 ? 151 GLU A CB  1 
ATOM   915  C CG  . GLU A 1 109 ? -8.781  -6.416  9.589   1.00 17.45 ? 151 GLU A CG  1 
ATOM   916  C CD  . GLU A 1 109 ? -9.168  -7.229  10.813  1.00 19.26 ? 151 GLU A CD  1 
ATOM   917  O OE1 . GLU A 1 109 ? -9.784  -6.668  11.739  1.00 21.78 ? 151 GLU A OE1 1 
ATOM   918  O OE2 . GLU A 1 109 ? -8.823  -8.429  10.863  1.00 20.84 ? 151 GLU A OE2 1 
ATOM   919  N N   . ALA A 1 110 ? -9.501  -1.842  9.246   1.00 16.48 ? 152 ALA A N   1 
ATOM   920  C CA  . ALA A 1 110 ? -10.274 -0.612  9.116   1.00 17.69 ? 152 ALA A CA  1 
ATOM   921  C C   . ALA A 1 110 ? -9.912  0.124   7.837   1.00 18.82 ? 152 ALA A C   1 
ATOM   922  O O   . ALA A 1 110 ? -10.786 0.667   7.158   1.00 16.85 ? 152 ALA A O   1 
ATOM   923  C CB  . ALA A 1 110 ? -10.056 0.279   10.342  1.00 17.20 ? 152 ALA A CB  1 
ATOM   924  N N   . LEU A 1 111 ? -8.625  0.137   7.488   1.00 15.61 ? 153 LEU A N   1 
ATOM   925  C CA  . LEU A 1 111 ? -8.212  0.779   6.251   1.00 15.39 ? 153 LEU A CA  1 
ATOM   926  C C   . LEU A 1 111 ? -8.714  -0.010  5.052   1.00 13.07 ? 153 LEU A C   1 
ATOM   927  O O   . LEU A 1 111 ? -9.156  0.571   4.052   1.00 15.06 ? 153 LEU A O   1 
ATOM   928  C CB  . LEU A 1 111 ? -6.691  0.878   6.225   1.00 18.57 ? 153 LEU A CB  1 
ATOM   929  C CG  . LEU A 1 111 ? -6.081  1.971   7.091   1.00 19.82 ? 153 LEU A CG  1 
ATOM   930  C CD1 . LEU A 1 111 ? -4.583  1.881   6.975   1.00 19.69 ? 153 LEU A CD1 1 
ATOM   931  C CD2 . LEU A 1 111 ? -6.546  3.326   6.599   1.00 23.48 ? 153 LEU A CD2 1 
ATOM   932  N N   . GLU A 1 112 ? -8.684  -1.337  5.154   1.00 13.61 ? 154 GLU A N   1 
ATOM   933  C CA  . GLU A 1 112 ? -9.129  -2.169  4.053   1.00 12.33 ? 154 GLU A CA  1 
ATOM   934  C C   . GLU A 1 112 ? -10.628 -2.031  3.828   1.00 16.15 ? 154 GLU A C   1 
ATOM   935  O O   . GLU A 1 112 ? -11.077 -1.993  2.677   1.00 16.56 ? 154 GLU A O   1 
ATOM   936  C CB  . GLU A 1 112 ? -8.731  -3.625  4.275   1.00 13.84 ? 154 GLU A CB  1 
ATOM   937  C CG  . GLU A 1 112 ? -9.021  -4.472  3.055   1.00 15.86 ? 154 GLU A CG  1 
ATOM   938  C CD  . GLU A 1 112 ? -8.817  -5.949  3.274   1.00 17.03 ? 154 GLU A CD  1 
ATOM   939  O OE1 . GLU A 1 112 ? -8.693  -6.402  4.443   1.00 19.97 ? 154 GLU A OE1 1 
ATOM   940  O OE2 . GLU A 1 112 ? -8.833  -6.675  2.262   1.00 22.48 ? 154 GLU A OE2 1 
ATOM   941  N N   . LYS A 1 113 ? -11.413 -1.947  4.907   1.00 15.92 ? 155 LYS A N   1 
ATOM   942  C CA  . LYS A 1 113 ? -12.850 -1.744  4.746   1.00 17.71 ? 155 LYS A CA  1 
ATOM   943  C C   . LYS A 1 113 ? -13.121 -0.464  3.971   1.00 15.95 ? 155 LYS A C   1 
ATOM   944  O O   . LYS A 1 113 ? -13.918 -0.452  3.022   1.00 16.38 ? 155 LYS A O   1 
ATOM   945  C CB  . LYS A 1 113 ? -13.534 -1.713  6.115   1.00 18.18 ? 155 LYS A CB  1 
ATOM   946  C CG  . LYS A 1 113 ? -15.025 -1.394  6.031   1.00 22.73 ? 155 LYS A CG  1 
ATOM   947  C CD  . LYS A 1 113 ? -15.794 -1.993  7.197   1.00 32.85 ? 155 LYS A CD  1 
ATOM   948  C CE  . LYS A 1 113 ? -15.864 -1.028  8.366   1.00 37.43 ? 155 LYS A CE  1 
ATOM   949  N NZ  . LYS A 1 113 ? -16.955 -1.382  9.326   1.00 42.77 ? 155 LYS A NZ  1 
ATOM   950  N N   . LEU A 1 114 ? -12.444 0.623   4.349   1.00 14.92 ? 156 LEU A N   1 
ATOM   951  C CA  . LEU A 1 114 ? -12.601 1.884   3.636   1.00 14.67 ? 156 LEU A CA  1 
ATOM   952  C C   . LEU A 1 114 ? -12.102 1.776   2.200   1.00 18.79 ? 156 LEU A C   1 
ATOM   953  O O   . LEU A 1 114 ? -12.748 2.279   1.273   1.00 16.49 ? 156 LEU A O   1 
ATOM   954  C CB  . LEU A 1 114 ? -11.873 2.993   4.390   1.00 17.19 ? 156 LEU A CB  1 
ATOM   955  C CG  . LEU A 1 114 ? -11.935 4.390   3.791   1.00 18.49 ? 156 LEU A CG  1 
ATOM   956  C CD1 . LEU A 1 114 ? -13.376 4.856   3.636   1.00 20.76 ? 156 LEU A CD1 1 
ATOM   957  C CD2 . LEU A 1 114 ? -11.136 5.362   4.640   1.00 22.18 ? 156 LEU A CD2 1 
ATOM   958  N N   . PHE A 1 115 ? -10.956 1.124   1.991   1.00 14.23 ? 157 PHE A N   1 
ATOM   959  C CA  . PHE A 1 115 ? -10.449 0.949   0.632   1.00 16.33 ? 157 PHE A CA  1 
ATOM   960  C C   . PHE A 1 115 ? -11.468 0.241   -0.259  1.00 16.26 ? 157 PHE A C   1 
ATOM   961  O O   . PHE A 1 115 ? -11.739 0.680   -1.385  1.00 15.92 ? 157 PHE A O   1 
ATOM   962  C CB  . PHE A 1 115 ? -9.128  0.173   0.706   1.00 12.75 ? 157 PHE A CB  1 
ATOM   963  C CG  . PHE A 1 115 ? -8.560  -0.211  -0.627  1.00 13.40 ? 157 PHE A CG  1 
ATOM   964  C CD1 . PHE A 1 115 ? -8.005  0.745   -1.456  1.00 13.24 ? 157 PHE A CD1 1 
ATOM   965  C CD2 . PHE A 1 115 ? -8.561  -1.531  -1.037  1.00 14.76 ? 157 PHE A CD2 1 
ATOM   966  C CE1 . PHE A 1 115 ? -7.464  0.385   -2.685  1.00 15.12 ? 157 PHE A CE1 1 
ATOM   967  C CE2 . PHE A 1 115 ? -8.038  -1.891  -2.256  1.00 17.65 ? 157 PHE A CE2 1 
ATOM   968  C CZ  . PHE A 1 115 ? -7.490  -0.937  -3.079  1.00 14.12 ? 157 PHE A CZ  1 
ATOM   969  N N   . LEU A 1 116 ? -12.049 -0.852  0.235   1.00 17.74 ? 158 LEU A N   1 
ATOM   970  C CA  . LEU A 1 116 ? -13.019 -1.611  -0.549  1.00 15.70 ? 158 LEU A CA  1 
ATOM   971  C C   . LEU A 1 116 ? -14.280 -0.803  -0.825  1.00 18.43 ? 158 LEU A C   1 
ATOM   972  O O   . LEU A 1 116 ? -14.880 -0.939  -1.898  1.00 19.10 ? 158 LEU A O   1 
ATOM   973  C CB  . LEU A 1 116 ? -13.364 -2.905  0.184   1.00 20.46 ? 158 LEU A CB  1 
ATOM   974  C CG  . LEU A 1 116 ? -12.272 -3.971  0.158   1.00 20.62 ? 158 LEU A CG  1 
ATOM   975  C CD1 . LEU A 1 116 ? -12.643 -5.144  1.054   1.00 18.38 ? 158 LEU A CD1 1 
ATOM   976  C CD2 . LEU A 1 116 ? -12.012 -4.421  -1.274  1.00 21.46 ? 158 LEU A CD2 1 
ATOM   977  N N   . GLN A 1 117 ? -14.687 0.049   0.117   1.00 16.10 ? 159 GLN A N   1 
ATOM   978  C CA  . GLN A 1 117 ? -15.816 0.940   -0.128  1.00 19.60 ? 159 GLN A CA  1 
ATOM   979  C C   . GLN A 1 117 ? -15.510 1.935   -1.239  1.00 20.59 ? 159 GLN A C   1 
ATOM   980  O O   . GLN A 1 117 ? -16.358 2.192   -2.101  1.00 22.92 ? 159 GLN A O   1 
ATOM   981  C CB  . GLN A 1 117 ? -16.172 1.687   1.158   1.00 24.88 ? 159 GLN A CB  1 
ATOM   982  C CG  . GLN A 1 117 ? -17.530 2.359   1.126   1.00 28.22 ? 159 GLN A CG  1 
ATOM   983  C CD  . GLN A 1 117 ? -17.555 3.656   1.915   1.00 34.35 ? 159 GLN A CD  1 
ATOM   984  O OE1 . GLN A 1 117 ? -17.324 3.666   3.122   1.00 32.28 ? 159 GLN A OE1 1 
ATOM   985  N NE2 . GLN A 1 117 ? -17.840 4.761   1.228   1.00 35.67 ? 159 GLN A NE2 1 
ATOM   986  N N   . LYS A 1 118 ? -14.295 2.494   -1.244  1.00 20.67 ? 160 LYS A N   1 
ATOM   987  C CA  . LYS A 1 118 ? -13.952 3.534   -2.210  1.00 17.64 ? 160 LYS A CA  1 
ATOM   988  C C   . LYS A 1 118 ? -13.694 2.975   -3.603  1.00 18.91 ? 160 LYS A C   1 
ATOM   989  O O   . LYS A 1 118 ? -13.923 3.676   -4.596  1.00 20.57 ? 160 LYS A O   1 
ATOM   990  C CB  . LYS A 1 118 ? -12.719 4.304   -1.743  1.00 19.05 ? 160 LYS A CB  1 
ATOM   991  C CG  . LYS A 1 118 ? -12.862 4.907   -0.356  1.00 20.39 ? 160 LYS A CG  1 
ATOM   992  C CD  . LYS A 1 118 ? -14.075 5.780   -0.270  1.00 26.24 ? 160 LYS A CD  1 
ATOM   993  C CE  . LYS A 1 118 ? -13.816 7.077   -0.972  1.00 28.52 ? 160 LYS A CE  1 
ATOM   994  N NZ  . LYS A 1 118 ? -15.100 7.825   -1.127  1.00 32.71 ? 160 LYS A NZ  1 
ATOM   995  N N   . ILE A 1 119 ? -13.206 1.734   -3.711  1.00 19.33 ? 161 ILE A N   1 
ATOM   996  C CA  . ILE A 1 119 ? -12.936 1.174   -5.036  1.00 18.75 ? 161 ILE A CA  1 
ATOM   997  C C   . ILE A 1 119 ? -14.117 0.388   -5.590  1.00 20.55 ? 161 ILE A C   1 
ATOM   998  O O   . ILE A 1 119 ? -14.043 -0.093  -6.733  1.00 19.20 ? 161 ILE A O   1 
ATOM   999  C CB  . ILE A 1 119 ? -11.623 0.363   -5.112  1.00 17.40 ? 161 ILE A CB  1 
ATOM   1000 C CG1 . ILE A 1 119 ? -11.735 -0.922  -4.291  1.00 17.00 ? 161 ILE A CG1 1 
ATOM   1001 C CG2 . ILE A 1 119 ? -10.434 1.209   -4.672  1.00 15.98 ? 161 ILE A CG2 1 
ATOM   1002 C CD1 . ILE A 1 119 ? -10.704 -1.979  -4.661  1.00 15.78 ? 161 ILE A CD1 1 
ATOM   1003 N N   . ASN A 1 120 ? -15.209 0.246   -4.823  1.00 20.11 ? 162 ASN A N   1 
ATOM   1004 C CA  . ASN A 1 120 ? -16.382 -0.451  -5.341  1.00 19.76 ? 162 ASN A CA  1 
ATOM   1005 C C   . ASN A 1 120 ? -16.849 0.160   -6.652  1.00 24.70 ? 162 ASN A C   1 
ATOM   1006 O O   . ASN A 1 120 ? -17.234 -0.561  -7.579  1.00 26.60 ? 162 ASN A O   1 
ATOM   1007 C CB  . ASN A 1 120 ? -17.521 -0.436  -4.320  1.00 24.26 ? 162 ASN A CB  1 
ATOM   1008 C CG  . ASN A 1 120 ? -18.804 -1.035  -4.879  1.00 29.28 ? 162 ASN A CG  1 
ATOM   1009 O OD1 . ASN A 1 120 ? -18.863 -2.228  -5.195  1.00 28.86 ? 162 ASN A OD1 1 
ATOM   1010 N ND2 . ASN A 1 120 ? -19.836 -0.210  -5.007  1.00 33.72 ? 162 ASN A ND2 1 
ATOM   1011 N N   . GLU A 1 121 ? -16.795 1.484   -6.756  1.00 22.92 ? 163 GLU A N   1 
ATOM   1012 C CA  . GLU A 1 121 ? -17.100 2.196   -7.987  1.00 22.21 ? 163 GLU A CA  1 
ATOM   1013 C C   . GLU A 1 121 ? -15.918 3.075   -8.352  1.00 21.62 ? 163 GLU A C   1 
ATOM   1014 O O   . GLU A 1 121 ? -15.477 3.898   -7.539  1.00 22.34 ? 163 GLU A O   1 
ATOM   1015 C CB  . GLU A 1 121 ? -18.342 3.058   -7.794  1.00 25.01 ? 163 GLU A CB  1 
ATOM   1016 C CG  . GLU A 1 121 ? -18.992 3.519   -9.070  1.00 23.56 ? 163 GLU A CG  1 
ATOM   1017 C CD  . GLU A 1 121 ? -20.294 4.209   -8.778  1.00 28.71 ? 163 GLU A CD  1 
ATOM   1018 O OE1 . GLU A 1 121 ? -20.275 5.220   -8.030  1.00 25.52 ? 163 GLU A OE1 1 
ATOM   1019 O OE2 . GLU A 1 121 ? -21.332 3.722   -9.266  1.00 33.88 ? 163 GLU A OE2 1 
ATOM   1020 N N   . LEU A 1 122 ? -15.416 2.905   -9.571  1.00 21.31 ? 164 LEU A N   1 
ATOM   1021 C CA  . LEU A 1 122 ? -14.321 3.676   -10.119 1.00 21.34 ? 164 LEU A CA  1 
ATOM   1022 C C   . LEU A 1 122 ? -14.805 4.401   -11.367 1.00 22.98 ? 164 LEU A C   1 
ATOM   1023 O O   . LEU A 1 122 ? -15.855 4.056   -11.924 1.00 22.99 ? 164 LEU A O   1 
ATOM   1024 C CB  . LEU A 1 122 ? -13.180 2.723   -10.500 1.00 22.24 ? 164 LEU A CB  1 
ATOM   1025 C CG  . LEU A 1 122 ? -12.528 1.912   -9.378  1.00 23.34 ? 164 LEU A CG  1 
ATOM   1026 C CD1 . LEU A 1 122 ? -11.480 0.982   -9.993  1.00 20.72 ? 164 LEU A CD1 1 
ATOM   1027 C CD2 . LEU A 1 122 ? -11.901 2.819   -8.326  1.00 21.49 ? 164 LEU A CD2 1 
ATOM   1028 N N   . PRO A 1 123 ? -14.084 5.428   -11.816 1.00 22.34 ? 165 PRO A N   1 
ATOM   1029 C CA  . PRO A 1 123 ? -14.478 6.143   -13.041 1.00 25.62 ? 165 PRO A CA  1 
ATOM   1030 C C   . PRO A 1 123 ? -14.470 5.224   -14.255 1.00 32.87 ? 165 PRO A C   1 
ATOM   1031 O O   . PRO A 1 123 ? -13.950 4.106   -14.236 1.00 28.74 ? 165 PRO A O   1 
ATOM   1032 C CB  . PRO A 1 123 ? -13.409 7.234   -13.181 1.00 29.37 ? 165 PRO A CB  1 
ATOM   1033 C CG  . PRO A 1 123 ? -12.805 7.380   -11.829 1.00 22.47 ? 165 PRO A CG  1 
ATOM   1034 C CD  . PRO A 1 123 ? -12.881 6.018   -11.197 1.00 23.44 ? 165 PRO A CD  1 
ATOM   1035 N N   . THR A 1 124 ? -15.071 5.727   -15.334 1.00 32.81 ? 166 THR A N   1 
ATOM   1036 C CA  . THR A 1 124 ? -15.069 5.062   -16.634 1.00 35.26 ? 166 THR A CA  1 
ATOM   1037 C C   . THR A 1 124 ? -14.068 5.732   -17.573 1.00 36.81 ? 166 THR A C   1 
ATOM   1038 O O   . THR A 1 124 ? -13.694 6.892   -17.372 1.00 39.46 ? 166 THR A O   1 
ATOM   1039 C CB  . THR A 1 124 ? -16.457 5.131   -17.298 1.00 35.06 ? 166 THR A CB  1 
ATOM   1040 O OG1 . THR A 1 124 ? -16.836 6.503   -17.479 1.00 40.14 ? 166 THR A OG1 1 
ATOM   1041 C CG2 . THR A 1 124 ? -17.493 4.432   -16.439 1.00 33.19 ? 166 THR A CG2 1 
HETATM 1042 C C13 . 8F0 B 2 .   ? 4.645   -6.195  12.079  1.00 14.12 ? 201 8F0 A C13 1 
HETATM 1043 C C17 . 8F0 B 2 .   ? 3.437   -5.296  15.048  1.00 14.12 ? 201 8F0 A C17 1 
HETATM 1044 C C20 . 8F0 B 2 .   ? 5.229   1.821   16.263  1.00 21.25 ? 201 8F0 A C20 1 
HETATM 1045 C C21 . 8F0 B 2 .   ? 2.150   0.758   15.083  1.00 18.78 ? 201 8F0 A C21 1 
HETATM 1046 C C22 . 8F0 B 2 .   ? 0.764   0.346   15.553  1.00 20.45 ? 201 8F0 A C22 1 
HETATM 1047 C C24 . 8F0 B 2 .   ? 1.816   -1.085  17.534  1.00 21.85 ? 201 8F0 A C24 1 
HETATM 1048 C C26 . 8F0 B 2 .   ? -0.810  -0.970  17.208  1.00 19.95 ? 201 8F0 A C26 1 
HETATM 1049 C C01 . 8F0 B 2 .   ? 4.152   0.412   11.568  1.00 14.12 ? 201 8F0 A C01 1 
HETATM 1050 C C02 . 8F0 B 2 .   ? 4.486   0.011   13.029  1.00 14.12 ? 201 8F0 A C02 1 
HETATM 1051 C C03 . 8F0 B 2 .   ? 4.391   -1.453  13.488  1.00 14.12 ? 201 8F0 A C03 1 
HETATM 1052 C C04 . 8F0 B 2 .   ? 3.955   -2.515  12.478  1.00 14.12 ? 201 8F0 A C04 1 
HETATM 1053 C C05 . 8F0 B 2 .   ? 3.670   -2.135  11.031  1.00 14.12 ? 201 8F0 A C05 1 
HETATM 1054 C C06 . 8F0 B 2 .   ? 3.715   -0.674  10.562  1.00 14.12 ? 201 8F0 A C06 1 
HETATM 1055 C C08 . 8F0 B 2 .   ? 4.395   -4.699  11.739  1.00 14.12 ? 201 8F0 A C08 1 
HETATM 1056 C C09 . 8F0 B 2 .   ? 3.462   -4.588  10.539  1.00 14.12 ? 201 8F0 A C09 1 
HETATM 1057 C C11 . 8F0 B 2 .   ? 2.270   -2.920  9.073   1.00 14.12 ? 201 8F0 A C11 1 
HETATM 1058 C C14 . 8F0 B 2 .   ? 4.166   -4.245  14.219  1.00 14.86 ? 201 8F0 A C14 1 
HETATM 1059 C C16 . 8F0 B 2 .   ? 4.779   0.646   15.404  1.00 17.43 ? 201 8F0 A C16 1 
HETATM 1060 C C18 . 8F0 B 2 .   ? 3.413   -3.838  15.477  1.00 14.12 ? 201 8F0 A C18 1 
HETATM 1061 C C19 . 8F0 B 2 .   ? 3.371   0.250   15.846  1.00 17.39 ? 201 8F0 A C19 1 
HETATM 1062 C C23 . 8F0 B 2 .   ? 0.600   -0.566  16.769  1.00 19.17 ? 201 8F0 A C23 1 
HETATM 1063 C C25 . 8F0 B 2 .   ? 3.207   -0.673  17.056  1.00 18.04 ? 201 8F0 A C25 1 
HETATM 1064 N N07 . 8F0 B 2 .   ? 3.861   -3.925  12.832  1.00 14.12 ? 201 8F0 A N07 1 
HETATM 1065 N N10 . 8F0 B 2 .   ? 3.177   -3.224  10.185  1.00 14.12 ? 201 8F0 A N10 1 
HETATM 1066 N N15 . 8F0 B 2 .   ? 4.878   1.023   14.000  1.00 17.02 ? 201 8F0 A N15 1 
HETATM 1067 O O12 . 8F0 B 2 .   ? 3.006   -5.500  9.931   1.00 14.12 ? 201 8F0 A O12 1 
HETATM 1068 O O   . HOH C 3 .   ? 13.810  1.996   -10.480 1.00 39.51 ? 301 HOH A O   1 
HETATM 1069 O O   . HOH C 3 .   ? 14.676  0.822   -19.095 1.00 35.23 ? 302 HOH A O   1 
HETATM 1070 O O   . HOH C 3 .   ? -17.554 -3.396  -3.954  1.00 33.64 ? 303 HOH A O   1 
HETATM 1071 O O   . HOH C 3 .   ? -23.380 4.521   -8.960  1.00 20.61 ? 304 HOH A O   1 
HETATM 1072 O O   . HOH C 3 .   ? -0.706  -14.181 10.207  1.00 10.30 ? 305 HOH A O   1 
HETATM 1073 O O   . HOH C 3 .   ? -15.591 5.012   -5.514  1.00 16.45 ? 306 HOH A O   1 
HETATM 1074 O O   . HOH C 3 .   ? 14.293  6.261   -12.202 1.00 38.13 ? 307 HOH A O   1 
HETATM 1075 O O   . HOH C 3 .   ? 3.123   -1.750  -12.484 1.00 28.78 ? 308 HOH A O   1 
HETATM 1076 O O   . HOH C 3 .   ? 16.280  -0.195  16.751  1.00 26.40 ? 309 HOH A O   1 
HETATM 1077 O O   . HOH C 3 .   ? -4.407  -8.336  -5.493  1.00 43.32 ? 310 HOH A O   1 
HETATM 1078 O O   . HOH C 3 .   ? -9.603  -8.626  4.825   1.00 26.42 ? 311 HOH A O   1 
HETATM 1079 O O   . HOH C 3 .   ? -15.885 8.022   -15.498 1.00 33.16 ? 312 HOH A O   1 
HETATM 1080 O O   . HOH C 3 .   ? -4.716  17.260  8.662   1.00 32.55 ? 313 HOH A O   1 
HETATM 1081 O O   . HOH C 3 .   ? 1.861   -14.267 13.311  1.00 19.35 ? 314 HOH A O   1 
HETATM 1082 O O   . HOH C 3 .   ? -8.844  -5.533  -0.540  1.00 29.24 ? 315 HOH A O   1 
HETATM 1083 O O   . HOH C 3 .   ? -18.162 5.583   -1.070  1.00 35.92 ? 316 HOH A O   1 
HETATM 1084 O O   . HOH C 3 .   ? -19.191 6.783   -6.416  1.00 36.12 ? 317 HOH A O   1 
HETATM 1085 O O   . HOH C 3 .   ? -7.715  14.589  -2.650  1.00 31.36 ? 318 HOH A O   1 
HETATM 1086 O O   . HOH C 3 .   ? -9.326  12.616  -14.159 1.00 43.58 ? 319 HOH A O   1 
HETATM 1087 O O   . HOH C 3 .   ? 10.503  4.623   -18.860 1.00 28.76 ? 320 HOH A O   1 
HETATM 1088 O O   . HOH C 3 .   ? 13.674  2.264   -19.968 1.00 28.18 ? 321 HOH A O   1 
HETATM 1089 O O   . HOH C 3 .   ? 3.066   -2.133  -16.240 1.00 30.11 ? 322 HOH A O   1 
HETATM 1090 O O   . HOH C 3 .   ? 11.931  6.775   12.087  1.00 37.96 ? 323 HOH A O   1 
HETATM 1091 O O   . HOH C 3 .   ? 2.968   -5.821  7.222   1.00 13.17 ? 324 HOH A O   1 
HETATM 1092 O O   . HOH C 3 .   ? -8.651  -9.426  13.246  1.00 23.96 ? 325 HOH A O   1 
HETATM 1093 O O   . HOH C 3 .   ? -17.847 5.295   -13.037 1.00 28.99 ? 326 HOH A O   1 
HETATM 1094 O O   . HOH C 3 .   ? 2.582   -15.983 9.257   1.00 22.04 ? 327 HOH A O   1 
HETATM 1095 O O   . HOH C 3 .   ? -5.531  -14.477 17.301  1.00 29.17 ? 328 HOH A O   1 
HETATM 1096 O O   . HOH C 3 .   ? 7.621   -5.430  -2.907  1.00 28.14 ? 329 HOH A O   1 
HETATM 1097 O O   . HOH C 3 .   ? -2.964  -4.976  -14.359 1.00 36.26 ? 330 HOH A O   1 
HETATM 1098 O O   . HOH C 3 .   ? 1.150   -11.890 16.426  1.00 28.70 ? 331 HOH A O   1 
HETATM 1099 O O   . HOH C 3 .   ? 2.988   -1.933  5.019   1.00 17.63 ? 332 HOH A O   1 
HETATM 1100 O O   . HOH C 3 .   ? 1.102   -7.803  15.981  1.00 20.17 ? 333 HOH A O   1 
HETATM 1101 O O   . HOH C 3 .   ? 11.467  -3.363  0.245   1.00 18.49 ? 334 HOH A O   1 
HETATM 1102 O O   . HOH C 3 .   ? 12.042  3.589   -3.913  1.00 33.53 ? 335 HOH A O   1 
HETATM 1103 O O   . HOH C 3 .   ? 14.847  -15.241 4.637   1.00 26.48 ? 336 HOH A O   1 
HETATM 1104 O O   . HOH C 3 .   ? -4.389  -11.179 18.652  1.00 27.92 ? 337 HOH A O   1 
HETATM 1105 O O   . HOH C 3 .   ? 4.752   -4.526  4.027   1.00 13.10 ? 338 HOH A O   1 
HETATM 1106 O O   . HOH C 3 .   ? -17.047 3.336   -4.448  1.00 23.37 ? 339 HOH A O   1 
HETATM 1107 O O   . HOH C 3 .   ? 1.577   -4.126  5.709   1.00 17.27 ? 340 HOH A O   1 
HETATM 1108 O O   . HOH C 3 .   ? 17.546  -3.420  17.571  1.00 42.06 ? 341 HOH A O   1 
HETATM 1109 O O   . HOH C 3 .   ? -10.833 -2.562  12.766  1.00 25.21 ? 342 HOH A O   1 
HETATM 1110 O O   . HOH C 3 .   ? 3.965   0.092   6.479   1.00 15.11 ? 343 HOH A O   1 
HETATM 1111 O O   . HOH C 3 .   ? -3.031  8.345   10.494  1.00 22.37 ? 344 HOH A O   1 
HETATM 1112 O O   . HOH C 3 .   ? 9.524   2.766   -1.738  1.00 21.72 ? 345 HOH A O   1 
HETATM 1113 O O   . HOH C 3 .   ? 1.538   -3.678  -8.673  1.00 23.41 ? 346 HOH A O   1 
HETATM 1114 O O   . HOH C 3 .   ? -14.946 -3.014  -3.708  1.00 23.26 ? 347 HOH A O   1 
HETATM 1115 O O   . HOH C 3 .   ? 2.056   -5.891  -5.197  1.00 21.17 ? 348 HOH A O   1 
HETATM 1116 O O   . HOH C 3 .   ? 10.206  3.634   6.726   1.00 21.60 ? 349 HOH A O   1 
HETATM 1117 O O   . HOH C 3 .   ? -6.782  1.972   -15.320 1.00 21.35 ? 350 HOH A O   1 
HETATM 1118 O O   . HOH C 3 .   ? -13.053 1.917   8.186   1.00 25.25 ? 351 HOH A O   1 
HETATM 1119 O O   . HOH C 3 .   ? 6.933   9.991   -13.838 1.00 28.06 ? 352 HOH A O   1 
HETATM 1120 O O   . HOH C 3 .   ? -3.498  -10.978 -1.420  1.00 32.90 ? 353 HOH A O   1 
HETATM 1121 O O   . HOH C 3 .   ? -16.803 8.659   -6.347  1.00 27.84 ? 354 HOH A O   1 
HETATM 1122 O O   . HOH C 3 .   ? 5.193   -10.526 1.203   1.00 18.75 ? 355 HOH A O   1 
HETATM 1123 O O   . HOH C 3 .   ? 5.810   1.907   8.690   1.00 19.98 ? 356 HOH A O   1 
HETATM 1124 O O   . HOH C 3 .   ? 1.109   -10.013 -2.778  1.00 33.74 ? 357 HOH A O   1 
HETATM 1125 O O   . HOH C 3 .   ? 7.000   -3.568  -9.949  1.00 37.27 ? 358 HOH A O   1 
HETATM 1126 O O   . HOH C 3 .   ? 12.722  3.944   -7.216  1.00 23.64 ? 359 HOH A O   1 
HETATM 1127 O O   . HOH C 3 .   ? 6.693   -2.167  4.371   1.00 18.32 ? 360 HOH A O   1 
HETATM 1128 O O   . HOH C 3 .   ? 12.487  -0.110  5.964   1.00 19.86 ? 361 HOH A O   1 
HETATM 1129 O O   . HOH C 3 .   ? 6.435   -9.273  16.365  1.00 32.50 ? 362 HOH A O   1 
HETATM 1130 O O   . HOH C 3 .   ? -4.121  -5.842  -15.466 1.00 30.14 ? 363 HOH A O   1 
HETATM 1131 O O   . HOH C 3 .   ? 7.333   -1.379  1.774   1.00 14.32 ? 364 HOH A O   1 
HETATM 1132 O O   . HOH C 3 .   ? -9.524  4.699   -16.317 1.00 24.43 ? 365 HOH A O   1 
HETATM 1133 O O   . HOH C 3 .   ? 1.279   -10.457 0.308   1.00 21.01 ? 366 HOH A O   1 
HETATM 1134 O O   . HOH C 3 .   ? 12.617  -0.686  3.149   1.00 16.02 ? 367 HOH A O   1 
HETATM 1135 O O   . HOH C 3 .   ? 0.159   5.086   -12.789 1.00 21.80 ? 368 HOH A O   1 
HETATM 1136 O O   . HOH C 3 .   ? -16.336 -2.027  2.956   1.00 28.30 ? 369 HOH A O   1 
HETATM 1137 O O   . HOH C 3 .   ? -2.492  8.783   -10.549 1.00 26.57 ? 370 HOH A O   1 
HETATM 1138 O O   . HOH C 3 .   ? 16.380  0.932   3.460   1.00 35.58 ? 371 HOH A O   1 
HETATM 1139 O O   . HOH C 3 .   ? -16.291 6.388   -3.398  1.00 26.39 ? 372 HOH A O   1 
HETATM 1140 O O   . HOH C 3 .   ? -8.780  6.933   -18.892 1.00 35.41 ? 373 HOH A O   1 
HETATM 1141 O O   . HOH C 3 .   ? -7.390  -1.894  -14.353 1.00 19.99 ? 374 HOH A O   1 
HETATM 1142 O O   . HOH C 3 .   ? 7.828   1.640   10.454  1.00 21.75 ? 375 HOH A O   1 
HETATM 1143 O O   . HOH C 3 .   ? -10.416 8.611   6.211   1.00 24.02 ? 376 HOH A O   1 
HETATM 1144 O O   . HOH C 3 .   ? -1.937  -6.366  19.613  1.00 25.13 ? 377 HOH A O   1 
HETATM 1145 O O   . HOH C 3 .   ? -10.855 12.838  0.656   1.00 28.58 ? 378 HOH A O   1 
HETATM 1146 O O   . HOH C 3 .   ? -0.711  7.274   -12.054 1.00 26.25 ? 379 HOH A O   1 
HETATM 1147 O O   . HOH C 3 .   ? 8.558   4.658   -0.389  1.00 37.85 ? 380 HOH A O   1 
HETATM 1148 O O   . HOH C 3 .   ? -21.659 3.749   -5.771  1.00 23.81 ? 381 HOH A O   1 
HETATM 1149 O O   . HOH C 3 .   ? -0.254  -5.198  16.953  1.00 18.34 ? 382 HOH A O   1 
HETATM 1150 O O   . HOH C 3 .   ? 6.387   -13.126 1.379   1.00 29.55 ? 383 HOH A O   1 
HETATM 1151 O O   . HOH C 3 .   ? -16.188 0.684   -11.508 1.00 37.70 ? 384 HOH A O   1 
HETATM 1152 O O   . HOH C 3 .   ? -4.063  14.384  -6.886  1.00 35.82 ? 385 HOH A O   1 
HETATM 1153 O O   . HOH C 3 .   ? 10.208  -1.973  2.419   1.00 17.22 ? 386 HOH A O   1 
HETATM 1154 O O   . HOH C 3 .   ? 3.248   -11.427 15.021  1.00 23.29 ? 387 HOH A O   1 
HETATM 1155 O O   . HOH C 3 .   ? -12.512 -5.236  7.525   1.00 26.60 ? 388 HOH A O   1 
HETATM 1156 O O   . HOH C 3 .   ? 5.246   3.545   12.158  1.00 25.24 ? 389 HOH A O   1 
HETATM 1157 O O   . HOH C 3 .   ? 10.406  -3.168  -6.335  1.00 29.09 ? 390 HOH A O   1 
HETATM 1158 O O   . HOH C 3 .   ? -4.105  -2.241  -22.276 1.00 22.22 ? 391 HOH A O   1 
HETATM 1159 O O   . HOH C 3 .   ? -11.243 -6.221  6.467   1.00 42.95 ? 392 HOH A O   1 
HETATM 1160 O O   . HOH C 3 .   ? -4.231  -3.421  -19.697 1.00 26.59 ? 393 HOH A O   1 
HETATM 1161 O O   . HOH C 3 .   ? -19.971 4.031   -12.337 1.00 26.74 ? 394 HOH A O   1 
HETATM 1162 O O   . HOH C 3 .   ? 4.938   6.388   11.613  1.00 33.59 ? 395 HOH A O   1 
HETATM 1163 O O   . HOH C 3 .   ? -12.928 11.448  -10.898 1.00 33.97 ? 396 HOH A O   1 
HETATM 1164 O O   . HOH C 3 .   ? 7.577   6.299   1.764   1.00 42.63 ? 397 HOH A O   1 
HETATM 1165 O O   . HOH C 3 .   ? 8.737   4.389   10.605  1.00 31.89 ? 398 HOH A O   1 
HETATM 1166 O O   . HOH C 3 .   ? -19.599 3.630   -4.406  1.00 29.81 ? 399 HOH A O   1 
HETATM 1167 O O   . HOH C 3 .   ? -13.014 -1.775  11.186  1.00 33.65 ? 400 HOH A O   1 
HETATM 1168 O O   . HOH C 3 .   ? 12.539  2.304   6.271   1.00 28.37 ? 401 HOH A O   1 
HETATM 1169 O O   . HOH C 3 .   ? 16.794  -15.519 5.801   1.00 30.53 ? 402 HOH A O   1 
HETATM 1170 O O   . HOH C 3 .   ? 3.602   -3.193  -10.654 1.00 32.29 ? 403 HOH A O   1 
HETATM 1171 O O   . HOH C 3 .   ? -10.464 -8.158  -1.524  1.00 31.91 ? 404 HOH A O   1 
HETATM 1172 O O   . HOH C 3 .   ? 13.106  2.320   3.459   1.00 28.41 ? 405 HOH A O   1 
HETATM 1173 O O   . HOH C 3 .   ? -2.654  11.344  -11.079 1.00 32.35 ? 406 HOH A O   1 
HETATM 1174 O O   . HOH C 3 .   ? -9.704  6.187   -20.885 1.00 37.20 ? 407 HOH A O   1 
HETATM 1175 O O   . HOH C 3 .   ? 6.196   -5.189  -13.443 1.00 41.18 ? 408 HOH A O   1 
HETATM 1176 O O   . HOH C 3 .   ? 1.258   -4.449  18.484  1.00 34.02 ? 409 HOH A O   1 
# 
